data_2K19
#
_entry.id   2K19
#
_entity_poly.entity_id   1
_entity_poly.type   'polypeptide(L)'
_entity_poly.pdbx_seq_one_letter_code
;MGKLKWFSGGKERSNQAENIITDLLDDLKTDLDNESLKKVLENYLEELKQKSASVPLILSRMNLDISKAIRNDGVTLSDY
QSKKLKELTSISNIRYGY
;
_entity_poly.pdbx_strand_id   A
#
# COMPACT_ATOMS: atom_id res chain seq x y z
N MET A 1 11.01 -6.99 7.25
CA MET A 1 11.86 -7.65 8.23
C MET A 1 12.52 -8.89 7.63
N GLY A 2 13.75 -9.18 8.05
CA GLY A 2 14.46 -10.33 7.55
C GLY A 2 15.44 -9.97 6.44
N LYS A 3 15.67 -10.91 5.53
CA LYS A 3 16.59 -10.69 4.42
C LYS A 3 15.85 -10.16 3.20
N LEU A 4 15.07 -9.10 3.41
CA LEU A 4 14.31 -8.49 2.33
C LEU A 4 15.23 -7.78 1.33
N LYS A 5 14.86 -7.80 0.07
CA LYS A 5 15.65 -7.16 -0.98
C LYS A 5 14.75 -6.44 -1.98
N TRP A 6 15.37 -5.85 -3.00
CA TRP A 6 14.62 -5.13 -4.02
C TRP A 6 14.09 -6.09 -5.08
N PHE A 7 12.78 -6.00 -5.34
CA PHE A 7 12.15 -6.87 -6.33
C PHE A 7 10.96 -6.15 -6.99
N SER A 8 10.96 -6.12 -8.32
CA SER A 8 9.89 -5.48 -9.06
C SER A 8 8.58 -6.25 -8.92
N GLY A 9 8.55 -7.46 -9.46
CA GLY A 9 7.36 -8.29 -9.38
C GLY A 9 7.67 -9.76 -9.42
N GLY A 10 6.67 -10.59 -9.13
CA GLY A 10 6.86 -12.02 -9.13
C GLY A 10 5.55 -12.79 -9.03
N LYS A 11 5.64 -14.09 -8.80
CA LYS A 11 4.46 -14.93 -8.68
C LYS A 11 3.75 -14.68 -7.35
N GLU A 12 4.52 -14.35 -6.33
CA GLU A 12 3.97 -14.09 -5.00
C GLU A 12 3.11 -12.82 -5.02
N ARG A 13 1.80 -12.99 -5.08
CA ARG A 13 0.88 -11.87 -5.11
C ARG A 13 0.83 -11.18 -3.75
N SER A 14 0.98 -11.97 -2.68
CA SER A 14 0.96 -11.43 -1.33
C SER A 14 2.19 -10.58 -1.05
N ASN A 15 3.36 -11.13 -1.37
CA ASN A 15 4.62 -10.42 -1.15
C ASN A 15 4.74 -9.23 -2.09
N GLN A 16 3.99 -9.27 -3.18
CA GLN A 16 4.01 -8.19 -4.16
C GLN A 16 3.61 -6.86 -3.52
N ALA A 17 2.39 -6.83 -2.98
CA ALA A 17 1.88 -5.61 -2.33
C ALA A 17 2.87 -5.08 -1.31
N GLU A 18 3.40 -5.98 -0.47
CA GLU A 18 4.36 -5.60 0.55
C GLU A 18 5.55 -4.84 -0.05
N ASN A 19 6.04 -5.36 -1.18
CA ASN A 19 7.17 -4.73 -1.86
C ASN A 19 6.79 -3.36 -2.39
N ILE A 20 5.58 -3.25 -2.93
CA ILE A 20 5.10 -1.99 -3.47
C ILE A 20 5.08 -0.89 -2.41
N ILE A 21 4.39 -1.16 -1.31
CA ILE A 21 4.30 -0.21 -0.21
C ILE A 21 5.68 0.28 0.20
N THR A 22 6.64 -0.63 0.28
CA THR A 22 8.00 -0.30 0.66
C THR A 22 8.57 0.78 -0.25
N ASP A 23 8.12 0.80 -1.50
CA ASP A 23 8.60 1.78 -2.47
C ASP A 23 8.33 3.20 -1.98
N LEU A 24 7.06 3.56 -1.92
CA LEU A 24 6.67 4.89 -1.47
C LEU A 24 7.37 5.25 -0.15
N LEU A 25 7.52 4.26 0.71
CA LEU A 25 8.16 4.46 2.00
C LEU A 25 9.56 5.05 1.82
N ASP A 26 10.27 4.58 0.81
CA ASP A 26 11.62 5.06 0.53
C ASP A 26 11.62 6.57 0.29
N ASP A 27 10.97 6.99 -0.79
CA ASP A 27 10.90 8.41 -1.13
C ASP A 27 10.23 9.20 -0.01
N LEU A 28 9.34 8.53 0.73
CA LEU A 28 8.62 9.17 1.82
C LEU A 28 9.56 9.48 2.99
N LYS A 29 10.69 8.77 3.03
CA LYS A 29 11.68 8.97 4.09
C LYS A 29 12.00 10.46 4.26
N THR A 30 11.87 10.94 5.49
CA THR A 30 12.14 12.35 5.78
C THR A 30 11.49 13.27 4.76
N ASP A 31 10.30 12.89 4.31
CA ASP A 31 9.57 13.68 3.33
C ASP A 31 9.03 14.97 3.95
N LEU A 32 8.75 15.95 3.12
CA LEU A 32 8.24 17.24 3.59
C LEU A 32 6.72 17.30 3.42
N ASP A 33 6.19 16.52 2.48
CA ASP A 33 4.76 16.49 2.22
C ASP A 33 4.05 15.59 3.23
N ASN A 34 4.20 14.28 3.07
CA ASN A 34 3.56 13.32 3.96
C ASN A 34 4.49 12.97 5.12
N GLU A 35 3.96 13.08 6.34
CA GLU A 35 4.75 12.78 7.53
C GLU A 35 4.00 11.80 8.44
N SER A 36 2.69 12.00 8.56
CA SER A 36 1.85 11.15 9.39
C SER A 36 1.13 10.10 8.55
N LEU A 37 0.90 10.42 7.29
CA LEU A 37 0.23 9.51 6.37
C LEU A 37 0.96 8.17 6.29
N LYS A 38 2.29 8.24 6.32
CA LYS A 38 3.12 7.04 6.24
C LYS A 38 2.67 6.01 7.27
N LYS A 39 2.09 6.48 8.36
CA LYS A 39 1.61 5.60 9.42
C LYS A 39 0.70 4.52 8.85
N VAL A 40 -0.08 4.87 7.83
CA VAL A 40 -0.99 3.93 7.20
C VAL A 40 -0.23 2.85 6.44
N LEU A 41 0.53 3.27 5.44
CA LEU A 41 1.31 2.33 4.63
C LEU A 41 2.18 1.43 5.52
N GLU A 42 2.92 2.05 6.42
CA GLU A 42 3.78 1.31 7.34
C GLU A 42 2.98 0.29 8.15
N ASN A 43 1.96 0.78 8.85
CA ASN A 43 1.11 -0.08 9.67
C ASN A 43 0.53 -1.22 8.84
N TYR A 44 -0.26 -0.86 7.83
CA TYR A 44 -0.88 -1.85 6.95
C TYR A 44 0.16 -2.83 6.41
N LEU A 45 1.32 -2.29 6.04
CA LEU A 45 2.40 -3.12 5.50
C LEU A 45 2.78 -4.23 6.48
N GLU A 46 2.74 -3.90 7.77
CA GLU A 46 3.09 -4.87 8.81
C GLU A 46 2.05 -5.99 8.86
N GLU A 47 0.81 -5.66 8.55
CA GLU A 47 -0.27 -6.64 8.57
C GLU A 47 0.07 -7.83 7.68
N LEU A 48 0.49 -7.56 6.46
CA LEU A 48 0.85 -8.61 5.51
C LEU A 48 1.86 -9.56 6.12
N LYS A 49 2.68 -9.05 7.04
CA LYS A 49 3.70 -9.86 7.70
C LYS A 49 3.05 -10.95 8.55
N GLN A 50 1.91 -10.63 9.15
CA GLN A 50 1.20 -11.59 9.99
C GLN A 50 0.46 -12.61 9.14
N LYS A 51 0.30 -13.82 9.68
CA LYS A 51 -0.39 -14.88 8.97
C LYS A 51 -1.86 -14.96 9.38
N SER A 52 -2.30 -13.95 10.13
CA SER A 52 -3.68 -13.90 10.60
C SER A 52 -4.59 -13.28 9.54
N ALA A 53 -4.45 -11.97 9.33
CA ALA A 53 -5.25 -11.26 8.35
C ALA A 53 -4.81 -11.60 6.94
N SER A 54 -5.77 -11.71 6.02
CA SER A 54 -5.49 -12.03 4.63
C SER A 54 -4.90 -10.82 3.89
N VAL A 55 -4.02 -11.09 2.95
CA VAL A 55 -3.38 -10.02 2.17
C VAL A 55 -4.43 -9.08 1.58
N PRO A 56 -5.35 -9.65 0.78
CA PRO A 56 -6.42 -8.88 0.15
C PRO A 56 -7.45 -8.37 1.15
N LEU A 57 -7.41 -8.92 2.35
CA LEU A 57 -8.35 -8.52 3.41
C LEU A 57 -7.90 -7.23 4.07
N ILE A 58 -6.59 -6.99 4.07
CA ILE A 58 -6.03 -5.79 4.67
C ILE A 58 -5.89 -4.67 3.63
N LEU A 59 -5.47 -5.04 2.43
CA LEU A 59 -5.29 -4.07 1.35
C LEU A 59 -6.59 -3.33 1.06
N SER A 60 -7.71 -4.06 1.15
CA SER A 60 -9.01 -3.47 0.90
C SER A 60 -9.28 -2.28 1.83
N ARG A 61 -8.96 -2.47 3.11
CA ARG A 61 -9.16 -1.42 4.10
C ARG A 61 -8.15 -0.30 3.91
N MET A 62 -6.98 -0.64 3.40
CA MET A 62 -5.92 0.34 3.17
C MET A 62 -6.45 1.52 2.35
N ASN A 63 -6.99 1.23 1.18
CA ASN A 63 -7.54 2.28 0.31
C ASN A 63 -8.55 3.13 1.06
N LEU A 64 -9.39 2.49 1.86
CA LEU A 64 -10.40 3.20 2.64
C LEU A 64 -9.77 3.99 3.77
N ASP A 65 -8.55 3.61 4.15
CA ASP A 65 -7.83 4.27 5.23
C ASP A 65 -7.07 5.49 4.69
N ILE A 66 -6.30 5.28 3.63
CA ILE A 66 -5.51 6.36 3.03
C ILE A 66 -6.43 7.42 2.43
N SER A 67 -7.45 6.98 1.69
CA SER A 67 -8.39 7.90 1.07
C SER A 67 -8.91 8.91 2.07
N LYS A 68 -9.35 8.42 3.22
CA LYS A 68 -9.88 9.29 4.27
C LYS A 68 -8.80 10.21 4.81
N ALA A 69 -7.56 9.72 4.82
CA ALA A 69 -6.42 10.50 5.31
C ALA A 69 -6.13 11.67 4.39
N ILE A 70 -6.64 11.60 3.16
CA ILE A 70 -6.43 12.67 2.18
C ILE A 70 -7.08 13.97 2.64
N ARG A 71 -8.40 14.00 2.62
CA ARG A 71 -9.15 15.19 3.04
C ARG A 71 -8.78 15.59 4.46
N ASN A 72 -8.33 14.61 5.25
CA ASN A 72 -7.95 14.86 6.63
C ASN A 72 -6.92 15.99 6.71
N ASP A 73 -5.68 15.69 6.34
CA ASP A 73 -4.61 16.67 6.37
C ASP A 73 -4.34 17.23 4.97
N GLY A 74 -5.37 17.20 4.13
CA GLY A 74 -5.22 17.70 2.77
C GLY A 74 -4.03 17.11 2.06
N VAL A 75 -3.87 15.80 2.16
CA VAL A 75 -2.75 15.12 1.52
C VAL A 75 -3.02 14.90 0.04
N THR A 76 -1.95 14.84 -0.75
CA THR A 76 -2.07 14.65 -2.19
C THR A 76 -1.01 13.66 -2.70
N LEU A 77 -1.46 12.53 -3.22
CA LEU A 77 -0.55 11.52 -3.75
C LEU A 77 0.01 11.95 -5.09
N SER A 78 1.34 11.79 -5.25
CA SER A 78 2.00 12.16 -6.49
C SER A 78 1.61 11.21 -7.62
N ASP A 79 2.11 11.49 -8.82
CA ASP A 79 1.82 10.66 -9.99
C ASP A 79 2.10 9.19 -9.70
N TYR A 80 3.36 8.88 -9.42
CA TYR A 80 3.76 7.51 -9.13
C TYR A 80 2.95 6.94 -7.97
N GLN A 81 2.68 7.78 -6.99
CA GLN A 81 1.92 7.36 -5.81
C GLN A 81 0.55 6.83 -6.22
N SER A 82 -0.30 7.71 -6.72
CA SER A 82 -1.64 7.34 -7.15
C SER A 82 -1.59 6.13 -8.08
N LYS A 83 -0.55 6.06 -8.90
CA LYS A 83 -0.39 4.95 -9.84
C LYS A 83 -0.15 3.64 -9.10
N LYS A 84 0.84 3.64 -8.21
CA LYS A 84 1.17 2.44 -7.44
C LYS A 84 -0.03 2.00 -6.59
N LEU A 85 -0.95 2.92 -6.35
CA LEU A 85 -2.14 2.62 -5.57
C LEU A 85 -3.04 1.63 -6.29
N LYS A 86 -3.07 1.73 -7.62
CA LYS A 86 -3.89 0.83 -8.44
C LYS A 86 -3.31 -0.58 -8.45
N GLU A 87 -2.12 -0.72 -7.90
CA GLU A 87 -1.45 -2.02 -7.84
C GLU A 87 -2.30 -3.04 -7.10
N LEU A 88 -2.28 -2.95 -5.77
CA LEU A 88 -3.05 -3.86 -4.94
C LEU A 88 -4.55 -3.67 -5.16
N THR A 89 -4.91 -2.63 -5.90
CA THR A 89 -6.31 -2.34 -6.19
C THR A 89 -6.92 -3.41 -7.08
N SER A 90 -6.22 -3.77 -8.14
CA SER A 90 -6.70 -4.79 -9.07
C SER A 90 -6.52 -6.19 -8.48
N ILE A 91 -5.49 -6.35 -7.66
CA ILE A 91 -5.22 -7.63 -7.03
C ILE A 91 -6.24 -7.96 -5.95
N SER A 92 -6.69 -6.92 -5.24
CA SER A 92 -7.68 -7.09 -4.18
C SER A 92 -9.05 -7.42 -4.76
N ASN A 93 -9.73 -8.38 -4.15
CA ASN A 93 -11.05 -8.79 -4.61
C ASN A 93 -12.11 -7.80 -4.16
N ILE A 94 -11.85 -7.11 -3.05
CA ILE A 94 -12.78 -6.12 -2.53
C ILE A 94 -12.65 -4.80 -3.27
N ARG A 95 -13.07 -4.78 -4.53
CA ARG A 95 -13.00 -3.57 -5.35
C ARG A 95 -14.33 -2.82 -5.32
N TYR A 96 -15.42 -3.55 -5.07
CA TYR A 96 -16.74 -2.95 -5.03
C TYR A 96 -16.89 -2.06 -3.80
N GLY A 97 -16.23 -2.43 -2.71
CA GLY A 97 -16.30 -1.65 -1.49
C GLY A 97 -15.96 -0.19 -1.71
N TYR A 98 -15.03 0.06 -2.63
CA TYR A 98 -14.62 1.43 -2.93
C TYR A 98 -15.74 2.21 -3.59
N MET A 1 25.70 1.10 -7.63
CA MET A 1 25.27 0.11 -8.63
C MET A 1 23.75 0.07 -8.73
N GLY A 2 23.25 -0.83 -9.58
CA GLY A 2 21.82 -0.95 -9.75
C GLY A 2 21.27 0.01 -10.79
N LYS A 3 20.00 -0.16 -11.14
CA LYS A 3 19.35 0.70 -12.13
C LYS A 3 18.01 1.21 -11.61
N LEU A 4 17.45 2.19 -12.31
CA LEU A 4 16.17 2.76 -11.93
C LEU A 4 15.03 2.14 -12.73
N LYS A 5 14.51 1.02 -12.24
CA LYS A 5 13.42 0.33 -12.92
C LYS A 5 12.37 -0.13 -11.91
N TRP A 6 11.13 -0.26 -12.36
CA TRP A 6 10.04 -0.71 -11.50
C TRP A 6 10.08 -2.22 -11.31
N PHE A 7 9.22 -2.72 -10.43
CA PHE A 7 9.15 -4.15 -10.14
C PHE A 7 8.16 -4.84 -11.07
N SER A 8 8.39 -4.69 -12.38
CA SER A 8 7.51 -5.29 -13.37
C SER A 8 7.66 -6.82 -13.37
N GLY A 9 6.81 -7.48 -12.58
CA GLY A 9 6.85 -8.92 -12.50
C GLY A 9 6.72 -9.42 -11.07
N GLY A 10 7.17 -10.65 -10.83
CA GLY A 10 7.09 -11.23 -9.51
C GLY A 10 6.11 -12.38 -9.43
N LYS A 11 6.53 -13.49 -8.85
CA LYS A 11 5.68 -14.66 -8.72
C LYS A 11 4.71 -14.50 -7.55
N GLU A 12 5.26 -14.21 -6.37
CA GLU A 12 4.43 -14.03 -5.18
C GLU A 12 3.57 -12.78 -5.30
N ARG A 13 2.27 -12.98 -5.48
CA ARG A 13 1.34 -11.87 -5.62
C ARG A 13 1.10 -11.19 -4.27
N SER A 14 1.12 -11.98 -3.21
CA SER A 14 0.91 -11.45 -1.86
C SER A 14 2.08 -10.59 -1.43
N ASN A 15 3.29 -11.08 -1.65
CA ASN A 15 4.50 -10.35 -1.28
C ASN A 15 4.71 -9.15 -2.21
N GLN A 16 4.07 -9.19 -3.37
CA GLN A 16 4.19 -8.10 -4.34
C GLN A 16 3.71 -6.79 -3.73
N ALA A 17 2.48 -6.78 -3.23
CA ALA A 17 1.91 -5.59 -2.62
C ALA A 17 2.82 -5.02 -1.53
N GLU A 18 3.32 -5.90 -0.67
CA GLU A 18 4.20 -5.49 0.42
C GLU A 18 5.39 -4.71 -0.13
N ASN A 19 6.04 -5.26 -1.15
CA ASN A 19 7.21 -4.63 -1.76
C ASN A 19 6.84 -3.24 -2.28
N ILE A 20 5.65 -3.11 -2.84
CA ILE A 20 5.18 -1.84 -3.37
C ILE A 20 5.09 -0.78 -2.28
N ILE A 21 4.35 -1.10 -1.21
CA ILE A 21 4.18 -0.19 -0.10
C ILE A 21 5.53 0.35 0.38
N THR A 22 6.51 -0.55 0.48
CA THR A 22 7.85 -0.16 0.93
C THR A 22 8.44 0.90 0.02
N ASP A 23 8.12 0.82 -1.26
CA ASP A 23 8.63 1.78 -2.24
C ASP A 23 8.34 3.22 -1.80
N LEU A 24 7.06 3.57 -1.74
CA LEU A 24 6.65 4.91 -1.34
C LEU A 24 7.36 5.32 -0.04
N LEU A 25 7.45 4.39 0.90
CA LEU A 25 8.11 4.65 2.17
C LEU A 25 9.53 5.15 1.97
N ASP A 26 10.24 4.53 1.03
CA ASP A 26 11.61 4.90 0.72
C ASP A 26 11.69 6.34 0.24
N ASP A 27 10.96 6.63 -0.83
CA ASP A 27 10.94 7.98 -1.40
C ASP A 27 10.43 9.00 -0.39
N LEU A 28 9.58 8.54 0.52
CA LEU A 28 9.01 9.40 1.55
C LEU A 28 10.07 9.79 2.58
N LYS A 29 10.99 8.86 2.85
CA LYS A 29 12.06 9.10 3.81
C LYS A 29 12.74 10.45 3.56
N THR A 30 13.13 10.67 2.30
CA THR A 30 13.78 11.92 1.92
C THR A 30 12.77 13.01 1.63
N ASP A 31 11.50 12.61 1.46
CA ASP A 31 10.43 13.56 1.19
C ASP A 31 10.11 14.39 2.42
N LEU A 32 9.25 15.39 2.25
CA LEU A 32 8.86 16.26 3.35
C LEU A 32 7.34 16.38 3.43
N ASP A 33 6.65 15.25 3.30
CA ASP A 33 5.20 15.23 3.37
C ASP A 33 4.70 13.90 3.93
N ASN A 34 3.49 13.90 4.47
CA ASN A 34 2.89 12.70 5.04
C ASN A 34 3.84 12.07 6.06
N GLU A 35 4.22 12.84 7.07
CA GLU A 35 5.13 12.35 8.11
C GLU A 35 4.41 11.38 9.04
N SER A 36 3.13 11.65 9.29
CA SER A 36 2.33 10.80 10.18
C SER A 36 1.50 9.81 9.36
N LEU A 37 1.23 10.16 8.12
CA LEU A 37 0.44 9.31 7.23
C LEU A 37 1.09 7.93 7.09
N LYS A 38 2.41 7.90 7.15
CA LYS A 38 3.15 6.65 7.03
C LYS A 38 2.60 5.60 7.98
N LYS A 39 2.00 6.05 9.07
CA LYS A 39 1.42 5.15 10.07
C LYS A 39 0.47 4.16 9.41
N VAL A 40 -0.26 4.63 8.40
CA VAL A 40 -1.21 3.78 7.69
C VAL A 40 -0.48 2.70 6.88
N LEU A 41 0.24 3.13 5.85
CA LEU A 41 0.99 2.19 5.00
C LEU A 41 1.86 1.26 5.84
N GLU A 42 2.60 1.85 6.78
CA GLU A 42 3.47 1.08 7.66
C GLU A 42 2.69 0.02 8.42
N ASN A 43 1.73 0.46 9.23
CA ASN A 43 0.91 -0.45 10.01
C ASN A 43 0.33 -1.56 9.13
N TYR A 44 -0.47 -1.17 8.16
CA TYR A 44 -1.09 -2.13 7.25
C TYR A 44 -0.04 -3.06 6.65
N LEU A 45 1.06 -2.48 6.19
CA LEU A 45 2.16 -3.27 5.60
C LEU A 45 2.58 -4.39 6.53
N GLU A 46 2.64 -4.09 7.83
CA GLU A 46 3.05 -5.08 8.82
C GLU A 46 2.04 -6.21 8.90
N GLU A 47 0.76 -5.88 8.72
CA GLU A 47 -0.31 -6.87 8.77
C GLU A 47 -0.04 -8.01 7.77
N LEU A 48 0.45 -7.65 6.60
CA LEU A 48 0.75 -8.64 5.57
C LEU A 48 1.64 -9.75 6.11
N LYS A 49 2.65 -9.35 6.90
CA LYS A 49 3.57 -10.31 7.49
C LYS A 49 2.89 -11.13 8.58
N GLN A 50 2.01 -10.48 9.34
CA GLN A 50 1.29 -11.15 10.41
C GLN A 50 0.15 -12.00 9.86
N LYS A 51 -0.40 -12.85 10.70
CA LYS A 51 -1.50 -13.73 10.31
C LYS A 51 -2.83 -13.21 10.85
N SER A 52 -2.82 -11.99 11.37
CA SER A 52 -4.02 -11.38 11.92
C SER A 52 -4.85 -10.72 10.82
N ALA A 53 -4.38 -10.81 9.60
CA ALA A 53 -5.07 -10.23 8.45
C ALA A 53 -4.53 -10.78 7.14
N SER A 54 -5.44 -11.13 6.23
CA SER A 54 -5.07 -11.67 4.94
C SER A 54 -4.56 -10.57 4.01
N VAL A 55 -3.76 -10.97 3.02
CA VAL A 55 -3.20 -10.01 2.06
C VAL A 55 -4.30 -9.12 1.48
N PRO A 56 -5.31 -9.75 0.86
CA PRO A 56 -6.42 -9.04 0.25
C PRO A 56 -7.33 -8.39 1.28
N LEU A 57 -7.21 -8.83 2.54
CA LEU A 57 -8.02 -8.29 3.62
C LEU A 57 -7.43 -6.99 4.15
N ILE A 58 -6.13 -6.81 3.97
CA ILE A 58 -5.45 -5.60 4.42
C ILE A 58 -5.47 -4.52 3.34
N LEU A 59 -5.19 -4.92 2.11
CA LEU A 59 -5.18 -3.99 0.99
C LEU A 59 -6.54 -3.30 0.85
N SER A 60 -7.60 -4.02 1.17
CA SER A 60 -8.95 -3.48 1.08
C SER A 60 -9.11 -2.25 1.98
N ARG A 61 -8.91 -2.46 3.28
CA ARG A 61 -9.03 -1.37 4.24
C ARG A 61 -7.97 -0.31 4.01
N MET A 62 -6.77 -0.76 3.62
CA MET A 62 -5.66 0.15 3.37
C MET A 62 -6.08 1.26 2.40
N ASN A 63 -6.53 0.85 1.21
CA ASN A 63 -6.95 1.81 0.20
C ASN A 63 -7.98 2.79 0.77
N LEU A 64 -9.02 2.26 1.39
CA LEU A 64 -10.07 3.08 1.99
C LEU A 64 -9.51 3.94 3.11
N ASP A 65 -8.33 3.58 3.61
CA ASP A 65 -7.69 4.31 4.69
C ASP A 65 -6.84 5.46 4.13
N ILE A 66 -5.90 5.12 3.26
CA ILE A 66 -5.03 6.12 2.66
C ILE A 66 -5.83 7.19 1.93
N SER A 67 -6.71 6.75 1.03
CA SER A 67 -7.55 7.67 0.26
C SER A 67 -8.33 8.59 1.19
N LYS A 68 -8.70 8.07 2.36
CA LYS A 68 -9.46 8.85 3.33
C LYS A 68 -8.57 9.92 3.98
N ALA A 69 -7.35 9.53 4.32
CA ALA A 69 -6.41 10.45 4.94
C ALA A 69 -6.17 11.67 4.06
N ILE A 70 -6.47 11.54 2.78
CA ILE A 70 -6.29 12.62 1.82
C ILE A 70 -7.27 13.76 2.10
N ARG A 71 -8.55 13.50 1.83
CA ARG A 71 -9.59 14.51 2.04
C ARG A 71 -9.64 14.93 3.51
N ASN A 72 -9.63 13.96 4.41
CA ASN A 72 -9.67 14.22 5.84
C ASN A 72 -8.55 15.19 6.24
N ASP A 73 -7.33 14.66 6.32
CA ASP A 73 -6.17 15.46 6.69
C ASP A 73 -6.08 16.71 5.82
N GLY A 74 -6.05 16.52 4.51
CA GLY A 74 -5.97 17.64 3.59
C GLY A 74 -4.77 17.55 2.67
N VAL A 75 -4.12 16.39 2.66
CA VAL A 75 -2.95 16.18 1.82
C VAL A 75 -3.35 15.70 0.43
N THR A 76 -2.35 15.38 -0.39
CA THR A 76 -2.60 14.92 -1.75
C THR A 76 -1.51 13.97 -2.21
N LEU A 77 -1.92 12.84 -2.80
CA LEU A 77 -0.98 11.84 -3.28
C LEU A 77 -0.34 12.29 -4.59
N SER A 78 0.96 12.02 -4.74
CA SER A 78 1.69 12.40 -5.93
C SER A 78 1.34 11.48 -7.10
N ASP A 79 1.82 11.82 -8.28
CA ASP A 79 1.57 11.03 -9.48
C ASP A 79 1.91 9.56 -9.25
N TYR A 80 3.18 9.29 -8.99
CA TYR A 80 3.64 7.93 -8.75
C TYR A 80 2.85 7.29 -7.62
N GLN A 81 2.51 8.08 -6.60
CA GLN A 81 1.76 7.59 -5.46
C GLN A 81 0.42 7.02 -5.90
N SER A 82 -0.49 7.92 -6.31
CA SER A 82 -1.81 7.51 -6.74
C SER A 82 -1.73 6.39 -7.78
N LYS A 83 -0.67 6.41 -8.58
CA LYS A 83 -0.46 5.39 -9.61
C LYS A 83 -0.21 4.03 -8.97
N LYS A 84 0.67 4.00 -7.98
CA LYS A 84 1.00 2.75 -7.30
C LYS A 84 -0.20 2.20 -6.56
N LEU A 85 -1.17 3.07 -6.29
CA LEU A 85 -2.39 2.67 -5.58
C LEU A 85 -3.25 1.76 -6.46
N LYS A 86 -3.28 2.05 -7.75
CA LYS A 86 -4.06 1.26 -8.69
C LYS A 86 -3.43 -0.11 -8.91
N GLU A 87 -2.23 -0.30 -8.37
CA GLU A 87 -1.52 -1.57 -8.51
C GLU A 87 -2.26 -2.68 -7.78
N LEU A 88 -2.11 -2.72 -6.46
CA LEU A 88 -2.77 -3.74 -5.64
C LEU A 88 -4.28 -3.61 -5.72
N THR A 89 -4.75 -2.52 -6.34
CA THR A 89 -6.17 -2.28 -6.47
C THR A 89 -6.84 -3.34 -7.37
N SER A 90 -6.16 -3.68 -8.46
CA SER A 90 -6.68 -4.67 -9.38
C SER A 90 -6.50 -6.08 -8.83
N ILE A 91 -5.46 -6.27 -8.04
CA ILE A 91 -5.17 -7.58 -7.44
C ILE A 91 -6.19 -7.91 -6.35
N SER A 92 -6.55 -6.90 -5.56
CA SER A 92 -7.52 -7.09 -4.49
C SER A 92 -8.92 -7.30 -5.04
N ASN A 93 -9.89 -7.43 -4.14
CA ASN A 93 -11.28 -7.65 -4.54
C ASN A 93 -11.93 -6.35 -5.00
N ILE A 94 -11.49 -5.24 -4.41
CA ILE A 94 -12.01 -3.93 -4.76
C ILE A 94 -11.31 -3.37 -5.99
N ARG A 95 -11.56 -3.97 -7.15
CA ARG A 95 -10.94 -3.52 -8.39
C ARG A 95 -11.93 -2.69 -9.21
N TYR A 96 -13.22 -2.90 -8.97
CA TYR A 96 -14.25 -2.18 -9.69
C TYR A 96 -14.34 -0.73 -9.21
N GLY A 97 -14.79 -0.55 -7.96
CA GLY A 97 -14.92 0.77 -7.40
C GLY A 97 -16.18 1.49 -7.85
N TYR A 98 -17.19 0.71 -8.22
CA TYR A 98 -18.45 1.27 -8.68
C TYR A 98 -19.14 2.07 -7.57
N MET A 1 16.29 -12.02 -22.95
CA MET A 1 16.97 -12.06 -24.24
C MET A 1 16.79 -10.75 -25.01
N GLY A 2 15.63 -10.11 -24.80
CA GLY A 2 15.35 -8.86 -25.47
C GLY A 2 15.81 -7.66 -24.68
N LYS A 3 14.94 -6.67 -24.53
CA LYS A 3 15.25 -5.46 -23.78
C LYS A 3 15.11 -5.68 -22.28
N LEU A 4 16.14 -5.34 -21.53
CA LEU A 4 16.12 -5.49 -20.08
C LEU A 4 15.48 -4.29 -19.40
N LYS A 5 14.46 -4.55 -18.58
CA LYS A 5 13.76 -3.48 -17.87
C LYS A 5 14.22 -3.40 -16.43
N TRP A 6 15.15 -4.27 -16.06
CA TRP A 6 15.69 -4.29 -14.69
C TRP A 6 14.55 -4.36 -13.68
N PHE A 7 13.75 -5.42 -13.77
CA PHE A 7 12.63 -5.61 -12.85
C PHE A 7 12.28 -7.08 -12.71
N SER A 8 12.49 -7.62 -11.51
CA SER A 8 12.20 -9.02 -11.25
C SER A 8 12.41 -9.35 -9.77
N GLY A 9 11.46 -10.10 -9.20
CA GLY A 9 11.55 -10.47 -7.80
C GLY A 9 10.20 -10.49 -7.11
N GLY A 10 9.92 -11.56 -6.38
CA GLY A 10 8.66 -11.67 -5.68
C GLY A 10 7.66 -12.54 -6.43
N LYS A 11 7.86 -13.84 -6.40
CA LYS A 11 6.97 -14.77 -7.09
C LYS A 11 5.73 -15.05 -6.26
N GLU A 12 5.03 -13.99 -5.87
CA GLU A 12 3.81 -14.12 -5.07
C GLU A 12 2.98 -12.84 -5.13
N ARG A 13 1.66 -13.00 -5.10
CA ARG A 13 0.76 -11.86 -5.16
C ARG A 13 0.69 -11.17 -3.80
N SER A 14 0.78 -11.95 -2.73
CA SER A 14 0.72 -11.40 -1.38
C SER A 14 1.93 -10.50 -1.11
N ASN A 15 3.12 -11.02 -1.39
CA ASN A 15 4.35 -10.27 -1.17
C ASN A 15 4.50 -9.15 -2.20
N GLN A 16 3.68 -9.21 -3.25
CA GLN A 16 3.71 -8.22 -4.32
C GLN A 16 3.41 -6.82 -3.75
N ALA A 17 2.21 -6.65 -3.23
CA ALA A 17 1.81 -5.37 -2.66
C ALA A 17 2.84 -4.86 -1.66
N GLU A 18 3.30 -5.75 -0.78
CA GLU A 18 4.30 -5.38 0.22
C GLU A 18 5.50 -4.71 -0.43
N ASN A 19 5.94 -5.27 -1.56
CA ASN A 19 7.09 -4.73 -2.27
C ASN A 19 6.79 -3.34 -2.82
N ILE A 20 5.57 -3.14 -3.30
CA ILE A 20 5.16 -1.86 -3.85
C ILE A 20 5.11 -0.79 -2.75
N ILE A 21 4.35 -1.08 -1.69
CA ILE A 21 4.22 -0.14 -0.58
C ILE A 21 5.59 0.33 -0.09
N THR A 22 6.53 -0.60 -0.01
CA THR A 22 7.88 -0.28 0.44
C THR A 22 8.50 0.83 -0.41
N ASP A 23 8.07 0.92 -1.66
CA ASP A 23 8.57 1.95 -2.56
C ASP A 23 8.29 3.34 -2.02
N LEU A 24 7.01 3.69 -1.93
CA LEU A 24 6.60 4.99 -1.43
C LEU A 24 7.31 5.32 -0.12
N LEU A 25 7.36 4.35 0.78
CA LEU A 25 8.01 4.53 2.08
C LEU A 25 9.46 4.97 1.89
N ASP A 26 10.12 4.43 0.87
CA ASP A 26 11.51 4.78 0.59
C ASP A 26 11.65 6.26 0.26
N ASP A 27 10.93 6.69 -0.77
CA ASP A 27 10.97 8.09 -1.19
C ASP A 27 10.49 9.01 -0.07
N LEU A 28 9.57 8.51 0.74
CA LEU A 28 9.02 9.29 1.85
C LEU A 28 10.07 9.48 2.94
N LYS A 29 11.07 8.61 2.96
CA LYS A 29 12.14 8.69 3.95
C LYS A 29 12.68 10.12 4.04
N THR A 30 13.17 10.64 2.92
CA THR A 30 13.72 11.99 2.88
C THR A 30 12.62 13.02 2.70
N ASP A 31 11.47 12.58 2.20
CA ASP A 31 10.33 13.46 1.97
C ASP A 31 9.73 13.92 3.30
N LEU A 32 9.31 15.17 3.35
CA LEU A 32 8.70 15.72 4.56
C LEU A 32 7.22 16.02 4.34
N ASP A 33 6.60 15.26 3.45
CA ASP A 33 5.18 15.43 3.15
C ASP A 33 4.32 14.75 4.20
N ASN A 34 4.26 13.43 4.15
CA ASN A 34 3.47 12.65 5.10
C ASN A 34 4.30 12.27 6.31
N GLU A 35 3.91 12.77 7.48
CA GLU A 35 4.61 12.48 8.72
C GLU A 35 3.88 11.43 9.54
N SER A 36 2.56 11.61 9.68
CA SER A 36 1.74 10.68 10.46
C SER A 36 0.99 9.73 9.51
N LEU A 37 0.76 10.18 8.29
CA LEU A 37 0.05 9.37 7.30
C LEU A 37 0.77 8.04 7.07
N LYS A 38 2.09 8.09 7.08
CA LYS A 38 2.90 6.89 6.88
C LYS A 38 2.44 5.76 7.79
N LYS A 39 1.90 6.13 8.96
CA LYS A 39 1.41 5.15 9.92
C LYS A 39 0.46 4.17 9.25
N VAL A 40 -0.31 4.65 8.28
CA VAL A 40 -1.27 3.82 7.58
C VAL A 40 -0.56 2.78 6.73
N LEU A 41 0.09 3.23 5.66
CA LEU A 41 0.81 2.33 4.77
C LEU A 41 1.77 1.44 5.54
N GLU A 42 2.50 2.05 6.47
CA GLU A 42 3.46 1.31 7.29
C GLU A 42 2.77 0.19 8.06
N ASN A 43 1.87 0.56 8.96
CA ASN A 43 1.13 -0.41 9.76
C ASN A 43 0.53 -1.51 8.88
N TYR A 44 -0.30 -1.10 7.93
CA TYR A 44 -0.95 -2.04 7.03
C TYR A 44 0.08 -2.93 6.35
N LEU A 45 1.18 -2.33 5.90
CA LEU A 45 2.24 -3.06 5.22
C LEU A 45 2.78 -4.18 6.11
N GLU A 46 2.93 -3.89 7.40
CA GLU A 46 3.42 -4.88 8.35
C GLU A 46 2.41 -6.01 8.55
N GLU A 47 1.13 -5.66 8.43
CA GLU A 47 0.06 -6.64 8.60
C GLU A 47 0.19 -7.77 7.58
N LEU A 48 0.71 -7.43 6.40
CA LEU A 48 0.89 -8.39 5.33
C LEU A 48 1.78 -9.55 5.78
N LYS A 49 2.83 -9.22 6.53
CA LYS A 49 3.75 -10.23 7.04
C LYS A 49 3.13 -11.01 8.19
N GLN A 50 2.25 -10.36 8.94
CA GLN A 50 1.59 -10.99 10.07
C GLN A 50 0.57 -12.02 9.60
N LYS A 51 0.32 -13.03 10.44
CA LYS A 51 -0.62 -14.08 10.11
C LYS A 51 -2.02 -13.73 10.61
N SER A 52 -2.20 -12.50 11.08
CA SER A 52 -3.48 -12.04 11.59
C SER A 52 -4.37 -11.53 10.45
N ALA A 53 -4.05 -10.35 9.95
CA ALA A 53 -4.80 -9.75 8.86
C ALA A 53 -4.51 -10.44 7.54
N SER A 54 -5.56 -10.74 6.78
CA SER A 54 -5.41 -11.40 5.49
C SER A 54 -4.90 -10.44 4.43
N VAL A 55 -4.24 -10.98 3.41
CA VAL A 55 -3.71 -10.16 2.32
C VAL A 55 -4.78 -9.23 1.75
N PRO A 56 -5.88 -9.83 1.28
CA PRO A 56 -7.00 -9.09 0.69
C PRO A 56 -7.77 -8.28 1.74
N LEU A 57 -7.56 -8.62 3.01
CA LEU A 57 -8.24 -7.93 4.11
C LEU A 57 -7.51 -6.65 4.46
N ILE A 58 -6.19 -6.64 4.29
CA ILE A 58 -5.38 -5.47 4.58
C ILE A 58 -5.46 -4.45 3.47
N LEU A 59 -5.14 -4.88 2.25
CA LEU A 59 -5.17 -4.00 1.09
C LEU A 59 -6.56 -3.40 0.89
N SER A 60 -7.58 -4.15 1.32
CA SER A 60 -8.96 -3.70 1.18
C SER A 60 -9.21 -2.47 2.06
N ARG A 61 -9.05 -2.64 3.37
CA ARG A 61 -9.26 -1.54 4.31
C ARG A 61 -8.23 -0.43 4.09
N MET A 62 -7.00 -0.82 3.82
CA MET A 62 -5.93 0.15 3.58
C MET A 62 -6.34 1.17 2.53
N ASN A 63 -6.74 0.68 1.37
CA ASN A 63 -7.15 1.55 0.27
C ASN A 63 -8.23 2.52 0.73
N LEU A 64 -9.18 2.01 1.52
CA LEU A 64 -10.27 2.85 2.02
C LEU A 64 -9.77 3.81 3.10
N ASP A 65 -8.61 3.49 3.67
CA ASP A 65 -8.02 4.33 4.71
C ASP A 65 -7.19 5.44 4.10
N ILE A 66 -6.25 5.07 3.24
CA ILE A 66 -5.38 6.04 2.58
C ILE A 66 -6.20 7.07 1.80
N SER A 67 -7.12 6.59 0.98
CA SER A 67 -7.97 7.46 0.18
C SER A 67 -8.70 8.47 1.08
N LYS A 68 -9.08 8.03 2.27
CA LYS A 68 -9.78 8.89 3.21
C LYS A 68 -8.84 9.94 3.80
N ALA A 69 -7.63 9.52 4.13
CA ALA A 69 -6.63 10.41 4.69
C ALA A 69 -6.35 11.59 3.76
N ILE A 70 -6.70 11.42 2.49
CA ILE A 70 -6.48 12.47 1.50
C ILE A 70 -7.34 13.70 1.81
N ARG A 71 -8.64 13.56 1.62
CA ARG A 71 -9.57 14.65 1.88
C ARG A 71 -9.54 15.06 3.35
N ASN A 72 -9.62 14.07 4.23
CA ASN A 72 -9.58 14.33 5.66
C ASN A 72 -8.35 15.14 6.05
N ASP A 73 -7.21 14.47 6.13
CA ASP A 73 -5.97 15.14 6.49
C ASP A 73 -5.70 16.34 5.58
N GLY A 74 -5.75 16.10 4.27
CA GLY A 74 -5.51 17.17 3.32
C GLY A 74 -4.26 16.96 2.51
N VAL A 75 -3.70 15.75 2.58
CA VAL A 75 -2.49 15.41 1.85
C VAL A 75 -2.81 14.90 0.46
N THR A 76 -2.11 15.43 -0.54
CA THR A 76 -2.32 15.02 -1.92
C THR A 76 -1.25 14.06 -2.39
N LEU A 77 -1.67 12.92 -2.95
CA LEU A 77 -0.74 11.92 -3.44
C LEU A 77 -0.09 12.36 -4.74
N SER A 78 1.20 12.08 -4.88
CA SER A 78 1.95 12.44 -6.08
C SER A 78 1.58 11.52 -7.25
N ASP A 79 2.08 11.86 -8.43
CA ASP A 79 1.81 11.07 -9.63
C ASP A 79 2.13 9.60 -9.38
N TYR A 80 3.39 9.32 -9.07
CA TYR A 80 3.83 7.95 -8.81
C TYR A 80 3.00 7.31 -7.70
N GLN A 81 2.67 8.10 -6.69
CA GLN A 81 1.89 7.61 -5.57
C GLN A 81 0.54 7.08 -6.05
N SER A 82 -0.36 7.99 -6.40
CA SER A 82 -1.69 7.60 -6.86
C SER A 82 -1.59 6.52 -7.94
N LYS A 83 -0.53 6.58 -8.74
CA LYS A 83 -0.32 5.62 -9.81
C LYS A 83 -0.06 4.23 -9.25
N LYS A 84 0.85 4.15 -8.28
CA LYS A 84 1.20 2.88 -7.65
C LYS A 84 -0.01 2.30 -6.91
N LEU A 85 -0.98 3.15 -6.61
CA LEU A 85 -2.18 2.71 -5.91
C LEU A 85 -3.03 1.80 -6.79
N LYS A 86 -3.03 2.07 -8.08
CA LYS A 86 -3.79 1.28 -9.05
C LYS A 86 -3.15 -0.10 -9.24
N GLU A 87 -1.96 -0.27 -8.67
CA GLU A 87 -1.25 -1.54 -8.79
C GLU A 87 -1.95 -2.63 -7.99
N LEU A 88 -1.80 -2.60 -6.67
CA LEU A 88 -2.42 -3.58 -5.80
C LEU A 88 -3.94 -3.44 -5.81
N THR A 89 -4.43 -2.43 -6.53
CA THR A 89 -5.87 -2.19 -6.63
C THR A 89 -6.58 -3.37 -7.29
N SER A 90 -5.85 -4.12 -8.10
CA SER A 90 -6.41 -5.27 -8.80
C SER A 90 -6.57 -6.45 -7.84
N ILE A 91 -5.53 -6.72 -7.07
CA ILE A 91 -5.54 -7.83 -6.12
C ILE A 91 -6.58 -7.60 -5.03
N SER A 92 -6.67 -6.36 -4.55
CA SER A 92 -7.63 -6.01 -3.51
C SER A 92 -9.04 -6.00 -4.06
N ASN A 93 -9.16 -5.92 -5.38
CA ASN A 93 -10.46 -5.90 -6.03
C ASN A 93 -11.29 -4.71 -5.54
N ILE A 94 -10.73 -3.51 -5.66
CA ILE A 94 -11.42 -2.30 -5.24
C ILE A 94 -12.34 -1.78 -6.33
N ARG A 95 -13.27 -2.63 -6.77
CA ARG A 95 -14.23 -2.25 -7.81
C ARG A 95 -14.93 -0.95 -7.46
N TYR A 96 -15.12 -0.72 -6.16
CA TYR A 96 -15.80 0.49 -5.69
C TYR A 96 -15.02 1.74 -6.11
N GLY A 97 -15.72 2.68 -6.75
CA GLY A 97 -15.09 3.90 -7.18
C GLY A 97 -14.76 4.84 -6.04
N TYR A 98 -15.78 5.17 -5.25
CA TYR A 98 -15.61 6.07 -4.12
C TYR A 98 -14.83 5.38 -2.99
N MET A 1 5.77 -26.01 7.14
CA MET A 1 4.96 -26.27 8.32
C MET A 1 3.81 -25.28 8.43
N GLY A 2 2.59 -25.80 8.62
CA GLY A 2 1.43 -24.94 8.74
C GLY A 2 0.51 -25.05 7.54
N LYS A 3 -0.79 -25.05 7.79
CA LYS A 3 -1.77 -25.16 6.72
C LYS A 3 -2.31 -23.77 6.34
N LEU A 4 -1.61 -23.10 5.44
CA LEU A 4 -2.02 -21.77 4.99
C LEU A 4 -3.03 -21.86 3.86
N LYS A 5 -3.60 -20.73 3.48
CA LYS A 5 -4.58 -20.68 2.40
C LYS A 5 -4.21 -19.62 1.37
N TRP A 6 -5.02 -19.50 0.33
CA TRP A 6 -4.77 -18.53 -0.73
C TRP A 6 -3.36 -18.68 -1.30
N PHE A 7 -2.84 -19.90 -1.24
CA PHE A 7 -1.50 -20.18 -1.74
C PHE A 7 -1.54 -20.53 -3.23
N SER A 8 -2.53 -21.34 -3.60
CA SER A 8 -2.67 -21.75 -5.00
C SER A 8 -3.05 -20.57 -5.88
N GLY A 9 -2.18 -20.26 -6.85
CA GLY A 9 -2.44 -19.15 -7.75
C GLY A 9 -1.56 -17.95 -7.45
N GLY A 10 -0.26 -18.09 -7.69
CA GLY A 10 0.65 -16.99 -7.45
C GLY A 10 0.84 -16.73 -5.96
N LYS A 11 1.80 -17.42 -5.36
CA LYS A 11 2.08 -17.25 -3.93
C LYS A 11 2.93 -16.01 -3.70
N GLU A 12 3.85 -15.73 -4.62
CA GLU A 12 4.72 -14.58 -4.51
C GLU A 12 3.97 -13.29 -4.83
N ARG A 13 2.72 -13.43 -5.25
CA ARG A 13 1.89 -12.28 -5.59
C ARG A 13 1.51 -11.49 -4.34
N SER A 14 1.43 -12.19 -3.21
CA SER A 14 1.08 -11.56 -1.94
C SER A 14 2.23 -10.72 -1.42
N ASN A 15 3.46 -11.12 -1.74
CA ASN A 15 4.65 -10.40 -1.30
C ASN A 15 4.84 -9.12 -2.11
N GLN A 16 4.22 -9.07 -3.28
CA GLN A 16 4.32 -7.90 -4.15
C GLN A 16 3.80 -6.66 -3.44
N ALA A 17 2.58 -6.75 -2.92
CA ALA A 17 1.96 -5.62 -2.21
C ALA A 17 2.90 -5.06 -1.15
N GLU A 18 3.44 -5.96 -0.32
CA GLU A 18 4.35 -5.55 0.75
C GLU A 18 5.52 -4.74 0.19
N ASN A 19 6.04 -5.18 -0.94
CA ASN A 19 7.16 -4.49 -1.58
C ASN A 19 6.75 -3.10 -2.06
N ILE A 20 5.56 -3.01 -2.65
CA ILE A 20 5.05 -1.74 -3.14
C ILE A 20 4.94 -0.72 -2.02
N ILE A 21 4.23 -1.08 -0.96
CA ILE A 21 4.05 -0.19 0.18
C ILE A 21 5.39 0.36 0.66
N THR A 22 6.38 -0.51 0.76
CA THR A 22 7.71 -0.11 1.21
C THR A 22 8.32 0.90 0.26
N ASP A 23 7.97 0.79 -1.02
CA ASP A 23 8.49 1.71 -2.04
C ASP A 23 8.21 3.16 -1.66
N LEU A 24 6.93 3.52 -1.62
CA LEU A 24 6.52 4.87 -1.28
C LEU A 24 7.21 5.34 -0.01
N LEU A 25 7.37 4.43 0.95
CA LEU A 25 8.01 4.75 2.22
C LEU A 25 9.41 5.31 1.99
N ASP A 26 10.14 4.70 1.06
CA ASP A 26 11.50 5.13 0.75
C ASP A 26 11.49 6.56 0.20
N ASP A 27 10.83 6.75 -0.95
CA ASP A 27 10.75 8.06 -1.56
C ASP A 27 10.12 9.08 -0.63
N LEU A 28 9.36 8.57 0.35
CA LEU A 28 8.70 9.44 1.32
C LEU A 28 9.72 10.11 2.24
N LYS A 29 10.87 9.46 2.42
CA LYS A 29 11.93 9.99 3.26
C LYS A 29 12.20 11.45 2.95
N THR A 30 12.05 11.82 1.68
CA THR A 30 12.27 13.20 1.25
C THR A 30 10.97 14.00 1.27
N ASP A 31 9.86 13.34 0.99
CA ASP A 31 8.56 13.99 0.99
C ASP A 31 8.20 14.48 2.39
N LEU A 32 7.97 15.78 2.52
CA LEU A 32 7.61 16.37 3.80
C LEU A 32 6.10 16.52 3.92
N ASP A 33 5.37 15.81 3.06
CA ASP A 33 3.91 15.88 3.08
C ASP A 33 3.34 14.83 4.04
N ASN A 34 3.44 13.56 3.66
CA ASN A 34 2.94 12.47 4.48
C ASN A 34 3.98 12.03 5.50
N GLU A 35 4.15 12.85 6.55
CA GLU A 35 5.11 12.54 7.60
C GLU A 35 4.52 11.53 8.60
N SER A 36 3.35 11.86 9.14
CA SER A 36 2.70 10.98 10.11
C SER A 36 1.83 9.94 9.39
N LEU A 37 1.44 10.25 8.17
CA LEU A 37 0.60 9.34 7.39
C LEU A 37 1.30 7.99 7.20
N LYS A 38 2.63 8.02 7.16
CA LYS A 38 3.41 6.79 6.99
C LYS A 38 2.97 5.73 8.00
N LYS A 39 2.50 6.19 9.16
CA LYS A 39 2.06 5.27 10.20
C LYS A 39 1.03 4.28 9.66
N VAL A 40 0.21 4.74 8.72
CA VAL A 40 -0.81 3.89 8.12
C VAL A 40 -0.18 2.79 7.28
N LEU A 41 0.54 3.18 6.23
CA LEU A 41 1.19 2.23 5.36
C LEU A 41 1.99 1.21 6.15
N GLU A 42 2.86 1.70 7.03
CA GLU A 42 3.68 0.83 7.86
C GLU A 42 2.82 -0.14 8.66
N ASN A 43 1.82 0.40 9.34
CA ASN A 43 0.92 -0.41 10.16
C ASN A 43 0.27 -1.51 9.32
N TYR A 44 -0.59 -1.12 8.39
CA TYR A 44 -1.27 -2.06 7.53
C TYR A 44 -0.28 -3.03 6.88
N LEU A 45 0.89 -2.51 6.52
CA LEU A 45 1.93 -3.33 5.89
C LEU A 45 2.31 -4.50 6.80
N GLU A 46 2.41 -4.22 8.10
CA GLU A 46 2.77 -5.26 9.06
C GLU A 46 1.75 -6.39 9.07
N GLU A 47 0.53 -6.08 8.63
CA GLU A 47 -0.54 -7.06 8.59
C GLU A 47 -0.20 -8.18 7.60
N LEU A 48 0.39 -7.80 6.47
CA LEU A 48 0.76 -8.77 5.44
C LEU A 48 1.64 -9.88 6.03
N LYS A 49 2.43 -9.52 7.04
CA LYS A 49 3.31 -10.49 7.68
C LYS A 49 2.52 -11.42 8.61
N GLN A 50 1.41 -10.90 9.14
CA GLN A 50 0.57 -11.68 10.04
C GLN A 50 -0.24 -12.72 9.27
N LYS A 51 -0.60 -13.80 9.95
CA LYS A 51 -1.38 -14.86 9.33
C LYS A 51 -2.87 -14.71 9.65
N SER A 52 -3.22 -13.57 10.24
CA SER A 52 -4.61 -13.31 10.60
C SER A 52 -5.38 -12.73 9.42
N ALA A 53 -5.12 -11.46 9.13
CA ALA A 53 -5.79 -10.78 8.02
C ALA A 53 -5.24 -11.25 6.67
N SER A 54 -6.13 -11.42 5.70
CA SER A 54 -5.74 -11.88 4.38
C SER A 54 -5.08 -10.75 3.60
N VAL A 55 -4.26 -11.12 2.61
CA VAL A 55 -3.57 -10.13 1.78
C VAL A 55 -4.54 -9.10 1.22
N PRO A 56 -5.57 -9.58 0.50
CA PRO A 56 -6.59 -8.71 -0.10
C PRO A 56 -7.50 -8.08 0.95
N LEU A 57 -7.40 -8.57 2.18
CA LEU A 57 -8.22 -8.05 3.28
C LEU A 57 -7.60 -6.79 3.85
N ILE A 58 -6.28 -6.76 3.96
CA ILE A 58 -5.57 -5.60 4.50
C ILE A 58 -5.38 -4.54 3.43
N LEU A 59 -5.11 -4.97 2.20
CA LEU A 59 -4.91 -4.06 1.10
C LEU A 59 -6.13 -3.16 0.90
N SER A 60 -7.30 -3.78 0.87
CA SER A 60 -8.54 -3.04 0.68
C SER A 60 -8.81 -2.11 1.87
N ARG A 61 -8.54 -2.60 3.07
CA ARG A 61 -8.74 -1.82 4.28
C ARG A 61 -7.82 -0.60 4.31
N MET A 62 -6.53 -0.84 4.09
CA MET A 62 -5.55 0.23 4.09
C MET A 62 -5.99 1.37 3.16
N ASN A 63 -6.49 1.01 1.98
CA ASN A 63 -6.95 1.99 1.01
C ASN A 63 -7.93 2.97 1.65
N LEU A 64 -8.89 2.44 2.40
CA LEU A 64 -9.89 3.27 3.06
C LEU A 64 -9.25 4.19 4.09
N ASP A 65 -8.07 3.80 4.56
CA ASP A 65 -7.33 4.59 5.55
C ASP A 65 -6.49 5.67 4.87
N ILE A 66 -5.65 5.25 3.93
CA ILE A 66 -4.79 6.18 3.21
C ILE A 66 -5.62 7.23 2.47
N SER A 67 -6.58 6.77 1.68
CA SER A 67 -7.44 7.67 0.91
C SER A 67 -8.11 8.69 1.83
N LYS A 68 -8.41 8.27 3.05
CA LYS A 68 -9.05 9.14 4.03
C LYS A 68 -8.09 10.23 4.50
N ALA A 69 -6.85 9.84 4.77
CA ALA A 69 -5.83 10.78 5.23
C ALA A 69 -5.65 11.91 4.22
N ILE A 70 -6.05 11.67 2.98
CA ILE A 70 -5.94 12.66 1.92
C ILE A 70 -6.88 13.84 2.16
N ARG A 71 -8.17 13.58 2.02
CA ARG A 71 -9.19 14.62 2.21
C ARG A 71 -9.11 15.19 3.62
N ASN A 72 -9.04 14.30 4.62
CA ASN A 72 -8.95 14.73 6.00
C ASN A 72 -7.79 15.69 6.22
N ASP A 73 -6.58 15.14 6.24
CA ASP A 73 -5.38 15.96 6.43
C ASP A 73 -5.36 17.14 5.46
N GLY A 74 -5.45 16.84 4.17
CA GLY A 74 -5.44 17.88 3.16
C GLY A 74 -4.26 17.75 2.21
N VAL A 75 -3.65 16.56 2.17
CA VAL A 75 -2.51 16.32 1.30
C VAL A 75 -2.95 15.87 -0.07
N THR A 76 -1.99 15.52 -0.92
CA THR A 76 -2.29 15.07 -2.28
C THR A 76 -1.29 14.01 -2.74
N LEU A 77 -1.80 12.95 -3.35
CA LEU A 77 -0.96 11.87 -3.85
C LEU A 77 -0.27 12.26 -5.15
N SER A 78 1.04 12.01 -5.22
CA SER A 78 1.82 12.34 -6.41
C SER A 78 1.54 11.35 -7.53
N ASP A 79 2.13 11.59 -8.69
CA ASP A 79 1.94 10.72 -9.84
C ASP A 79 2.22 9.27 -9.48
N TYR A 80 3.49 8.98 -9.20
CA TYR A 80 3.89 7.62 -8.84
C TYR A 80 3.02 7.07 -7.71
N GLN A 81 2.63 7.95 -6.79
CA GLN A 81 1.80 7.54 -5.67
C GLN A 81 0.46 7.00 -6.15
N SER A 82 -0.36 7.87 -6.72
CA SER A 82 -1.67 7.47 -7.22
C SER A 82 -1.56 6.25 -8.12
N LYS A 83 -0.47 6.19 -8.89
CA LYS A 83 -0.24 5.08 -9.80
C LYS A 83 -0.04 3.77 -9.03
N LYS A 84 0.88 3.80 -8.07
CA LYS A 84 1.17 2.61 -7.26
C LYS A 84 -0.07 2.16 -6.51
N LEU A 85 -1.03 3.05 -6.37
CA LEU A 85 -2.27 2.75 -5.66
C LEU A 85 -3.10 1.72 -6.44
N LYS A 86 -3.07 1.83 -7.76
CA LYS A 86 -3.81 0.92 -8.62
C LYS A 86 -3.17 -0.47 -8.62
N GLU A 87 -1.99 -0.57 -8.01
CA GLU A 87 -1.28 -1.85 -7.92
C GLU A 87 -2.13 -2.90 -7.23
N LEU A 88 -2.19 -2.83 -5.90
CA LEU A 88 -2.96 -3.79 -5.12
C LEU A 88 -4.45 -3.65 -5.42
N THR A 89 -4.80 -2.62 -6.17
CA THR A 89 -6.19 -2.38 -6.53
C THR A 89 -6.72 -3.48 -7.45
N SER A 90 -5.92 -3.86 -8.43
CA SER A 90 -6.30 -4.89 -9.37
C SER A 90 -6.20 -6.28 -8.74
N ILE A 91 -5.21 -6.46 -7.87
CA ILE A 91 -5.00 -7.73 -7.19
C ILE A 91 -6.09 -7.98 -6.15
N SER A 92 -6.58 -6.90 -5.55
CA SER A 92 -7.63 -7.00 -4.53
C SER A 92 -8.97 -7.39 -5.17
N ASN A 93 -9.66 -8.33 -4.54
CA ASN A 93 -10.95 -8.78 -5.04
C ASN A 93 -12.06 -7.80 -4.66
N ILE A 94 -12.14 -6.70 -5.40
CA ILE A 94 -13.15 -5.68 -5.15
C ILE A 94 -14.51 -6.11 -5.70
N ARG A 95 -15.07 -7.15 -5.10
CA ARG A 95 -16.37 -7.66 -5.53
C ARG A 95 -17.46 -7.31 -4.51
N TYR A 96 -17.13 -7.47 -3.23
CA TYR A 96 -18.07 -7.17 -2.17
C TYR A 96 -18.43 -5.69 -2.13
N GLY A 97 -19.53 -5.36 -1.48
CA GLY A 97 -19.96 -3.98 -1.38
C GLY A 97 -18.94 -3.10 -0.67
N TYR A 98 -18.07 -3.74 0.11
CA TYR A 98 -17.05 -3.01 0.86
C TYR A 98 -16.19 -2.17 -0.08
N MET A 1 20.80 3.01 10.31
CA MET A 1 21.35 1.71 9.94
C MET A 1 20.45 0.58 10.43
N GLY A 2 20.83 -0.66 10.13
CA GLY A 2 20.04 -1.80 10.54
C GLY A 2 20.17 -2.98 9.58
N LYS A 3 19.64 -2.81 8.38
CA LYS A 3 19.70 -3.85 7.36
C LYS A 3 19.24 -3.33 6.01
N LEU A 4 19.30 -4.19 4.99
CA LEU A 4 18.88 -3.82 3.65
C LEU A 4 18.67 -5.05 2.78
N LYS A 5 17.47 -5.18 2.23
CA LYS A 5 17.14 -6.31 1.38
C LYS A 5 16.73 -5.85 -0.02
N TRP A 6 17.33 -6.44 -1.04
CA TRP A 6 17.03 -6.09 -2.41
C TRP A 6 15.87 -6.93 -2.95
N PHE A 7 14.83 -7.08 -2.15
CA PHE A 7 13.67 -7.86 -2.55
C PHE A 7 12.65 -6.99 -3.28
N SER A 8 12.17 -7.50 -4.41
CA SER A 8 11.20 -6.77 -5.23
C SER A 8 10.66 -7.64 -6.35
N GLY A 9 9.34 -7.84 -6.37
CA GLY A 9 8.74 -8.66 -7.40
C GLY A 9 8.50 -10.08 -6.95
N GLY A 10 8.77 -11.04 -7.83
CA GLY A 10 8.57 -12.44 -7.50
C GLY A 10 7.23 -12.97 -7.95
N LYS A 11 7.07 -14.28 -7.93
CA LYS A 11 5.83 -14.92 -8.35
C LYS A 11 4.73 -14.71 -7.31
N GLU A 12 5.14 -14.52 -6.06
CA GLU A 12 4.20 -14.31 -4.97
C GLU A 12 3.46 -12.97 -5.13
N ARG A 13 2.17 -13.05 -5.36
CA ARG A 13 1.36 -11.84 -5.53
C ARG A 13 1.05 -11.19 -4.18
N SER A 14 0.99 -12.02 -3.14
CA SER A 14 0.71 -11.52 -1.80
C SER A 14 1.83 -10.59 -1.31
N ASN A 15 3.06 -11.03 -1.50
CA ASN A 15 4.22 -10.23 -1.08
C ASN A 15 4.40 -9.01 -1.98
N GLN A 16 3.68 -8.99 -3.09
CA GLN A 16 3.76 -7.88 -4.03
C GLN A 16 3.36 -6.57 -3.36
N ALA A 17 2.15 -6.53 -2.82
CA ALA A 17 1.66 -5.33 -2.15
C ALA A 17 2.65 -4.85 -1.11
N GLU A 18 3.18 -5.77 -0.31
CA GLU A 18 4.13 -5.42 0.73
C GLU A 18 5.32 -4.66 0.15
N ASN A 19 5.86 -5.17 -0.96
CA ASN A 19 6.99 -4.53 -1.61
C ASN A 19 6.62 -3.15 -2.13
N ILE A 20 5.41 -3.02 -2.67
CA ILE A 20 4.94 -1.76 -3.21
C ILE A 20 4.90 -0.69 -2.12
N ILE A 21 4.16 -0.97 -1.05
CA ILE A 21 4.03 -0.04 0.07
C ILE A 21 5.41 0.44 0.53
N THR A 22 6.34 -0.50 0.66
CA THR A 22 7.69 -0.19 1.10
C THR A 22 8.33 0.86 0.19
N ASP A 23 7.97 0.84 -1.09
CA ASP A 23 8.51 1.78 -2.05
C ASP A 23 8.28 3.22 -1.59
N LEU A 24 7.01 3.62 -1.55
CA LEU A 24 6.65 4.97 -1.13
C LEU A 24 7.35 5.34 0.17
N LEU A 25 7.45 4.38 1.08
CA LEU A 25 8.10 4.60 2.36
C LEU A 25 9.52 5.10 2.18
N ASP A 26 10.25 4.47 1.27
CA ASP A 26 11.63 4.86 1.00
C ASP A 26 11.70 6.28 0.46
N ASP A 27 10.99 6.54 -0.63
CA ASP A 27 10.96 7.87 -1.23
C ASP A 27 10.46 8.91 -0.24
N LEU A 28 9.64 8.47 0.70
CA LEU A 28 9.08 9.36 1.72
C LEU A 28 10.17 9.82 2.70
N LYS A 29 11.17 8.97 2.88
CA LYS A 29 12.28 9.29 3.79
C LYS A 29 12.82 10.69 3.53
N THR A 30 13.33 10.89 2.31
CA THR A 30 13.88 12.18 1.93
C THR A 30 12.84 13.06 1.25
N ASP A 31 11.79 13.41 1.99
CA ASP A 31 10.72 14.23 1.47
C ASP A 31 9.84 14.78 2.59
N LEU A 32 8.83 15.56 2.22
CA LEU A 32 7.92 16.15 3.21
C LEU A 32 6.47 16.03 2.74
N ASP A 33 6.15 14.91 2.09
CA ASP A 33 4.80 14.68 1.60
C ASP A 33 3.89 14.19 2.71
N ASN A 34 4.26 13.07 3.32
CA ASN A 34 3.47 12.50 4.41
C ASN A 34 4.33 12.30 5.66
N GLU A 35 3.83 12.77 6.79
CA GLU A 35 4.54 12.64 8.05
C GLU A 35 3.88 11.61 8.96
N SER A 36 2.67 11.92 9.41
CA SER A 36 1.93 11.02 10.28
C SER A 36 1.13 10.01 9.47
N LEU A 37 0.81 10.37 8.24
CA LEU A 37 0.05 9.48 7.35
C LEU A 37 0.77 8.14 7.16
N LYS A 38 2.10 8.19 7.19
CA LYS A 38 2.91 6.99 7.03
C LYS A 38 2.45 5.89 7.98
N LYS A 39 1.86 6.29 9.10
CA LYS A 39 1.38 5.34 10.10
C LYS A 39 0.47 4.30 9.46
N VAL A 40 -0.31 4.72 8.46
CA VAL A 40 -1.21 3.83 7.76
C VAL A 40 -0.44 2.80 6.95
N LEU A 41 0.26 3.25 5.93
CA LEU A 41 1.05 2.37 5.07
C LEU A 41 1.95 1.48 5.90
N GLU A 42 2.68 2.08 6.84
CA GLU A 42 3.59 1.33 7.69
C GLU A 42 2.84 0.25 8.47
N ASN A 43 1.78 0.64 9.16
CA ASN A 43 0.98 -0.29 9.95
C ASN A 43 0.46 -1.43 9.06
N TYR A 44 -0.36 -1.08 8.08
CA TYR A 44 -0.93 -2.06 7.16
C TYR A 44 0.17 -2.94 6.57
N LEU A 45 1.29 -2.33 6.23
CA LEU A 45 2.42 -3.05 5.64
C LEU A 45 2.86 -4.18 6.56
N GLU A 46 2.91 -3.91 7.86
CA GLU A 46 3.32 -4.92 8.84
C GLU A 46 2.29 -6.04 8.92
N GLU A 47 1.02 -5.69 8.72
CA GLU A 47 -0.05 -6.68 8.78
C GLU A 47 0.22 -7.84 7.83
N LEU A 48 0.71 -7.51 6.65
CA LEU A 48 1.02 -8.53 5.64
C LEU A 48 2.05 -9.52 6.16
N LYS A 49 2.84 -9.08 7.13
CA LYS A 49 3.87 -9.93 7.72
C LYS A 49 3.24 -11.02 8.58
N GLN A 50 2.16 -10.68 9.27
CA GLN A 50 1.47 -11.64 10.14
C GLN A 50 0.62 -12.59 9.32
N LYS A 51 0.41 -13.80 9.83
CA LYS A 51 -0.39 -14.80 9.15
C LYS A 51 -1.84 -14.75 9.62
N SER A 52 -2.21 -13.65 10.28
CA SER A 52 -3.57 -13.48 10.78
C SER A 52 -4.48 -12.92 9.69
N ALA A 53 -4.32 -11.64 9.41
CA ALA A 53 -5.13 -10.97 8.38
C ALA A 53 -4.70 -11.39 6.98
N SER A 54 -5.68 -11.66 6.13
CA SER A 54 -5.39 -12.07 4.76
C SER A 54 -4.91 -10.90 3.91
N VAL A 55 -4.19 -11.20 2.84
CA VAL A 55 -3.66 -10.16 1.96
C VAL A 55 -4.77 -9.22 1.51
N PRO A 56 -5.81 -9.79 0.88
CA PRO A 56 -6.95 -9.01 0.37
C PRO A 56 -7.81 -8.45 1.51
N LEU A 57 -7.57 -8.94 2.72
CA LEU A 57 -8.33 -8.51 3.89
C LEU A 57 -7.77 -7.18 4.42
N ILE A 58 -6.50 -6.93 4.15
CA ILE A 58 -5.85 -5.70 4.61
C ILE A 58 -5.77 -4.68 3.48
N LEU A 59 -5.26 -5.10 2.33
CA LEU A 59 -5.14 -4.21 1.18
C LEU A 59 -6.47 -3.51 0.88
N SER A 60 -7.57 -4.20 1.19
CA SER A 60 -8.90 -3.65 0.95
C SER A 60 -9.16 -2.45 1.85
N ARG A 61 -8.78 -2.58 3.12
CA ARG A 61 -8.97 -1.50 4.08
C ARG A 61 -7.98 -0.37 3.83
N MET A 62 -6.79 -0.72 3.35
CA MET A 62 -5.76 0.27 3.07
C MET A 62 -6.31 1.40 2.21
N ASN A 63 -6.78 1.07 1.02
CA ASN A 63 -7.33 2.05 0.11
C ASN A 63 -8.45 2.84 0.77
N LEU A 64 -9.37 2.14 1.42
CA LEU A 64 -10.49 2.77 2.10
C LEU A 64 -10.02 3.55 3.32
N ASP A 65 -8.76 3.36 3.68
CA ASP A 65 -8.18 4.06 4.83
C ASP A 65 -7.41 5.30 4.38
N ILE A 66 -6.40 5.09 3.54
CA ILE A 66 -5.59 6.19 3.03
C ILE A 66 -6.46 7.24 2.34
N SER A 67 -7.37 6.79 1.50
CA SER A 67 -8.26 7.69 0.78
C SER A 67 -8.90 8.69 1.74
N LYS A 68 -9.44 8.19 2.84
CA LYS A 68 -10.09 9.04 3.83
C LYS A 68 -9.07 9.99 4.48
N ALA A 69 -7.84 9.53 4.60
CA ALA A 69 -6.78 10.33 5.19
C ALA A 69 -6.43 11.52 4.32
N ILE A 70 -6.79 11.43 3.03
CA ILE A 70 -6.52 12.51 2.08
C ILE A 70 -7.27 13.78 2.47
N ARG A 71 -8.59 13.75 2.32
CA ARG A 71 -9.42 14.91 2.66
C ARG A 71 -9.20 15.33 4.10
N ASN A 72 -8.80 14.38 4.95
CA ASN A 72 -8.56 14.65 6.36
C ASN A 72 -7.58 15.81 6.53
N ASP A 73 -6.30 15.53 6.27
CA ASP A 73 -5.26 16.55 6.39
C ASP A 73 -4.94 17.17 5.03
N GLY A 74 -5.91 17.10 4.13
CA GLY A 74 -5.72 17.66 2.79
C GLY A 74 -4.44 17.16 2.14
N VAL A 75 -4.25 15.84 2.15
CA VAL A 75 -3.07 15.24 1.56
C VAL A 75 -3.21 15.13 0.04
N THR A 76 -2.08 15.09 -0.65
CA THR A 76 -2.07 14.99 -2.11
C THR A 76 -1.01 14.00 -2.58
N LEU A 77 -1.46 12.87 -3.13
CA LEU A 77 -0.54 11.86 -3.62
C LEU A 77 0.09 12.29 -4.95
N SER A 78 1.38 12.07 -5.08
CA SER A 78 2.10 12.43 -6.30
C SER A 78 1.80 11.45 -7.43
N ASP A 79 2.38 11.71 -8.60
CA ASP A 79 2.17 10.84 -9.76
C ASP A 79 2.45 9.38 -9.40
N TYR A 80 3.70 9.08 -9.09
CA TYR A 80 4.09 7.72 -8.74
C TYR A 80 3.20 7.16 -7.63
N GLN A 81 2.84 8.02 -6.68
CA GLN A 81 1.99 7.60 -5.57
C GLN A 81 0.63 7.11 -6.08
N SER A 82 -0.16 8.03 -6.62
CA SER A 82 -1.48 7.68 -7.13
C SER A 82 -1.40 6.49 -8.09
N LYS A 83 -0.30 6.41 -8.84
CA LYS A 83 -0.10 5.32 -9.78
C LYS A 83 0.07 3.99 -9.06
N LYS A 84 0.98 3.95 -8.09
CA LYS A 84 1.23 2.74 -7.32
C LYS A 84 -0.03 2.31 -6.58
N LEU A 85 -0.96 3.23 -6.40
CA LEU A 85 -2.21 2.94 -5.71
C LEU A 85 -3.05 1.95 -6.50
N LYS A 86 -2.97 2.03 -7.83
CA LYS A 86 -3.72 1.13 -8.70
C LYS A 86 -3.15 -0.28 -8.64
N GLU A 87 -2.01 -0.43 -7.99
CA GLU A 87 -1.36 -1.74 -7.87
C GLU A 87 -2.27 -2.73 -7.16
N LEU A 88 -2.35 -2.62 -5.84
CA LEU A 88 -3.19 -3.52 -5.04
C LEU A 88 -4.66 -3.32 -5.38
N THR A 89 -4.95 -2.29 -6.17
CA THR A 89 -6.33 -2.00 -6.56
C THR A 89 -6.89 -3.10 -7.45
N SER A 90 -6.14 -3.47 -8.48
CA SER A 90 -6.57 -4.51 -9.40
C SER A 90 -6.41 -5.89 -8.77
N ILE A 91 -5.41 -6.03 -7.90
CA ILE A 91 -5.16 -7.30 -7.23
C ILE A 91 -6.23 -7.60 -6.19
N SER A 92 -6.51 -6.63 -5.34
CA SER A 92 -7.51 -6.78 -4.30
C SER A 92 -8.92 -6.79 -4.90
N ASN A 93 -9.81 -7.58 -4.29
CA ASN A 93 -11.18 -7.68 -4.77
C ASN A 93 -12.01 -6.51 -4.28
N ILE A 94 -11.71 -5.32 -4.80
CA ILE A 94 -12.43 -4.11 -4.42
C ILE A 94 -13.70 -3.94 -5.25
N ARG A 95 -13.85 -4.77 -6.28
CA ARG A 95 -15.02 -4.71 -7.14
C ARG A 95 -16.30 -4.91 -6.35
N TYR A 96 -16.18 -5.53 -5.18
CA TYR A 96 -17.33 -5.79 -4.32
C TYR A 96 -18.13 -4.50 -4.08
N GLY A 97 -19.38 -4.66 -3.70
CA GLY A 97 -20.23 -3.50 -3.44
C GLY A 97 -21.59 -3.88 -2.88
N TYR A 98 -22.16 -4.96 -3.43
CA TYR A 98 -23.47 -5.43 -2.99
C TYR A 98 -23.36 -6.19 -1.67
N MET A 1 5.91 -4.96 -28.67
CA MET A 1 4.87 -5.99 -28.77
C MET A 1 3.91 -5.91 -27.59
N GLY A 2 2.75 -5.30 -27.81
CA GLY A 2 1.77 -5.16 -26.75
C GLY A 2 2.20 -4.20 -25.68
N LYS A 3 2.36 -2.93 -26.05
CA LYS A 3 2.77 -1.91 -25.10
C LYS A 3 1.72 -1.70 -24.01
N LEU A 4 2.02 -2.20 -22.82
CA LEU A 4 1.10 -2.08 -21.69
C LEU A 4 1.70 -1.23 -20.57
N LYS A 5 0.99 -1.13 -19.46
CA LYS A 5 1.46 -0.35 -18.32
C LYS A 5 1.57 -1.23 -17.07
N TRP A 6 1.24 -2.50 -17.23
CA TRP A 6 1.31 -3.44 -16.11
C TRP A 6 2.71 -4.02 -15.96
N PHE A 7 3.52 -3.37 -15.13
CA PHE A 7 4.90 -3.82 -14.91
C PHE A 7 4.96 -4.78 -13.73
N SER A 8 4.18 -5.86 -13.80
CA SER A 8 4.14 -6.86 -12.75
C SER A 8 5.46 -7.62 -12.68
N GLY A 9 5.70 -8.28 -11.55
CA GLY A 9 6.92 -9.03 -11.37
C GLY A 9 6.67 -10.53 -11.27
N GLY A 10 7.05 -11.11 -10.14
CA GLY A 10 6.87 -12.54 -9.95
C GLY A 10 5.41 -12.90 -9.70
N LYS A 11 5.13 -14.20 -9.58
CA LYS A 11 3.78 -14.67 -9.35
C LYS A 11 3.33 -14.36 -7.93
N GLU A 12 4.26 -13.91 -7.10
CA GLU A 12 3.96 -13.57 -5.72
C GLU A 12 3.17 -12.27 -5.63
N ARG A 13 1.84 -12.38 -5.72
CA ARG A 13 0.98 -11.20 -5.65
C ARG A 13 0.86 -10.70 -4.21
N SER A 14 0.91 -11.62 -3.27
CA SER A 14 0.80 -11.27 -1.85
C SER A 14 2.03 -10.49 -1.39
N ASN A 15 3.20 -11.05 -1.65
CA ASN A 15 4.45 -10.40 -1.25
C ASN A 15 4.70 -9.14 -2.09
N GLN A 16 4.08 -9.08 -3.27
CA GLN A 16 4.23 -7.94 -4.15
C GLN A 16 3.77 -6.66 -3.48
N ALA A 17 2.56 -6.67 -2.94
CA ALA A 17 2.00 -5.51 -2.26
C ALA A 17 2.97 -4.98 -1.21
N GLU A 18 3.53 -5.88 -0.42
CA GLU A 18 4.46 -5.50 0.64
C GLU A 18 5.62 -4.69 0.06
N ASN A 19 6.21 -5.19 -1.02
CA ASN A 19 7.32 -4.51 -1.67
C ASN A 19 6.89 -3.16 -2.22
N ILE A 20 5.69 -3.11 -2.77
CA ILE A 20 5.15 -1.88 -3.33
C ILE A 20 5.08 -0.77 -2.28
N ILE A 21 4.36 -1.05 -1.19
CA ILE A 21 4.22 -0.09 -0.11
C ILE A 21 5.57 0.46 0.33
N THR A 22 6.57 -0.43 0.41
CA THR A 22 7.91 -0.04 0.82
C THR A 22 8.45 1.08 -0.08
N ASP A 23 8.01 1.08 -1.33
CA ASP A 23 8.45 2.10 -2.29
C ASP A 23 8.06 3.50 -1.82
N LEU A 24 6.76 3.74 -1.75
CA LEU A 24 6.26 5.04 -1.32
C LEU A 24 6.94 5.49 -0.03
N LEU A 25 7.01 4.58 0.94
CA LEU A 25 7.64 4.89 2.22
C LEU A 25 9.07 5.38 2.02
N ASP A 26 9.76 4.81 1.04
CA ASP A 26 11.13 5.20 0.75
C ASP A 26 11.21 6.67 0.33
N ASP A 27 10.56 6.99 -0.79
CA ASP A 27 10.56 8.35 -1.30
C ASP A 27 9.94 9.31 -0.28
N LEU A 28 9.02 8.79 0.53
CA LEU A 28 8.35 9.59 1.55
C LEU A 28 9.33 9.99 2.66
N LYS A 29 10.41 9.24 2.78
CA LYS A 29 11.42 9.50 3.80
C LYS A 29 11.81 10.98 3.80
N THR A 30 12.50 11.42 2.76
CA THR A 30 12.94 12.80 2.64
C THR A 30 11.93 13.62 1.83
N ASP A 31 10.67 13.20 1.87
CA ASP A 31 9.61 13.91 1.14
C ASP A 31 9.29 15.23 1.80
N LEU A 32 9.64 15.36 3.08
CA LEU A 32 9.39 16.58 3.83
C LEU A 32 7.89 16.84 3.96
N ASP A 33 7.10 15.77 3.85
CA ASP A 33 5.64 15.90 3.96
C ASP A 33 5.04 14.60 4.48
N ASN A 34 3.85 14.71 5.08
CA ASN A 34 3.17 13.54 5.63
C ASN A 34 4.01 12.87 6.70
N GLU A 35 3.70 13.16 7.96
CA GLU A 35 4.43 12.58 9.09
C GLU A 35 3.68 11.39 9.66
N SER A 36 2.47 11.64 10.15
CA SER A 36 1.64 10.59 10.74
C SER A 36 0.93 9.79 9.66
N LEU A 37 1.02 10.27 8.43
CA LEU A 37 0.38 9.60 7.30
C LEU A 37 1.05 8.26 7.02
N LYS A 38 2.36 8.29 6.74
CA LYS A 38 3.11 7.08 6.45
C LYS A 38 2.85 6.02 7.52
N LYS A 39 2.50 6.47 8.73
CA LYS A 39 2.24 5.56 9.83
C LYS A 39 1.20 4.52 9.44
N VAL A 40 0.23 4.93 8.62
CA VAL A 40 -0.82 4.03 8.17
C VAL A 40 -0.27 2.99 7.19
N LEU A 41 0.71 3.39 6.40
CA LEU A 41 1.32 2.49 5.41
C LEU A 41 2.03 1.34 6.11
N GLU A 42 3.01 1.67 6.94
CA GLU A 42 3.77 0.65 7.67
C GLU A 42 2.83 -0.29 8.43
N ASN A 43 1.82 0.29 9.06
CA ASN A 43 0.85 -0.50 9.82
C ASN A 43 0.29 -1.64 8.98
N TYR A 44 -0.60 -1.29 8.05
CA TYR A 44 -1.21 -2.28 7.18
C TYR A 44 -0.15 -3.12 6.47
N LEU A 45 0.98 -2.48 6.13
CA LEU A 45 2.06 -3.16 5.45
C LEU A 45 2.53 -4.37 6.25
N GLU A 46 2.58 -4.23 7.57
CA GLU A 46 3.01 -5.32 8.44
C GLU A 46 1.99 -6.46 8.42
N GLU A 47 0.72 -6.11 8.25
CA GLU A 47 -0.35 -7.10 8.22
C GLU A 47 -0.08 -8.14 7.15
N LEU A 48 0.33 -7.69 5.97
CA LEU A 48 0.61 -8.60 4.86
C LEU A 48 1.57 -9.71 5.30
N LYS A 49 2.44 -9.39 6.25
CA LYS A 49 3.40 -10.36 6.75
C LYS A 49 2.78 -11.24 7.82
N GLN A 50 1.86 -10.66 8.60
CA GLN A 50 1.19 -11.39 9.67
C GLN A 50 0.10 -12.29 9.10
N LYS A 51 -0.38 -13.23 9.92
CA LYS A 51 -1.43 -14.15 9.50
C LYS A 51 -2.75 -13.78 10.15
N SER A 52 -2.80 -12.61 10.78
CA SER A 52 -4.01 -12.15 11.45
C SER A 52 -4.93 -11.44 10.46
N ALA A 53 -4.53 -11.44 9.19
CA ALA A 53 -5.32 -10.79 8.15
C ALA A 53 -4.87 -11.23 6.76
N SER A 54 -5.84 -11.44 5.87
CA SER A 54 -5.53 -11.87 4.51
C SER A 54 -4.98 -10.72 3.68
N VAL A 55 -4.18 -11.05 2.68
CA VAL A 55 -3.59 -10.04 1.80
C VAL A 55 -4.65 -9.09 1.25
N PRO A 56 -5.66 -9.66 0.57
CA PRO A 56 -6.75 -8.88 -0.01
C PRO A 56 -7.68 -8.30 1.05
N LEU A 57 -7.56 -8.80 2.27
CA LEU A 57 -8.39 -8.33 3.38
C LEU A 57 -7.81 -7.05 3.98
N ILE A 58 -6.49 -6.93 3.96
CA ILE A 58 -5.82 -5.76 4.49
C ILE A 58 -5.81 -4.62 3.49
N LEU A 59 -5.47 -4.93 2.24
CA LEU A 59 -5.43 -3.93 1.19
C LEU A 59 -6.74 -3.16 1.12
N SER A 60 -7.83 -3.82 1.47
CA SER A 60 -9.15 -3.20 1.46
C SER A 60 -9.23 -2.07 2.49
N ARG A 61 -8.80 -2.37 3.71
CA ARG A 61 -8.83 -1.39 4.79
C ARG A 61 -7.76 -0.31 4.57
N MET A 62 -6.60 -0.73 4.09
CA MET A 62 -5.50 0.19 3.84
C MET A 62 -5.95 1.36 2.98
N ASN A 63 -6.42 1.07 1.77
CA ASN A 63 -6.88 2.10 0.86
C ASN A 63 -7.93 2.98 1.54
N LEU A 64 -8.85 2.36 2.26
CA LEU A 64 -9.91 3.08 2.95
C LEU A 64 -9.32 4.01 4.02
N ASP A 65 -8.12 3.67 4.50
CA ASP A 65 -7.45 4.47 5.52
C ASP A 65 -6.67 5.61 4.88
N ILE A 66 -5.85 5.27 3.89
CA ILE A 66 -5.04 6.27 3.20
C ILE A 66 -5.91 7.25 2.43
N SER A 67 -6.83 6.73 1.61
CA SER A 67 -7.71 7.55 0.82
C SER A 67 -8.40 8.61 1.69
N LYS A 68 -8.96 8.17 2.81
CA LYS A 68 -9.65 9.07 3.73
C LYS A 68 -8.66 10.08 4.32
N ALA A 69 -7.42 9.66 4.49
CA ALA A 69 -6.38 10.52 5.05
C ALA A 69 -6.06 11.67 4.10
N ILE A 70 -6.37 11.48 2.82
CA ILE A 70 -6.11 12.50 1.81
C ILE A 70 -6.95 13.75 2.07
N ARG A 71 -8.26 13.63 1.87
CA ARG A 71 -9.17 14.74 2.09
C ARG A 71 -9.05 15.28 3.51
N ASN A 72 -9.07 14.38 4.48
CA ASN A 72 -8.96 14.77 5.89
C ASN A 72 -7.73 15.65 6.11
N ASP A 73 -6.56 15.02 6.11
CA ASP A 73 -5.31 15.74 6.32
C ASP A 73 -5.21 16.93 5.37
N GLY A 74 -5.27 16.66 4.08
CA GLY A 74 -5.18 17.71 3.09
C GLY A 74 -4.00 17.54 2.14
N VAL A 75 -3.48 16.32 2.09
CA VAL A 75 -2.35 16.01 1.21
C VAL A 75 -2.81 15.62 -0.18
N THR A 76 -1.86 15.32 -1.07
CA THR A 76 -2.17 14.95 -2.43
C THR A 76 -1.24 13.84 -2.91
N LEU A 77 -1.83 12.79 -3.48
CA LEU A 77 -1.05 11.67 -3.99
C LEU A 77 -0.35 12.03 -5.30
N SER A 78 0.94 11.78 -5.36
CA SER A 78 1.73 12.09 -6.55
C SER A 78 1.43 11.09 -7.67
N ASP A 79 2.00 11.34 -8.84
CA ASP A 79 1.80 10.46 -9.99
C ASP A 79 2.10 9.02 -9.63
N TYR A 80 3.34 8.76 -9.23
CA TYR A 80 3.76 7.41 -8.87
C TYR A 80 2.87 6.84 -7.76
N GLN A 81 2.46 7.71 -6.84
CA GLN A 81 1.61 7.30 -5.74
C GLN A 81 0.29 6.74 -6.25
N SER A 82 -0.54 7.61 -6.81
CA SER A 82 -1.84 7.21 -7.34
C SER A 82 -1.69 6.02 -8.28
N LYS A 83 -0.60 5.98 -9.02
CA LYS A 83 -0.34 4.91 -9.96
C LYS A 83 -0.11 3.59 -9.23
N LYS A 84 0.81 3.60 -8.27
CA LYS A 84 1.11 2.40 -7.49
C LYS A 84 -0.13 1.90 -6.77
N LEU A 85 -1.11 2.77 -6.60
CA LEU A 85 -2.36 2.42 -5.92
C LEU A 85 -3.12 1.37 -6.71
N LYS A 86 -3.00 1.41 -8.03
CA LYS A 86 -3.68 0.46 -8.90
C LYS A 86 -3.04 -0.92 -8.80
N GLU A 87 -1.92 -1.00 -8.09
CA GLU A 87 -1.20 -2.27 -7.91
C GLU A 87 -2.08 -3.26 -7.15
N LEU A 88 -2.14 -3.10 -5.84
CA LEU A 88 -2.94 -3.99 -4.99
C LEU A 88 -4.42 -3.89 -5.33
N THR A 89 -4.76 -2.90 -6.16
CA THR A 89 -6.15 -2.69 -6.56
C THR A 89 -6.65 -3.86 -7.42
N SER A 90 -5.86 -4.25 -8.41
CA SER A 90 -6.23 -5.34 -9.29
C SER A 90 -6.05 -6.69 -8.60
N ILE A 91 -5.04 -6.77 -7.74
CA ILE A 91 -4.76 -8.00 -7.00
C ILE A 91 -5.82 -8.26 -5.94
N SER A 92 -6.35 -7.18 -5.36
CA SER A 92 -7.36 -7.29 -4.33
C SER A 92 -8.69 -7.75 -4.90
N ASN A 93 -9.36 -8.65 -4.20
CA ASN A 93 -10.64 -9.18 -4.63
C ASN A 93 -11.79 -8.23 -4.27
N ILE A 94 -11.61 -7.50 -3.18
CA ILE A 94 -12.62 -6.56 -2.71
C ILE A 94 -12.56 -5.26 -3.53
N ARG A 95 -12.93 -5.35 -4.80
CA ARG A 95 -12.92 -4.18 -5.68
C ARG A 95 -14.27 -3.46 -5.62
N TYR A 96 -15.34 -4.22 -5.42
CA TYR A 96 -16.68 -3.65 -5.35
C TYR A 96 -17.22 -3.69 -3.92
N GLY A 97 -18.39 -3.10 -3.73
CA GLY A 97 -18.99 -3.07 -2.40
C GLY A 97 -19.75 -1.78 -2.14
N TYR A 98 -19.03 -0.75 -1.72
CA TYR A 98 -19.63 0.54 -1.43
C TYR A 98 -20.82 0.37 -0.48
N MET A 1 1.21 -30.43 16.02
CA MET A 1 2.39 -29.76 15.50
C MET A 1 3.14 -30.65 14.53
N GLY A 2 2.89 -30.48 13.23
CA GLY A 2 3.55 -31.28 12.23
C GLY A 2 4.64 -30.51 11.49
N LYS A 3 4.45 -30.32 10.19
CA LYS A 3 5.42 -29.60 9.38
C LYS A 3 5.09 -28.11 9.32
N LEU A 4 5.54 -27.37 10.34
CA LEU A 4 5.29 -25.94 10.40
C LEU A 4 6.40 -25.16 9.72
N LYS A 5 6.15 -24.73 8.48
CA LYS A 5 7.13 -23.98 7.71
C LYS A 5 6.46 -22.84 6.94
N TRP A 6 7.26 -21.98 6.35
CA TRP A 6 6.76 -20.85 5.58
C TRP A 6 6.47 -21.26 4.14
N PHE A 7 5.28 -20.91 3.65
CA PHE A 7 4.89 -21.24 2.29
C PHE A 7 3.95 -20.18 1.72
N SER A 8 4.42 -19.49 0.68
CA SER A 8 3.63 -18.44 0.05
C SER A 8 2.38 -19.01 -0.60
N GLY A 9 2.56 -19.69 -1.73
CA GLY A 9 1.44 -20.29 -2.43
C GLY A 9 1.02 -19.48 -3.64
N GLY A 10 1.96 -19.21 -4.53
CA GLY A 10 1.66 -18.44 -5.72
C GLY A 10 2.87 -17.73 -6.28
N LYS A 11 2.65 -16.86 -7.26
CA LYS A 11 3.75 -16.12 -7.88
C LYS A 11 4.12 -14.90 -7.05
N GLU A 12 4.37 -15.11 -5.76
CA GLU A 12 4.73 -14.03 -4.86
C GLU A 12 3.79 -12.84 -5.04
N ARG A 13 2.52 -13.12 -5.33
CA ARG A 13 1.54 -12.08 -5.52
C ARG A 13 1.21 -11.38 -4.21
N SER A 14 1.35 -12.12 -3.11
CA SER A 14 1.06 -11.58 -1.78
C SER A 14 2.16 -10.62 -1.34
N ASN A 15 3.40 -10.98 -1.63
CA ASN A 15 4.54 -10.15 -1.26
C ASN A 15 4.66 -8.94 -2.19
N GLN A 16 3.91 -8.97 -3.29
CA GLN A 16 3.93 -7.88 -4.26
C GLN A 16 3.52 -6.56 -3.59
N ALA A 17 2.30 -6.52 -3.06
CA ALA A 17 1.79 -5.33 -2.40
C ALA A 17 2.78 -4.82 -1.34
N GLU A 18 3.28 -5.74 -0.52
CA GLU A 18 4.23 -5.38 0.52
C GLU A 18 5.40 -4.59 -0.06
N ASN A 19 6.00 -5.11 -1.12
CA ASN A 19 7.13 -4.46 -1.75
C ASN A 19 6.73 -3.08 -2.28
N ILE A 20 5.53 -2.99 -2.86
CA ILE A 20 5.04 -1.73 -3.39
C ILE A 20 4.95 -0.66 -2.32
N ILE A 21 4.26 -0.98 -1.23
CA ILE A 21 4.10 -0.04 -0.12
C ILE A 21 5.45 0.51 0.32
N THR A 22 6.44 -0.37 0.42
CA THR A 22 7.78 0.02 0.84
C THR A 22 8.34 1.09 -0.09
N ASP A 23 7.95 1.05 -1.35
CA ASP A 23 8.41 2.03 -2.34
C ASP A 23 8.08 3.45 -1.88
N LEU A 24 6.80 3.78 -1.89
CA LEU A 24 6.34 5.11 -1.48
C LEU A 24 6.99 5.52 -0.15
N LEU A 25 7.12 4.56 0.75
CA LEU A 25 7.72 4.82 2.06
C LEU A 25 9.10 5.43 1.92
N ASP A 26 9.97 4.75 1.17
CA ASP A 26 11.33 5.24 0.95
C ASP A 26 11.31 6.58 0.22
N ASP A 27 10.40 6.71 -0.74
CA ASP A 27 10.30 7.95 -1.51
C ASP A 27 9.98 9.13 -0.60
N LEU A 28 8.89 9.02 0.14
CA LEU A 28 8.47 10.09 1.06
C LEU A 28 9.43 10.19 2.24
N LYS A 29 10.22 9.14 2.46
CA LYS A 29 11.18 9.11 3.54
C LYS A 29 12.01 10.39 3.56
N THR A 30 12.45 10.83 2.39
CA THR A 30 13.26 12.03 2.26
C THR A 30 12.39 13.25 2.02
N ASP A 31 11.52 13.56 2.98
CA ASP A 31 10.63 14.71 2.87
C ASP A 31 9.86 14.92 4.17
N LEU A 32 9.00 15.93 4.19
CA LEU A 32 8.19 16.24 5.37
C LEU A 32 6.71 16.10 5.07
N ASP A 33 6.39 15.50 3.93
CA ASP A 33 5.00 15.29 3.53
C ASP A 33 4.47 13.97 4.07
N ASN A 34 3.17 13.93 4.34
CA ASN A 34 2.54 12.72 4.86
C ASN A 34 3.44 12.04 5.90
N GLU A 35 3.83 12.80 6.92
CA GLU A 35 4.69 12.27 7.97
C GLU A 35 3.95 11.23 8.81
N SER A 36 3.00 11.70 9.61
CA SER A 36 2.22 10.81 10.46
C SER A 36 1.41 9.82 9.63
N LEU A 37 1.16 10.18 8.37
CA LEU A 37 0.40 9.32 7.47
C LEU A 37 1.06 7.96 7.31
N LYS A 38 2.39 7.95 7.40
CA LYS A 38 3.16 6.70 7.28
C LYS A 38 2.59 5.63 8.20
N LYS A 39 1.98 6.05 9.31
CA LYS A 39 1.40 5.12 10.26
C LYS A 39 0.45 4.15 9.56
N VAL A 40 -0.26 4.64 8.56
CA VAL A 40 -1.20 3.81 7.81
C VAL A 40 -0.47 2.76 6.99
N LEU A 41 0.25 3.20 5.96
CA LEU A 41 0.99 2.29 5.10
C LEU A 41 1.87 1.36 5.92
N GLU A 42 2.59 1.92 6.88
CA GLU A 42 3.47 1.12 7.74
C GLU A 42 2.68 0.04 8.47
N ASN A 43 1.73 0.46 9.29
CA ASN A 43 0.89 -0.47 10.04
C ASN A 43 0.31 -1.54 9.12
N TYR A 44 -0.49 -1.11 8.16
CA TYR A 44 -1.12 -2.03 7.22
C TYR A 44 -0.08 -2.96 6.59
N LEU A 45 1.05 -2.40 6.20
CA LEU A 45 2.13 -3.17 5.58
C LEU A 45 2.56 -4.31 6.50
N GLU A 46 2.61 -4.03 7.80
CA GLU A 46 3.02 -5.02 8.79
C GLU A 46 1.99 -6.15 8.87
N GLU A 47 0.71 -5.80 8.73
CA GLU A 47 -0.35 -6.79 8.79
C GLU A 47 -0.13 -7.91 7.77
N LEU A 48 0.47 -7.55 6.64
CA LEU A 48 0.76 -8.52 5.58
C LEU A 48 1.66 -9.64 6.09
N LYS A 49 2.61 -9.27 6.95
CA LYS A 49 3.54 -10.23 7.52
C LYS A 49 2.83 -11.17 8.49
N GLN A 50 1.82 -10.65 9.18
CA GLN A 50 1.06 -11.44 10.14
C GLN A 50 0.19 -12.47 9.42
N LYS A 51 0.00 -13.62 10.07
CA LYS A 51 -0.81 -14.69 9.50
C LYS A 51 -2.27 -14.55 9.91
N SER A 52 -2.61 -13.40 10.49
CA SER A 52 -3.98 -13.13 10.93
C SER A 52 -4.82 -12.58 9.79
N ALA A 53 -4.57 -11.32 9.44
CA ALA A 53 -5.31 -10.67 8.36
C ALA A 53 -4.85 -11.19 7.00
N SER A 54 -5.80 -11.35 6.09
CA SER A 54 -5.50 -11.84 4.75
C SER A 54 -4.84 -10.76 3.90
N VAL A 55 -4.10 -11.17 2.89
CA VAL A 55 -3.42 -10.23 2.00
C VAL A 55 -4.39 -9.20 1.46
N PRO A 56 -5.45 -9.67 0.78
CA PRO A 56 -6.47 -8.79 0.20
C PRO A 56 -7.32 -8.11 1.27
N LEU A 57 -7.35 -8.69 2.46
CA LEU A 57 -8.14 -8.15 3.56
C LEU A 57 -7.45 -6.92 4.15
N ILE A 58 -6.13 -6.88 4.04
CA ILE A 58 -5.36 -5.75 4.56
C ILE A 58 -5.27 -4.62 3.55
N LEU A 59 -4.97 -4.98 2.30
CA LEU A 59 -4.86 -3.99 1.23
C LEU A 59 -6.17 -3.23 1.06
N SER A 60 -7.28 -3.94 1.16
CA SER A 60 -8.61 -3.34 1.01
C SER A 60 -8.80 -2.22 2.02
N ARG A 61 -8.59 -2.55 3.30
CA ARG A 61 -8.75 -1.57 4.37
C ARG A 61 -7.74 -0.44 4.23
N MET A 62 -6.53 -0.77 3.82
CA MET A 62 -5.47 0.22 3.64
C MET A 62 -5.95 1.36 2.74
N ASN A 63 -6.31 1.01 1.50
CA ASN A 63 -6.78 2.00 0.55
C ASN A 63 -7.93 2.82 1.12
N LEU A 64 -8.92 2.12 1.67
CA LEU A 64 -10.08 2.78 2.26
C LEU A 64 -9.66 3.65 3.45
N ASP A 65 -8.47 3.40 3.96
CA ASP A 65 -7.95 4.16 5.09
C ASP A 65 -7.17 5.39 4.62
N ILE A 66 -6.30 5.19 3.65
CA ILE A 66 -5.49 6.27 3.10
C ILE A 66 -6.37 7.33 2.43
N SER A 67 -7.36 6.87 1.69
CA SER A 67 -8.27 7.77 0.98
C SER A 67 -8.83 8.83 1.94
N LYS A 68 -9.26 8.39 3.11
CA LYS A 68 -9.81 9.29 4.11
C LYS A 68 -8.74 10.23 4.65
N ALA A 69 -7.51 9.73 4.71
CA ALA A 69 -6.40 10.52 5.20
C ALA A 69 -6.07 11.68 4.26
N ILE A 70 -6.54 11.56 3.02
CA ILE A 70 -6.31 12.59 2.02
C ILE A 70 -6.97 13.90 2.41
N ARG A 71 -8.30 13.93 2.35
CA ARG A 71 -9.05 15.12 2.71
C ARG A 71 -8.72 15.58 4.12
N ASN A 72 -8.29 14.64 4.97
CA ASN A 72 -7.94 14.94 6.35
C ASN A 72 -6.92 16.07 6.40
N ASP A 73 -5.67 15.75 6.05
CA ASP A 73 -4.60 16.74 6.07
C ASP A 73 -4.36 17.31 4.68
N GLY A 74 -5.40 17.26 3.84
CA GLY A 74 -5.28 17.76 2.49
C GLY A 74 -4.08 17.20 1.76
N VAL A 75 -3.93 15.88 1.79
CA VAL A 75 -2.83 15.22 1.13
C VAL A 75 -3.08 15.07 -0.36
N THR A 76 -2.01 14.97 -1.14
CA THR A 76 -2.12 14.83 -2.59
C THR A 76 -1.12 13.82 -3.12
N LEU A 77 -1.63 12.72 -3.65
CA LEU A 77 -0.78 11.66 -4.20
C LEU A 77 -0.19 12.08 -5.54
N SER A 78 1.12 11.90 -5.69
CA SER A 78 1.82 12.26 -6.92
C SER A 78 1.52 11.25 -8.03
N ASP A 79 2.08 11.48 -9.20
CA ASP A 79 1.89 10.60 -10.34
C ASP A 79 2.18 9.15 -9.96
N TYR A 80 3.44 8.89 -9.62
CA TYR A 80 3.86 7.54 -9.23
C TYR A 80 2.96 6.99 -8.12
N GLN A 81 2.59 7.86 -7.19
CA GLN A 81 1.74 7.47 -6.07
C GLN A 81 0.40 6.93 -6.57
N SER A 82 -0.39 7.80 -7.17
CA SER A 82 -1.70 7.42 -7.69
C SER A 82 -1.59 6.18 -8.59
N LYS A 83 -0.50 6.10 -9.33
CA LYS A 83 -0.27 4.97 -10.23
C LYS A 83 -0.07 3.68 -9.43
N LYS A 84 0.87 3.70 -8.50
CA LYS A 84 1.15 2.54 -7.67
C LYS A 84 -0.08 2.11 -6.89
N LEU A 85 -1.03 3.03 -6.75
CA LEU A 85 -2.27 2.74 -6.03
C LEU A 85 -3.10 1.70 -6.76
N LYS A 86 -3.05 1.73 -8.09
CA LYS A 86 -3.80 0.78 -8.90
C LYS A 86 -3.19 -0.61 -8.81
N GLU A 87 -2.03 -0.71 -8.18
CA GLU A 87 -1.34 -1.99 -8.02
C GLU A 87 -2.21 -2.98 -7.25
N LEU A 88 -2.25 -2.82 -5.94
CA LEU A 88 -3.05 -3.69 -5.08
C LEU A 88 -4.53 -3.54 -5.37
N THR A 89 -4.87 -2.56 -6.20
CA THR A 89 -6.25 -2.31 -6.56
C THR A 89 -6.83 -3.47 -7.38
N SER A 90 -6.02 -3.98 -8.31
CA SER A 90 -6.45 -5.08 -9.17
C SER A 90 -6.41 -6.40 -8.41
N ILE A 91 -5.36 -6.59 -7.60
CA ILE A 91 -5.22 -7.81 -6.81
C ILE A 91 -6.30 -7.90 -5.74
N SER A 92 -6.50 -6.81 -5.01
CA SER A 92 -7.50 -6.77 -3.95
C SER A 92 -8.91 -6.74 -4.53
N ASN A 93 -9.82 -7.46 -3.90
CA ASN A 93 -11.21 -7.52 -4.37
C ASN A 93 -12.01 -6.34 -3.81
N ILE A 94 -11.77 -5.16 -4.36
CA ILE A 94 -12.46 -3.95 -3.92
C ILE A 94 -13.87 -3.89 -4.50
N ARG A 95 -14.73 -4.82 -4.08
CA ARG A 95 -16.10 -4.87 -4.56
C ARG A 95 -17.02 -5.48 -3.51
N TYR A 96 -17.76 -4.62 -2.81
CA TYR A 96 -18.68 -5.08 -1.76
C TYR A 96 -20.12 -4.71 -2.12
N GLY A 97 -21.04 -5.06 -1.22
CA GLY A 97 -22.45 -4.76 -1.46
C GLY A 97 -23.35 -5.90 -1.05
N TYR A 98 -23.24 -6.34 0.20
CA TYR A 98 -24.06 -7.43 0.70
C TYR A 98 -25.36 -6.91 1.30
N MET A 1 12.81 -5.80 -14.02
CA MET A 1 13.36 -4.92 -15.04
C MET A 1 12.26 -4.36 -15.93
N GLY A 2 12.12 -3.03 -15.93
CA GLY A 2 11.09 -2.39 -16.74
C GLY A 2 9.69 -2.71 -16.27
N LYS A 3 8.70 -2.07 -16.87
CA LYS A 3 7.30 -2.29 -16.50
C LYS A 3 6.49 -2.72 -17.71
N LEU A 4 7.16 -3.32 -18.69
CA LEU A 4 6.49 -3.79 -19.90
C LEU A 4 5.48 -4.90 -19.57
N LYS A 5 4.59 -5.17 -20.52
CA LYS A 5 3.58 -6.20 -20.34
C LYS A 5 2.60 -5.82 -19.23
N TRP A 6 2.65 -4.56 -18.82
CA TRP A 6 1.77 -4.07 -17.77
C TRP A 6 1.81 -4.99 -16.55
N PHE A 7 3.00 -5.49 -16.24
CA PHE A 7 3.18 -6.38 -15.09
C PHE A 7 2.25 -7.58 -15.19
N SER A 8 2.26 -8.25 -16.34
CA SER A 8 1.42 -9.41 -16.57
C SER A 8 1.86 -10.58 -15.69
N GLY A 9 3.17 -10.67 -15.46
CA GLY A 9 3.70 -11.75 -14.64
C GLY A 9 3.61 -11.44 -13.16
N GLY A 10 4.42 -12.15 -12.37
CA GLY A 10 4.42 -11.93 -10.94
C GLY A 10 3.40 -12.80 -10.22
N LYS A 11 3.81 -14.01 -9.83
CA LYS A 11 2.92 -14.94 -9.13
C LYS A 11 2.73 -14.51 -7.68
N GLU A 12 3.79 -13.99 -7.07
CA GLU A 12 3.72 -13.56 -5.69
C GLU A 12 2.85 -12.31 -5.54
N ARG A 13 1.54 -12.53 -5.39
CA ARG A 13 0.59 -11.43 -5.25
C ARG A 13 0.66 -10.85 -3.84
N SER A 14 0.83 -11.72 -2.84
CA SER A 14 0.90 -11.27 -1.45
C SER A 14 2.13 -10.41 -1.23
N ASN A 15 3.29 -10.94 -1.59
CA ASN A 15 4.56 -10.21 -1.41
C ASN A 15 4.61 -9.00 -2.35
N GLN A 16 3.77 -9.01 -3.37
CA GLN A 16 3.72 -7.92 -4.33
C GLN A 16 3.42 -6.59 -3.63
N ALA A 17 2.20 -6.47 -3.11
CA ALA A 17 1.79 -5.26 -2.42
C ALA A 17 2.81 -4.84 -1.36
N GLU A 18 3.36 -5.83 -0.66
CA GLU A 18 4.35 -5.57 0.38
C GLU A 18 5.51 -4.76 -0.17
N ASN A 19 6.07 -5.22 -1.29
CA ASN A 19 7.20 -4.54 -1.92
C ASN A 19 6.77 -3.16 -2.44
N ILE A 20 5.56 -3.08 -2.97
CA ILE A 20 5.05 -1.82 -3.50
C ILE A 20 5.00 -0.76 -2.42
N ILE A 21 4.28 -1.03 -1.34
CA ILE A 21 4.16 -0.09 -0.23
C ILE A 21 5.53 0.40 0.23
N THR A 22 6.49 -0.52 0.32
CA THR A 22 7.83 -0.19 0.75
C THR A 22 8.46 0.86 -0.17
N ASP A 23 8.06 0.84 -1.44
CA ASP A 23 8.58 1.79 -2.41
C ASP A 23 8.30 3.21 -1.98
N LEU A 24 7.03 3.61 -1.99
CA LEU A 24 6.63 4.96 -1.60
C LEU A 24 7.26 5.34 -0.26
N LEU A 25 7.39 4.35 0.62
CA LEU A 25 7.98 4.58 1.94
C LEU A 25 9.36 5.20 1.82
N ASP A 26 10.14 4.72 0.85
CA ASP A 26 11.49 5.22 0.63
C ASP A 26 11.46 6.70 0.27
N ASP A 27 10.76 7.03 -0.81
CA ASP A 27 10.66 8.42 -1.25
C ASP A 27 10.01 9.29 -0.18
N LEU A 28 9.16 8.68 0.63
CA LEU A 28 8.48 9.40 1.71
C LEU A 28 9.45 9.78 2.81
N LYS A 29 10.63 9.16 2.80
CA LYS A 29 11.65 9.45 3.80
C LYS A 29 11.89 10.95 3.93
N THR A 30 11.76 11.47 5.16
CA THR A 30 11.96 12.88 5.41
C THR A 30 11.21 13.73 4.40
N ASP A 31 10.06 13.24 3.95
CA ASP A 31 9.24 13.96 2.98
C ASP A 31 8.56 15.16 3.62
N LEU A 32 8.07 16.08 2.79
CA LEU A 32 7.41 17.28 3.28
C LEU A 32 5.88 17.08 3.30
N ASP A 33 5.46 15.82 3.31
CA ASP A 33 4.04 15.49 3.35
C ASP A 33 3.81 14.09 3.88
N ASN A 34 2.65 13.87 4.49
CA ASN A 34 2.30 12.57 5.04
C ASN A 34 3.40 12.08 5.99
N GLU A 35 3.77 12.92 6.95
CA GLU A 35 4.81 12.58 7.91
C GLU A 35 4.29 11.55 8.93
N SER A 36 2.99 11.60 9.19
CA SER A 36 2.38 10.67 10.14
C SER A 36 1.50 9.66 9.42
N LEU A 37 1.06 10.01 8.22
CA LEU A 37 0.22 9.13 7.42
C LEU A 37 0.92 7.79 7.16
N LYS A 38 2.23 7.83 7.07
CA LYS A 38 3.02 6.63 6.83
C LYS A 38 2.64 5.52 7.81
N LYS A 39 2.17 5.92 8.99
CA LYS A 39 1.77 4.96 10.01
C LYS A 39 0.77 3.95 9.45
N VAL A 40 -0.10 4.42 8.56
CA VAL A 40 -1.10 3.55 7.94
C VAL A 40 -0.45 2.52 7.03
N LEU A 41 0.32 3.00 6.05
CA LEU A 41 1.00 2.12 5.10
C LEU A 41 1.93 1.16 5.83
N GLU A 42 2.78 1.71 6.69
CA GLU A 42 3.73 0.90 7.45
C GLU A 42 3.00 -0.17 8.26
N ASN A 43 2.01 0.26 9.04
CA ASN A 43 1.23 -0.66 9.86
C ASN A 43 0.61 -1.77 9.01
N TYR A 44 -0.30 -1.39 8.13
CA TYR A 44 -0.97 -2.35 7.27
C TYR A 44 0.05 -3.23 6.55
N LEU A 45 1.16 -2.62 6.13
CA LEU A 45 2.22 -3.35 5.44
C LEU A 45 2.71 -4.53 6.27
N GLU A 46 2.82 -4.31 7.58
CA GLU A 46 3.29 -5.35 8.49
C GLU A 46 2.26 -6.49 8.58
N GLU A 47 1.00 -6.17 8.29
CA GLU A 47 -0.07 -7.16 8.34
C GLU A 47 0.15 -8.26 7.30
N LEU A 48 0.54 -7.84 6.10
CA LEU A 48 0.79 -8.79 5.01
C LEU A 48 1.74 -9.90 5.45
N LYS A 49 2.64 -9.56 6.37
CA LYS A 49 3.60 -10.52 6.88
C LYS A 49 3.01 -11.34 8.02
N GLN A 50 2.16 -10.69 8.82
CA GLN A 50 1.51 -11.35 9.95
C GLN A 50 0.36 -12.24 9.48
N LYS A 51 -0.25 -12.95 10.43
CA LYS A 51 -1.37 -13.84 10.11
C LYS A 51 -2.65 -13.33 10.75
N SER A 52 -2.60 -12.12 11.29
CA SER A 52 -3.77 -11.51 11.93
C SER A 52 -4.66 -10.83 10.90
N ALA A 53 -4.27 -10.93 9.63
CA ALA A 53 -5.04 -10.32 8.55
C ALA A 53 -4.63 -10.87 7.20
N SER A 54 -5.60 -11.14 6.34
CA SER A 54 -5.34 -11.69 5.02
C SER A 54 -4.80 -10.61 4.08
N VAL A 55 -4.08 -11.03 3.06
CA VAL A 55 -3.51 -10.10 2.09
C VAL A 55 -4.57 -9.16 1.55
N PRO A 56 -5.63 -9.73 0.95
CA PRO A 56 -6.73 -8.95 0.38
C PRO A 56 -7.58 -8.27 1.45
N LEU A 57 -7.43 -8.73 2.69
CA LEU A 57 -8.18 -8.16 3.82
C LEU A 57 -7.51 -6.89 4.32
N ILE A 58 -6.20 -6.79 4.12
CA ILE A 58 -5.45 -5.61 4.55
C ILE A 58 -5.48 -4.52 3.49
N LEU A 59 -5.19 -4.89 2.25
CA LEU A 59 -5.18 -3.94 1.14
C LEU A 59 -6.53 -3.26 1.01
N SER A 60 -7.60 -3.98 1.35
CA SER A 60 -8.95 -3.43 1.27
C SER A 60 -9.14 -2.28 2.25
N ARG A 61 -8.92 -2.57 3.53
CA ARG A 61 -9.07 -1.56 4.57
C ARG A 61 -8.03 -0.46 4.41
N MET A 62 -6.82 -0.84 4.00
CA MET A 62 -5.74 0.12 3.80
C MET A 62 -6.19 1.26 2.89
N ASN A 63 -6.59 0.91 1.67
CA ASN A 63 -7.05 1.90 0.70
C ASN A 63 -8.12 2.80 1.31
N LEU A 64 -9.14 2.19 1.89
CA LEU A 64 -10.24 2.93 2.49
C LEU A 64 -9.74 3.76 3.69
N ASP A 65 -8.56 3.41 4.19
CA ASP A 65 -7.97 4.13 5.31
C ASP A 65 -7.18 5.33 4.83
N ILE A 66 -6.24 5.10 3.92
CA ILE A 66 -5.41 6.16 3.38
C ILE A 66 -6.26 7.18 2.60
N SER A 67 -7.19 6.67 1.81
CA SER A 67 -8.06 7.53 1.02
C SER A 67 -8.68 8.63 1.88
N LYS A 68 -9.12 8.25 3.08
CA LYS A 68 -9.73 9.20 4.01
C LYS A 68 -8.68 10.14 4.59
N ALA A 69 -7.46 9.64 4.76
CA ALA A 69 -6.37 10.44 5.30
C ALA A 69 -5.96 11.54 4.32
N ILE A 70 -6.42 11.41 3.08
CA ILE A 70 -6.09 12.39 2.04
C ILE A 70 -6.65 13.77 2.40
N ARG A 71 -7.97 13.90 2.34
CA ARG A 71 -8.63 15.16 2.66
C ARG A 71 -8.29 15.62 4.07
N ASN A 72 -8.14 14.65 4.98
CA ASN A 72 -7.82 14.96 6.37
C ASN A 72 -6.56 15.80 6.46
N ASP A 73 -5.44 15.25 5.99
CA ASP A 73 -4.16 15.96 6.01
C ASP A 73 -3.98 16.80 4.75
N GLY A 74 -5.05 16.91 3.97
CA GLY A 74 -4.98 17.68 2.74
C GLY A 74 -3.80 17.30 1.87
N VAL A 75 -3.39 16.03 1.95
CA VAL A 75 -2.27 15.55 1.17
C VAL A 75 -2.70 15.18 -0.24
N THR A 76 -1.73 15.13 -1.16
CA THR A 76 -2.01 14.78 -2.55
C THR A 76 -0.99 13.80 -3.09
N LEU A 77 -1.47 12.68 -3.60
CA LEU A 77 -0.59 11.64 -4.16
C LEU A 77 -0.03 12.07 -5.51
N SER A 78 1.28 11.90 -5.68
CA SER A 78 1.94 12.27 -6.93
C SER A 78 1.63 11.26 -8.03
N ASP A 79 2.18 11.50 -9.21
CA ASP A 79 1.96 10.61 -10.35
C ASP A 79 2.28 9.17 -9.98
N TYR A 80 3.54 8.90 -9.68
CA TYR A 80 3.97 7.56 -9.32
C TYR A 80 3.11 6.99 -8.19
N GLN A 81 2.76 7.85 -7.24
CA GLN A 81 1.93 7.44 -6.11
C GLN A 81 0.58 6.92 -6.58
N SER A 82 -0.23 7.79 -7.16
CA SER A 82 -1.55 7.42 -7.65
C SER A 82 -1.45 6.19 -8.56
N LYS A 83 -0.37 6.10 -9.32
CA LYS A 83 -0.16 4.98 -10.22
C LYS A 83 0.02 3.68 -9.44
N LYS A 84 0.94 3.68 -8.49
CA LYS A 84 1.20 2.50 -7.67
C LYS A 84 -0.04 2.09 -6.91
N LEU A 85 -0.99 3.01 -6.77
CA LEU A 85 -2.23 2.73 -6.06
C LEU A 85 -3.07 1.70 -6.82
N LYS A 86 -2.99 1.74 -8.14
CA LYS A 86 -3.74 0.81 -8.97
C LYS A 86 -3.16 -0.60 -8.88
N GLU A 87 -2.00 -0.71 -8.24
CA GLU A 87 -1.34 -2.00 -8.08
C GLU A 87 -2.24 -2.99 -7.34
N LEU A 88 -2.30 -2.84 -6.01
CA LEU A 88 -3.11 -3.72 -5.19
C LEU A 88 -4.59 -3.56 -5.52
N THR A 89 -4.90 -2.56 -6.33
CA THR A 89 -6.29 -2.29 -6.73
C THR A 89 -6.84 -3.43 -7.58
N SER A 90 -6.09 -3.82 -8.60
CA SER A 90 -6.51 -4.89 -9.49
C SER A 90 -6.32 -6.25 -8.83
N ILE A 91 -5.31 -6.35 -7.97
CA ILE A 91 -5.02 -7.60 -7.27
C ILE A 91 -6.09 -7.89 -6.21
N SER A 92 -6.63 -6.82 -5.62
CA SER A 92 -7.65 -6.96 -4.59
C SER A 92 -8.97 -7.42 -5.20
N ASN A 93 -9.81 -8.06 -4.38
CA ASN A 93 -11.11 -8.54 -4.84
C ASN A 93 -12.11 -7.40 -4.94
N ILE A 94 -11.96 -6.40 -4.09
CA ILE A 94 -12.85 -5.25 -4.10
C ILE A 94 -14.31 -5.68 -4.01
N ARG A 95 -14.72 -6.11 -2.82
CA ARG A 95 -16.10 -6.56 -2.61
C ARG A 95 -17.02 -5.37 -2.34
N TYR A 96 -16.44 -4.29 -1.82
CA TYR A 96 -17.21 -3.09 -1.52
C TYR A 96 -17.94 -2.58 -2.76
N GLY A 97 -18.77 -1.56 -2.57
CA GLY A 97 -19.52 -1.00 -3.68
C GLY A 97 -20.85 -0.43 -3.26
N TYR A 98 -21.43 -0.99 -2.20
CA TYR A 98 -22.72 -0.54 -1.69
C TYR A 98 -22.60 -0.06 -0.25
N MET A 1 -12.84 -9.53 2.03
CA MET A 1 -14.06 -10.25 2.33
C MET A 1 -14.66 -10.85 1.06
N GLY A 2 -15.20 -12.06 1.19
CA GLY A 2 -15.80 -12.73 0.04
C GLY A 2 -14.98 -13.90 -0.45
N LYS A 3 -14.93 -14.09 -1.77
CA LYS A 3 -14.16 -15.18 -2.36
C LYS A 3 -12.72 -15.16 -1.87
N LEU A 4 -12.11 -16.34 -1.82
CA LEU A 4 -10.72 -16.46 -1.38
C LEU A 4 -10.00 -17.55 -2.15
N LYS A 5 -8.93 -17.16 -2.86
CA LYS A 5 -8.15 -18.11 -3.64
C LYS A 5 -7.71 -19.30 -2.79
N TRP A 6 -8.33 -20.45 -3.03
CA TRP A 6 -8.01 -21.65 -2.28
C TRP A 6 -6.74 -22.30 -2.82
N PHE A 7 -5.60 -21.65 -2.59
CA PHE A 7 -4.32 -22.17 -3.05
C PHE A 7 -4.34 -22.38 -4.57
N SER A 8 -4.74 -21.36 -5.31
CA SER A 8 -4.81 -21.44 -6.76
C SER A 8 -3.42 -21.54 -7.36
N GLY A 9 -2.64 -20.47 -7.21
CA GLY A 9 -1.29 -20.46 -7.76
C GLY A 9 -0.61 -19.11 -7.58
N GLY A 10 0.71 -19.14 -7.45
CA GLY A 10 1.47 -17.91 -7.27
C GLY A 10 1.30 -17.32 -5.88
N LYS A 11 2.04 -17.87 -4.92
CA LYS A 11 1.97 -17.41 -3.55
C LYS A 11 2.78 -16.12 -3.36
N GLU A 12 3.73 -15.90 -4.27
CA GLU A 12 4.56 -14.69 -4.21
C GLU A 12 3.78 -13.47 -4.66
N ARG A 13 2.55 -13.69 -5.13
CA ARG A 13 1.70 -12.60 -5.60
C ARG A 13 1.25 -11.73 -4.43
N SER A 14 1.13 -12.35 -3.25
CA SER A 14 0.70 -11.64 -2.05
C SER A 14 1.80 -10.72 -1.54
N ASN A 15 3.06 -11.14 -1.71
CA ASN A 15 4.20 -10.35 -1.27
C ASN A 15 4.42 -9.15 -2.18
N GLN A 16 3.76 -9.15 -3.33
CA GLN A 16 3.89 -8.07 -4.28
C GLN A 16 3.47 -6.74 -3.66
N ALA A 17 2.24 -6.71 -3.13
CA ALA A 17 1.71 -5.50 -2.50
C ALA A 17 2.70 -4.96 -1.45
N GLU A 18 3.14 -5.83 -0.56
CA GLU A 18 4.07 -5.44 0.49
C GLU A 18 5.30 -4.75 -0.11
N ASN A 19 5.79 -5.29 -1.22
CA ASN A 19 6.96 -4.72 -1.89
C ASN A 19 6.65 -3.33 -2.44
N ILE A 20 5.44 -3.15 -2.94
CA ILE A 20 5.02 -1.87 -3.49
C ILE A 20 4.93 -0.80 -2.40
N ILE A 21 4.23 -1.13 -1.32
CA ILE A 21 4.08 -0.19 -0.21
C ILE A 21 5.42 0.36 0.23
N THR A 22 6.43 -0.51 0.31
CA THR A 22 7.76 -0.10 0.72
C THR A 22 8.29 1.02 -0.17
N ASP A 23 7.87 1.02 -1.43
CA ASP A 23 8.30 2.04 -2.38
C ASP A 23 7.95 3.43 -1.87
N LEU A 24 6.66 3.72 -1.80
CA LEU A 24 6.19 5.02 -1.33
C LEU A 24 6.88 5.42 -0.03
N LEU A 25 7.14 4.43 0.82
CA LEU A 25 7.80 4.68 2.10
C LEU A 25 9.14 5.38 1.89
N ASP A 26 9.98 4.78 1.05
CA ASP A 26 11.30 5.34 0.76
C ASP A 26 11.17 6.71 0.11
N ASP A 27 10.15 6.88 -0.72
CA ASP A 27 9.92 8.15 -1.41
C ASP A 27 9.66 9.26 -0.40
N LEU A 28 8.68 9.07 0.47
CA LEU A 28 8.34 10.05 1.49
C LEU A 28 9.35 10.04 2.63
N LYS A 29 10.26 9.08 2.60
CA LYS A 29 11.28 8.95 3.63
C LYS A 29 11.96 10.29 3.88
N THR A 30 12.49 10.89 2.83
CA THR A 30 13.17 12.18 2.94
C THR A 30 12.17 13.34 2.90
N ASP A 31 10.91 13.01 2.64
CA ASP A 31 9.85 14.02 2.58
C ASP A 31 9.53 14.54 3.97
N LEU A 32 8.91 15.71 4.02
CA LEU A 32 8.54 16.33 5.29
C LEU A 32 7.08 16.75 5.29
N ASP A 33 6.34 16.31 4.28
CA ASP A 33 4.92 16.64 4.16
C ASP A 33 4.06 15.60 4.88
N ASN A 34 3.93 14.43 4.28
CA ASN A 34 3.13 13.36 4.87
C ASN A 34 4.02 12.41 5.68
N GLU A 35 4.62 12.95 6.74
CA GLU A 35 5.50 12.15 7.60
C GLU A 35 4.67 11.24 8.52
N SER A 36 3.55 11.76 9.00
CA SER A 36 2.68 11.00 9.89
C SER A 36 1.81 10.03 9.09
N LEU A 37 1.48 10.40 7.86
CA LEU A 37 0.67 9.55 7.00
C LEU A 37 1.31 8.18 6.81
N LYS A 38 2.63 8.16 6.77
CA LYS A 38 3.37 6.91 6.59
C LYS A 38 2.91 5.86 7.60
N LYS A 39 2.42 6.33 8.75
CA LYS A 39 1.94 5.44 9.80
C LYS A 39 0.94 4.42 9.24
N VAL A 40 0.13 4.86 8.28
CA VAL A 40 -0.87 4.00 7.66
C VAL A 40 -0.20 2.91 6.84
N LEU A 41 0.54 3.31 5.81
CA LEU A 41 1.22 2.36 4.94
C LEU A 41 2.04 1.37 5.75
N GLU A 42 2.89 1.89 6.62
CA GLU A 42 3.74 1.05 7.47
C GLU A 42 2.89 0.07 8.28
N ASN A 43 1.87 0.61 8.96
CA ASN A 43 0.99 -0.20 9.78
C ASN A 43 0.37 -1.33 8.97
N TYR A 44 -0.50 -0.96 8.03
CA TYR A 44 -1.16 -1.94 7.18
C TYR A 44 -0.15 -2.89 6.56
N LEU A 45 1.01 -2.36 6.18
CA LEU A 45 2.06 -3.17 5.57
C LEU A 45 2.48 -4.31 6.50
N GLU A 46 2.63 -3.99 7.78
CA GLU A 46 3.04 -5.00 8.76
C GLU A 46 1.95 -6.06 8.92
N GLU A 47 0.70 -5.68 8.66
CA GLU A 47 -0.42 -6.60 8.77
C GLU A 47 -0.29 -7.75 7.78
N LEU A 48 0.31 -7.46 6.62
CA LEU A 48 0.50 -8.47 5.59
C LEU A 48 1.35 -9.62 6.10
N LYS A 49 2.42 -9.28 6.82
CA LYS A 49 3.33 -10.28 7.37
C LYS A 49 2.61 -11.16 8.39
N GLN A 50 1.57 -10.61 9.02
CA GLN A 50 0.80 -11.34 10.01
C GLN A 50 -0.06 -12.41 9.36
N LYS A 51 -0.14 -13.57 10.02
CA LYS A 51 -0.93 -14.68 9.50
C LYS A 51 -2.38 -14.57 9.93
N SER A 52 -2.72 -13.46 10.58
CA SER A 52 -4.08 -13.22 11.05
C SER A 52 -4.93 -12.61 9.95
N ALA A 53 -4.63 -11.36 9.59
CA ALA A 53 -5.37 -10.66 8.55
C ALA A 53 -5.01 -11.19 7.18
N SER A 54 -6.01 -11.31 6.31
CA SER A 54 -5.80 -11.81 4.96
C SER A 54 -5.15 -10.75 4.08
N VAL A 55 -4.40 -11.19 3.07
CA VAL A 55 -3.72 -10.28 2.16
C VAL A 55 -4.69 -9.25 1.59
N PRO A 56 -5.75 -9.74 0.93
CA PRO A 56 -6.78 -8.88 0.33
C PRO A 56 -7.62 -8.17 1.38
N LEU A 57 -7.54 -8.65 2.62
CA LEU A 57 -8.31 -8.05 3.71
C LEU A 57 -7.60 -6.82 4.26
N ILE A 58 -6.30 -6.73 4.03
CA ILE A 58 -5.52 -5.59 4.50
C ILE A 58 -5.31 -4.57 3.39
N LEU A 59 -5.11 -5.06 2.16
CA LEU A 59 -4.91 -4.18 1.01
C LEU A 59 -6.09 -3.24 0.82
N SER A 60 -7.27 -3.83 0.61
CA SER A 60 -8.49 -3.04 0.41
C SER A 60 -8.74 -2.12 1.60
N ARG A 61 -8.44 -2.63 2.80
CA ARG A 61 -8.64 -1.85 4.02
C ARG A 61 -7.72 -0.63 4.05
N MET A 62 -6.44 -0.85 3.73
CA MET A 62 -5.46 0.23 3.72
C MET A 62 -5.96 1.41 2.89
N ASN A 63 -6.32 1.13 1.63
CA ASN A 63 -6.81 2.18 0.74
C ASN A 63 -7.96 2.93 1.37
N LEU A 64 -8.86 2.21 2.02
CA LEU A 64 -10.01 2.81 2.67
C LEU A 64 -9.58 3.74 3.81
N ASP A 65 -8.40 3.47 4.36
CA ASP A 65 -7.87 4.27 5.44
C ASP A 65 -7.11 5.48 4.90
N ILE A 66 -6.33 5.27 3.86
CA ILE A 66 -5.54 6.34 3.25
C ILE A 66 -6.46 7.39 2.62
N SER A 67 -7.51 6.94 1.96
CA SER A 67 -8.45 7.84 1.31
C SER A 67 -8.94 8.91 2.29
N LYS A 68 -9.34 8.48 3.48
CA LYS A 68 -9.82 9.39 4.50
C LYS A 68 -8.70 10.34 4.95
N ALA A 69 -7.47 9.85 4.93
CA ALA A 69 -6.33 10.65 5.34
C ALA A 69 -6.07 11.78 4.35
N ILE A 70 -6.60 11.64 3.14
CA ILE A 70 -6.44 12.66 2.11
C ILE A 70 -7.11 13.96 2.51
N ARG A 71 -8.43 13.97 2.54
CA ARG A 71 -9.20 15.15 2.91
C ARG A 71 -8.79 15.64 4.30
N ASN A 72 -8.32 14.72 5.14
CA ASN A 72 -7.90 15.06 6.49
C ASN A 72 -6.91 16.22 6.47
N ASP A 73 -5.67 15.95 6.07
CA ASP A 73 -4.64 16.97 6.01
C ASP A 73 -4.51 17.52 4.60
N GLY A 74 -5.56 17.36 3.80
CA GLY A 74 -5.54 17.85 2.44
C GLY A 74 -4.32 17.39 1.67
N VAL A 75 -3.91 16.15 1.91
CA VAL A 75 -2.73 15.58 1.24
C VAL A 75 -3.09 15.12 -0.17
N THR A 76 -2.31 15.56 -1.15
CA THR A 76 -2.54 15.19 -2.55
C THR A 76 -1.59 14.10 -2.98
N LEU A 77 -2.13 13.01 -3.54
CA LEU A 77 -1.33 11.90 -4.00
C LEU A 77 -0.60 12.24 -5.30
N SER A 78 0.71 12.01 -5.32
CA SER A 78 1.51 12.30 -6.50
C SER A 78 1.24 11.29 -7.60
N ASP A 79 1.78 11.56 -8.80
CA ASP A 79 1.60 10.67 -9.94
C ASP A 79 1.96 9.24 -9.57
N TYR A 80 3.20 9.03 -9.17
CA TYR A 80 3.67 7.70 -8.80
C TYR A 80 2.80 7.11 -7.69
N GLN A 81 2.36 7.96 -6.77
CA GLN A 81 1.52 7.52 -5.66
C GLN A 81 0.26 6.86 -6.17
N SER A 82 -0.68 7.67 -6.66
CA SER A 82 -1.95 7.17 -7.17
C SER A 82 -1.71 6.03 -8.16
N LYS A 83 -0.61 6.11 -8.90
CA LYS A 83 -0.27 5.09 -9.88
C LYS A 83 0.04 3.77 -9.20
N LYS A 84 0.82 3.82 -8.13
CA LYS A 84 1.18 2.62 -7.39
C LYS A 84 -0.04 1.98 -6.75
N LEU A 85 -1.09 2.78 -6.55
CA LEU A 85 -2.32 2.28 -5.94
C LEU A 85 -3.02 1.29 -6.87
N LYS A 86 -2.91 1.52 -8.17
CA LYS A 86 -3.52 0.64 -9.16
C LYS A 86 -2.77 -0.69 -9.25
N GLU A 87 -1.62 -0.76 -8.57
CA GLU A 87 -0.82 -1.98 -8.57
C GLU A 87 -1.54 -3.12 -7.85
N LEU A 88 -1.53 -3.05 -6.52
CA LEU A 88 -2.18 -4.07 -5.72
C LEU A 88 -3.70 -4.06 -5.92
N THR A 89 -4.17 -3.07 -6.68
CA THR A 89 -5.59 -2.94 -6.96
C THR A 89 -6.12 -4.13 -7.74
N SER A 90 -5.22 -4.78 -8.47
CA SER A 90 -5.60 -5.95 -9.27
C SER A 90 -5.76 -7.19 -8.40
N ILE A 91 -4.81 -7.39 -7.49
CA ILE A 91 -4.85 -8.54 -6.59
C ILE A 91 -6.07 -8.46 -5.66
N SER A 92 -6.52 -7.25 -5.40
CA SER A 92 -7.68 -7.04 -4.53
C SER A 92 -8.97 -7.48 -5.20
N ASN A 93 -9.75 -8.30 -4.52
CA ASN A 93 -11.01 -8.80 -5.05
C ASN A 93 -12.09 -7.73 -4.99
N ILE A 94 -11.94 -6.80 -4.05
CA ILE A 94 -12.90 -5.72 -3.88
C ILE A 94 -12.69 -4.62 -4.91
N ARG A 95 -12.93 -4.95 -6.18
CA ARG A 95 -12.76 -3.99 -7.26
C ARG A 95 -13.73 -2.82 -7.11
N TYR A 96 -15.02 -3.09 -7.32
CA TYR A 96 -16.04 -2.06 -7.22
C TYR A 96 -15.99 -1.39 -5.85
N GLY A 97 -16.75 -0.31 -5.70
CA GLY A 97 -16.78 0.41 -4.44
C GLY A 97 -17.98 0.04 -3.59
N TYR A 98 -18.28 -1.26 -3.55
CA TYR A 98 -19.41 -1.74 -2.76
C TYR A 98 -19.02 -2.99 -1.97
N MET A 1 30.45 -12.51 -16.91
CA MET A 1 31.11 -11.73 -17.95
C MET A 1 30.10 -11.23 -18.97
N GLY A 2 30.13 -9.93 -19.23
CA GLY A 2 29.21 -9.34 -20.21
C GLY A 2 28.18 -8.44 -19.55
N LYS A 3 26.91 -8.83 -19.65
CA LYS A 3 25.83 -8.04 -19.06
C LYS A 3 24.70 -8.95 -18.58
N LEU A 4 23.74 -8.37 -17.90
CA LEU A 4 22.59 -9.13 -17.38
C LEU A 4 21.28 -8.44 -17.77
N LYS A 5 20.23 -9.25 -17.94
CA LYS A 5 18.92 -8.73 -18.30
C LYS A 5 17.86 -9.20 -17.31
N TRP A 6 17.26 -8.27 -16.59
CA TRP A 6 16.22 -8.59 -15.61
C TRP A 6 14.88 -8.84 -16.30
N PHE A 7 14.35 -10.04 -16.14
CA PHE A 7 13.07 -10.41 -16.74
C PHE A 7 11.91 -10.05 -15.82
N SER A 8 10.99 -9.24 -16.32
CA SER A 8 9.83 -8.82 -15.54
C SER A 8 8.95 -10.02 -15.19
N GLY A 9 8.66 -10.17 -13.91
CA GLY A 9 7.83 -11.28 -13.46
C GLY A 9 7.08 -10.96 -12.18
N GLY A 10 7.45 -11.63 -11.09
CA GLY A 10 6.79 -11.39 -9.82
C GLY A 10 5.41 -12.03 -9.76
N LYS A 11 5.37 -13.35 -9.66
CA LYS A 11 4.10 -14.07 -9.59
C LYS A 11 3.46 -13.91 -8.22
N GLU A 12 4.28 -13.70 -7.19
CA GLU A 12 3.80 -13.53 -5.84
C GLU A 12 3.05 -12.21 -5.69
N ARG A 13 1.72 -12.29 -5.64
CA ARG A 13 0.88 -11.11 -5.52
C ARG A 13 0.91 -10.59 -4.08
N SER A 14 1.10 -11.50 -3.12
CA SER A 14 1.14 -11.13 -1.72
C SER A 14 2.36 -10.28 -1.41
N ASN A 15 3.53 -10.72 -1.88
CA ASN A 15 4.77 -9.98 -1.67
C ASN A 15 4.78 -8.68 -2.46
N GLN A 16 3.97 -8.62 -3.51
CA GLN A 16 3.89 -7.43 -4.34
C GLN A 16 3.48 -6.22 -3.52
N ALA A 17 2.34 -6.34 -2.84
CA ALA A 17 1.83 -5.25 -2.01
C ALA A 17 2.90 -4.74 -1.05
N GLU A 18 3.50 -5.66 -0.29
CA GLU A 18 4.53 -5.31 0.67
C GLU A 18 5.65 -4.51 0.00
N ASN A 19 6.02 -4.91 -1.21
CA ASN A 19 7.07 -4.23 -1.95
C ASN A 19 6.64 -2.81 -2.32
N ILE A 20 5.39 -2.68 -2.77
CA ILE A 20 4.86 -1.38 -3.15
C ILE A 20 4.88 -0.39 -1.99
N ILE A 21 4.13 -0.72 -0.94
CA ILE A 21 4.07 0.12 0.25
C ILE A 21 5.47 0.48 0.75
N THR A 22 6.31 -0.53 0.93
CA THR A 22 7.67 -0.32 1.40
C THR A 22 8.43 0.63 0.48
N ASP A 23 8.13 0.56 -0.82
CA ASP A 23 8.78 1.42 -1.80
C ASP A 23 8.56 2.89 -1.45
N LEU A 24 7.31 3.31 -1.44
CA LEU A 24 6.98 4.70 -1.13
C LEU A 24 7.67 5.16 0.15
N LEU A 25 7.71 4.29 1.14
CA LEU A 25 8.36 4.60 2.42
C LEU A 25 9.81 5.03 2.20
N ASP A 26 10.48 4.38 1.26
CA ASP A 26 11.87 4.69 0.95
C ASP A 26 12.00 6.13 0.46
N ASP A 27 11.30 6.44 -0.63
CA ASP A 27 11.34 7.79 -1.20
C ASP A 27 10.83 8.82 -0.20
N LEU A 28 9.88 8.41 0.64
CA LEU A 28 9.32 9.30 1.64
C LEU A 28 10.34 9.61 2.73
N LYS A 29 11.35 8.77 2.85
CA LYS A 29 12.39 8.95 3.85
C LYS A 29 12.92 10.38 3.82
N THR A 30 13.57 10.75 2.72
CA THR A 30 14.12 12.08 2.57
C THR A 30 13.06 13.07 2.09
N ASP A 31 12.07 12.56 1.37
CA ASP A 31 10.99 13.40 0.86
C ASP A 31 10.05 13.83 1.98
N LEU A 32 9.21 14.81 1.70
CA LEU A 32 8.27 15.33 2.69
C LEU A 32 6.84 15.33 2.14
N ASP A 33 6.48 14.24 1.46
CA ASP A 33 5.15 14.11 0.88
C ASP A 33 4.14 13.67 1.93
N ASN A 34 4.62 12.98 2.96
CA ASN A 34 3.77 12.50 4.03
C ASN A 34 4.55 12.33 5.33
N GLU A 35 3.94 12.72 6.44
CA GLU A 35 4.58 12.61 7.74
C GLU A 35 3.82 11.66 8.65
N SER A 36 2.57 12.01 8.94
CA SER A 36 1.72 11.18 9.81
C SER A 36 0.93 10.17 8.99
N LEU A 37 0.67 10.51 7.73
CA LEU A 37 -0.09 9.63 6.84
C LEU A 37 0.61 8.28 6.71
N LYS A 38 1.94 8.30 6.73
CA LYS A 38 2.73 7.08 6.60
C LYS A 38 2.25 6.02 7.60
N LYS A 39 1.68 6.48 8.71
CA LYS A 39 1.18 5.58 9.74
C LYS A 39 0.24 4.54 9.13
N VAL A 40 -0.54 4.96 8.15
CA VAL A 40 -1.48 4.06 7.48
C VAL A 40 -0.76 2.99 6.69
N LEU A 41 0.13 3.42 5.80
CA LEU A 41 0.90 2.49 4.97
C LEU A 41 1.75 1.56 5.84
N GLU A 42 2.53 2.15 6.73
CA GLU A 42 3.39 1.37 7.62
C GLU A 42 2.57 0.35 8.41
N ASN A 43 1.55 0.84 9.10
CA ASN A 43 0.69 -0.04 9.90
C ASN A 43 0.20 -1.23 9.07
N TYR A 44 -0.64 -0.94 8.08
CA TYR A 44 -1.19 -1.97 7.21
C TYR A 44 -0.08 -2.86 6.65
N LEU A 45 1.03 -2.23 6.26
CA LEU A 45 2.16 -2.95 5.70
C LEU A 45 2.65 -4.03 6.68
N GLU A 46 2.59 -3.72 7.97
CA GLU A 46 3.03 -4.66 8.99
C GLU A 46 2.09 -5.87 9.05
N GLU A 47 0.85 -5.67 8.64
CA GLU A 47 -0.14 -6.74 8.64
C GLU A 47 0.31 -7.91 7.75
N LEU A 48 0.77 -7.58 6.55
CA LEU A 48 1.22 -8.59 5.60
C LEU A 48 2.26 -9.50 6.25
N LYS A 49 3.04 -8.95 7.17
CA LYS A 49 4.06 -9.72 7.86
C LYS A 49 3.44 -10.80 8.74
N GLN A 50 2.37 -10.45 9.44
CA GLN A 50 1.68 -11.39 10.31
C GLN A 50 0.78 -12.32 9.50
N LYS A 51 0.45 -13.48 10.07
CA LYS A 51 -0.40 -14.45 9.40
C LYS A 51 -1.85 -14.30 9.85
N SER A 52 -2.17 -13.16 10.44
CA SER A 52 -3.52 -12.90 10.91
C SER A 52 -4.39 -12.34 9.79
N ALA A 53 -4.18 -11.08 9.43
CA ALA A 53 -4.94 -10.43 8.37
C ALA A 53 -4.50 -10.95 7.01
N SER A 54 -5.49 -11.26 6.16
CA SER A 54 -5.21 -11.76 4.82
C SER A 54 -4.70 -10.65 3.91
N VAL A 55 -3.96 -11.02 2.88
CA VAL A 55 -3.41 -10.05 1.93
C VAL A 55 -4.50 -9.13 1.40
N PRO A 56 -5.54 -9.72 0.80
CA PRO A 56 -6.67 -8.97 0.24
C PRO A 56 -7.54 -8.34 1.32
N LEU A 57 -7.35 -8.78 2.57
CA LEU A 57 -8.11 -8.26 3.69
C LEU A 57 -7.58 -6.90 4.13
N ILE A 58 -6.27 -6.70 3.98
CA ILE A 58 -5.65 -5.43 4.36
C ILE A 58 -5.72 -4.43 3.22
N LEU A 59 -5.45 -4.88 2.00
CA LEU A 59 -5.50 -4.01 0.83
C LEU A 59 -6.88 -3.40 0.66
N SER A 60 -7.90 -4.11 1.14
CA SER A 60 -9.27 -3.63 1.04
C SER A 60 -9.47 -2.37 1.87
N ARG A 61 -9.34 -2.52 3.19
CA ARG A 61 -9.51 -1.39 4.11
C ARG A 61 -8.43 -0.34 3.88
N MET A 62 -7.25 -0.80 3.49
CA MET A 62 -6.13 0.10 3.25
C MET A 62 -6.54 1.22 2.28
N ASN A 63 -6.99 0.83 1.09
CA ASN A 63 -7.42 1.79 0.07
C ASN A 63 -8.46 2.75 0.64
N LEU A 64 -9.45 2.20 1.35
CA LEU A 64 -10.51 3.01 1.94
C LEU A 64 -9.98 3.83 3.10
N ASP A 65 -8.75 3.53 3.52
CA ASP A 65 -8.12 4.25 4.63
C ASP A 65 -7.24 5.38 4.12
N ILE A 66 -6.44 5.09 3.10
CA ILE A 66 -5.55 6.08 2.53
C ILE A 66 -6.33 7.20 1.85
N SER A 67 -7.14 6.84 0.86
CA SER A 67 -7.95 7.80 0.13
C SER A 67 -8.72 8.70 1.08
N LYS A 68 -9.41 8.09 2.03
CA LYS A 68 -10.19 8.83 3.02
C LYS A 68 -9.28 9.69 3.90
N ALA A 69 -8.07 9.19 4.14
CA ALA A 69 -7.10 9.92 4.96
C ALA A 69 -6.64 11.21 4.27
N ILE A 70 -6.84 11.26 2.96
CA ILE A 70 -6.44 12.44 2.18
C ILE A 70 -7.24 13.66 2.62
N ARG A 71 -8.53 13.69 2.28
CA ARG A 71 -9.38 14.80 2.63
C ARG A 71 -9.41 15.02 4.14
N ASN A 72 -9.15 13.95 4.89
CA ASN A 72 -9.15 14.03 6.35
C ASN A 72 -8.23 15.15 6.83
N ASP A 73 -6.92 14.93 6.76
CA ASP A 73 -5.95 15.91 7.19
C ASP A 73 -5.74 16.97 6.10
N GLY A 74 -5.68 16.54 4.85
CA GLY A 74 -5.49 17.45 3.75
C GLY A 74 -4.20 17.20 3.00
N VAL A 75 -3.75 15.95 3.01
CA VAL A 75 -2.51 15.57 2.33
C VAL A 75 -2.76 15.36 0.84
N THR A 76 -1.71 15.00 0.11
CA THR A 76 -1.80 14.78 -1.32
C THR A 76 -0.80 13.72 -1.77
N LEU A 77 -1.28 12.76 -2.56
CA LEU A 77 -0.42 11.69 -3.07
C LEU A 77 0.32 12.14 -4.32
N SER A 78 1.60 11.78 -4.40
CA SER A 78 2.43 12.15 -5.54
C SER A 78 2.00 11.39 -6.78
N ASP A 79 2.58 11.76 -7.92
CA ASP A 79 2.26 11.11 -9.19
C ASP A 79 2.44 9.60 -9.08
N TYR A 80 3.67 9.17 -8.85
CA TYR A 80 3.98 7.74 -8.73
C TYR A 80 3.15 7.10 -7.61
N GLN A 81 2.71 7.92 -6.66
CA GLN A 81 1.91 7.45 -5.54
C GLN A 81 0.49 7.12 -5.99
N SER A 82 -0.16 8.09 -6.61
CA SER A 82 -1.53 7.91 -7.08
C SER A 82 -1.65 6.65 -7.93
N LYS A 83 -0.67 6.44 -8.81
CA LYS A 83 -0.67 5.27 -9.68
C LYS A 83 -0.44 4.00 -8.87
N LYS A 84 0.31 4.12 -7.79
CA LYS A 84 0.62 2.98 -6.93
C LYS A 84 -0.64 2.47 -6.23
N LEU A 85 -1.65 3.33 -6.16
CA LEU A 85 -2.92 2.96 -5.52
C LEU A 85 -3.64 1.89 -6.33
N LYS A 86 -3.55 1.98 -7.65
CA LYS A 86 -4.20 1.02 -8.53
C LYS A 86 -3.47 -0.33 -8.48
N GLU A 87 -2.33 -0.36 -7.83
CA GLU A 87 -1.54 -1.58 -7.71
C GLU A 87 -2.34 -2.67 -7.00
N LEU A 88 -2.41 -2.57 -5.68
CA LEU A 88 -3.14 -3.55 -4.88
C LEU A 88 -4.64 -3.52 -5.20
N THR A 89 -5.04 -2.52 -5.98
CA THR A 89 -6.43 -2.37 -6.38
C THR A 89 -6.90 -3.54 -7.24
N SER A 90 -6.09 -3.88 -8.25
CA SER A 90 -6.41 -4.97 -9.16
C SER A 90 -6.11 -6.31 -8.52
N ILE A 91 -5.20 -6.30 -7.54
CA ILE A 91 -4.82 -7.53 -6.85
C ILE A 91 -5.93 -8.00 -5.91
N SER A 92 -6.89 -7.12 -5.66
CA SER A 92 -8.01 -7.44 -4.78
C SER A 92 -9.05 -8.28 -5.50
N ASN A 93 -8.78 -8.59 -6.77
CA ASN A 93 -9.68 -9.39 -7.57
C ASN A 93 -9.59 -10.87 -7.20
N ILE A 94 -9.83 -11.16 -5.93
CA ILE A 94 -9.77 -12.54 -5.44
C ILE A 94 -11.04 -13.31 -5.80
N ARG A 95 -11.32 -13.40 -7.09
CA ARG A 95 -12.51 -14.11 -7.57
C ARG A 95 -12.11 -15.42 -8.26
N TYR A 96 -10.93 -15.43 -8.86
CA TYR A 96 -10.44 -16.63 -9.55
C TYR A 96 -9.36 -17.33 -8.74
N GLY A 97 -8.21 -16.67 -8.60
CA GLY A 97 -7.11 -17.24 -7.86
C GLY A 97 -5.80 -17.21 -8.62
N TYR A 98 -5.89 -17.42 -9.93
CA TYR A 98 -4.70 -17.42 -10.78
C TYR A 98 -4.41 -16.02 -11.32
N MET A 1 26.20 -1.97 -12.53
CA MET A 1 27.38 -1.12 -12.64
C MET A 1 27.01 0.36 -12.44
N GLY A 2 25.95 0.59 -11.67
CA GLY A 2 25.51 1.94 -11.42
C GLY A 2 24.78 2.08 -10.09
N LYS A 3 23.81 3.00 -10.04
CA LYS A 3 23.04 3.22 -8.82
C LYS A 3 21.55 3.20 -9.12
N LEU A 4 20.94 2.03 -9.00
CA LEU A 4 19.51 1.87 -9.25
C LEU A 4 18.89 0.88 -8.27
N LYS A 5 17.60 1.05 -8.01
CA LYS A 5 16.88 0.17 -7.09
C LYS A 5 15.65 -0.42 -7.76
N TRP A 6 15.44 -0.06 -9.03
CA TRP A 6 14.29 -0.56 -9.78
C TRP A 6 14.59 -1.94 -10.37
N PHE A 7 13.77 -2.92 -10.01
CA PHE A 7 13.95 -4.29 -10.49
C PHE A 7 12.61 -5.01 -10.58
N SER A 8 12.36 -5.65 -11.73
CA SER A 8 11.11 -6.37 -11.93
C SER A 8 11.05 -7.61 -11.04
N GLY A 9 10.21 -7.56 -10.02
CA GLY A 9 10.07 -8.69 -9.11
C GLY A 9 8.64 -8.90 -8.66
N GLY A 10 8.05 -10.02 -9.08
CA GLY A 10 6.68 -10.31 -8.71
C GLY A 10 6.39 -11.80 -8.75
N LYS A 11 7.02 -12.54 -7.85
CA LYS A 11 6.82 -13.99 -7.78
C LYS A 11 5.53 -14.33 -7.02
N GLU A 12 4.84 -13.29 -6.56
CA GLU A 12 3.60 -13.48 -5.81
C GLU A 12 2.79 -12.18 -5.78
N ARG A 13 1.48 -12.31 -5.98
CA ARG A 13 0.59 -11.15 -5.97
C ARG A 13 0.45 -10.58 -4.56
N SER A 14 0.51 -11.46 -3.56
CA SER A 14 0.38 -11.05 -2.17
C SER A 14 1.64 -10.31 -1.71
N ASN A 15 2.79 -10.91 -1.95
CA ASN A 15 4.07 -10.31 -1.57
C ASN A 15 4.36 -9.07 -2.38
N GLN A 16 3.70 -8.95 -3.54
CA GLN A 16 3.89 -7.80 -4.41
C GLN A 16 3.53 -6.50 -3.70
N ALA A 17 2.33 -6.45 -3.13
CA ALA A 17 1.87 -5.26 -2.42
C ALA A 17 2.90 -4.82 -1.38
N GLU A 18 3.43 -5.77 -0.63
CA GLU A 18 4.42 -5.48 0.40
C GLU A 18 5.60 -4.71 -0.20
N ASN A 19 6.10 -5.20 -1.34
CA ASN A 19 7.23 -4.56 -2.00
C ASN A 19 6.85 -3.16 -2.50
N ILE A 20 5.63 -3.02 -3.00
CA ILE A 20 5.15 -1.74 -3.49
C ILE A 20 5.18 -0.67 -2.40
N ILE A 21 4.53 -0.96 -1.28
CA ILE A 21 4.49 -0.03 -0.16
C ILE A 21 5.90 0.44 0.22
N THR A 22 6.84 -0.50 0.22
CA THR A 22 8.22 -0.18 0.56
C THR A 22 8.78 0.92 -0.34
N ASP A 23 8.27 0.99 -1.57
CA ASP A 23 8.70 1.99 -2.52
C ASP A 23 8.43 3.40 -1.99
N LEU A 24 7.16 3.78 -1.96
CA LEU A 24 6.78 5.10 -1.48
C LEU A 24 7.44 5.40 -0.13
N LEU A 25 7.41 4.44 0.78
CA LEU A 25 8.00 4.60 2.09
C LEU A 25 9.48 4.95 1.98
N ASP A 26 10.17 4.30 1.07
CA ASP A 26 11.59 4.54 0.85
C ASP A 26 11.83 5.99 0.41
N ASP A 27 11.28 6.35 -0.75
CA ASP A 27 11.43 7.69 -1.28
C ASP A 27 10.85 8.73 -0.32
N LEU A 28 9.99 8.27 0.58
CA LEU A 28 9.36 9.16 1.56
C LEU A 28 10.38 9.65 2.58
N LYS A 29 11.46 8.88 2.75
CA LYS A 29 12.51 9.24 3.70
C LYS A 29 12.94 10.70 3.51
N THR A 30 12.89 11.17 2.27
CA THR A 30 13.27 12.54 1.96
C THR A 30 12.06 13.47 1.97
N ASP A 31 10.90 12.93 1.58
CA ASP A 31 9.67 13.71 1.56
C ASP A 31 9.25 14.12 2.96
N LEU A 32 8.55 15.24 3.07
CA LEU A 32 8.10 15.74 4.36
C LEU A 32 6.61 16.05 4.33
N ASP A 33 5.90 15.42 3.39
CA ASP A 33 4.46 15.63 3.26
C ASP A 33 3.70 14.64 4.13
N ASN A 34 3.71 13.37 3.74
CA ASN A 34 3.01 12.34 4.48
C ASN A 34 3.80 11.94 5.74
N GLU A 35 3.92 12.88 6.67
CA GLU A 35 4.65 12.63 7.91
C GLU A 35 3.90 11.64 8.79
N SER A 36 2.60 11.85 8.94
CA SER A 36 1.77 10.97 9.76
C SER A 36 1.03 9.97 8.89
N LEU A 37 0.80 10.32 7.64
CA LEU A 37 0.11 9.45 6.70
C LEU A 37 0.83 8.10 6.56
N LYS A 38 2.16 8.16 6.59
CA LYS A 38 2.97 6.95 6.47
C LYS A 38 2.51 5.89 7.46
N LYS A 39 1.96 6.33 8.59
CA LYS A 39 1.48 5.41 9.61
C LYS A 39 0.50 4.40 9.01
N VAL A 40 -0.26 4.83 8.01
CA VAL A 40 -1.23 3.96 7.36
C VAL A 40 -0.52 2.85 6.57
N LEU A 41 0.37 3.24 5.67
CA LEU A 41 1.10 2.29 4.86
C LEU A 41 1.95 1.37 5.73
N GLU A 42 2.73 1.97 6.61
CA GLU A 42 3.60 1.21 7.52
C GLU A 42 2.79 0.20 8.32
N ASN A 43 1.78 0.69 9.03
CA ASN A 43 0.92 -0.17 9.84
C ASN A 43 0.41 -1.35 9.03
N TYR A 44 -0.42 -1.06 8.04
CA TYR A 44 -1.00 -2.09 7.19
C TYR A 44 0.10 -3.01 6.62
N LEU A 45 1.22 -2.39 6.23
CA LEU A 45 2.34 -3.14 5.67
C LEU A 45 2.82 -4.20 6.65
N GLU A 46 2.75 -3.89 7.94
CA GLU A 46 3.18 -4.82 8.98
C GLU A 46 2.13 -5.90 9.20
N GLU A 47 0.89 -5.60 8.84
CA GLU A 47 -0.21 -6.55 9.01
C GLU A 47 0.00 -7.78 8.13
N LEU A 48 0.13 -7.57 6.84
CA LEU A 48 0.35 -8.66 5.89
C LEU A 48 1.47 -9.57 6.35
N LYS A 49 2.39 -9.02 7.14
CA LYS A 49 3.52 -9.78 7.65
C LYS A 49 3.04 -10.86 8.62
N GLN A 50 2.17 -10.50 9.54
CA GLN A 50 1.64 -11.44 10.52
C GLN A 50 0.56 -12.31 9.90
N LYS A 51 -0.14 -13.08 10.74
CA LYS A 51 -1.20 -13.95 10.27
C LYS A 51 -2.54 -13.54 10.85
N SER A 52 -2.58 -12.36 11.46
CA SER A 52 -3.81 -11.85 12.07
C SER A 52 -4.67 -11.13 11.03
N ALA A 53 -4.23 -11.18 9.77
CA ALA A 53 -4.96 -10.53 8.69
C ALA A 53 -4.50 -11.06 7.34
N SER A 54 -5.46 -11.39 6.47
CA SER A 54 -5.15 -11.91 5.14
C SER A 54 -4.67 -10.79 4.22
N VAL A 55 -3.91 -11.15 3.20
CA VAL A 55 -3.39 -10.18 2.24
C VAL A 55 -4.50 -9.30 1.70
N PRO A 56 -5.52 -9.92 1.10
CA PRO A 56 -6.66 -9.21 0.53
C PRO A 56 -7.55 -8.58 1.60
N LEU A 57 -7.38 -9.04 2.83
CA LEU A 57 -8.18 -8.53 3.95
C LEU A 57 -7.58 -7.22 4.48
N ILE A 58 -6.28 -7.04 4.27
CA ILE A 58 -5.60 -5.84 4.72
C ILE A 58 -5.60 -4.76 3.64
N LEU A 59 -5.15 -5.14 2.44
CA LEU A 59 -5.11 -4.20 1.32
C LEU A 59 -6.49 -3.63 1.03
N SER A 60 -7.52 -4.45 1.24
CA SER A 60 -8.89 -4.03 0.99
C SER A 60 -9.23 -2.79 1.83
N ARG A 61 -9.03 -2.89 3.13
CA ARG A 61 -9.32 -1.78 4.03
C ARG A 61 -8.28 -0.68 3.89
N MET A 62 -7.05 -1.06 3.56
CA MET A 62 -5.96 -0.11 3.40
C MET A 62 -6.36 1.00 2.43
N ASN A 63 -6.68 0.64 1.20
CA ASN A 63 -7.08 1.61 0.19
C ASN A 63 -8.22 2.48 0.69
N LEU A 64 -9.09 1.90 1.51
CA LEU A 64 -10.22 2.63 2.07
C LEU A 64 -9.77 3.63 3.12
N ASP A 65 -8.66 3.31 3.79
CA ASP A 65 -8.11 4.18 4.83
C ASP A 65 -7.22 5.26 4.22
N ILE A 66 -6.51 4.90 3.15
CA ILE A 66 -5.62 5.82 2.48
C ILE A 66 -6.41 6.94 1.79
N SER A 67 -7.34 6.55 0.93
CA SER A 67 -8.16 7.51 0.20
C SER A 67 -8.82 8.50 1.17
N LYS A 68 -9.45 7.96 2.21
CA LYS A 68 -10.11 8.78 3.20
C LYS A 68 -9.12 9.67 3.94
N ALA A 69 -7.90 9.17 4.10
CA ALA A 69 -6.85 9.92 4.78
C ALA A 69 -6.44 11.15 3.97
N ILE A 70 -6.71 11.12 2.67
CA ILE A 70 -6.36 12.23 1.79
C ILE A 70 -7.15 13.49 2.18
N ARG A 71 -8.45 13.46 1.94
CA ARG A 71 -9.31 14.60 2.26
C ARG A 71 -9.20 14.96 3.74
N ASN A 72 -9.38 13.95 4.60
CA ASN A 72 -9.32 14.16 6.04
C ASN A 72 -8.03 14.88 6.43
N ASP A 73 -6.92 14.16 6.41
CA ASP A 73 -5.62 14.74 6.75
C ASP A 73 -5.36 16.01 5.96
N GLY A 74 -5.33 15.87 4.64
CA GLY A 74 -5.08 17.02 3.78
C GLY A 74 -3.84 16.86 2.93
N VAL A 75 -3.39 15.61 2.77
CA VAL A 75 -2.20 15.32 1.98
C VAL A 75 -2.56 15.13 0.51
N THR A 76 -1.54 14.89 -0.31
CA THR A 76 -1.75 14.69 -1.74
C THR A 76 -0.70 13.75 -2.32
N LEU A 77 -1.15 12.64 -2.89
CA LEU A 77 -0.26 11.66 -3.48
C LEU A 77 0.30 12.16 -4.81
N SER A 78 1.61 12.04 -4.98
CA SER A 78 2.27 12.48 -6.20
C SER A 78 1.89 11.60 -7.38
N ASP A 79 2.43 11.90 -8.55
CA ASP A 79 2.15 11.13 -9.75
C ASP A 79 2.40 9.64 -9.52
N TYR A 80 3.67 9.28 -9.36
CA TYR A 80 4.05 7.89 -9.14
C TYR A 80 3.26 7.29 -7.98
N GLN A 81 2.95 8.12 -6.99
CA GLN A 81 2.20 7.68 -5.82
C GLN A 81 0.81 7.21 -6.21
N SER A 82 0.00 8.12 -6.73
CA SER A 82 -1.36 7.80 -7.15
C SER A 82 -1.37 6.58 -8.07
N LYS A 83 -0.33 6.45 -8.90
CA LYS A 83 -0.22 5.34 -9.81
C LYS A 83 -0.04 4.02 -9.06
N LYS A 84 0.94 3.98 -8.17
CA LYS A 84 1.22 2.78 -7.38
C LYS A 84 0.01 2.41 -6.54
N LEU A 85 -0.89 3.36 -6.33
CA LEU A 85 -2.09 3.13 -5.53
C LEU A 85 -3.03 2.16 -6.24
N LYS A 86 -3.08 2.26 -7.57
CA LYS A 86 -3.93 1.37 -8.37
C LYS A 86 -3.38 -0.04 -8.39
N GLU A 87 -2.16 -0.21 -7.86
CA GLU A 87 -1.52 -1.52 -7.83
C GLU A 87 -2.39 -2.53 -7.07
N LEU A 88 -2.34 -2.46 -5.74
CA LEU A 88 -3.11 -3.36 -4.90
C LEU A 88 -4.61 -3.14 -5.10
N THR A 89 -4.96 -2.08 -5.82
CA THR A 89 -6.35 -1.77 -6.09
C THR A 89 -7.01 -2.83 -6.97
N SER A 90 -6.39 -3.10 -8.11
CA SER A 90 -6.90 -4.10 -9.04
C SER A 90 -6.63 -5.51 -8.53
N ILE A 91 -5.57 -5.66 -7.76
CA ILE A 91 -5.20 -6.96 -7.21
C ILE A 91 -6.18 -7.39 -6.12
N SER A 92 -6.56 -6.45 -5.27
CA SER A 92 -7.49 -6.75 -4.19
C SER A 92 -8.90 -6.96 -4.72
N ASN A 93 -9.65 -7.83 -4.05
CA ASN A 93 -11.01 -8.13 -4.46
C ASN A 93 -11.98 -7.04 -4.01
N ILE A 94 -12.17 -6.04 -4.85
CA ILE A 94 -13.06 -4.94 -4.54
C ILE A 94 -14.53 -5.33 -4.76
N ARG A 95 -15.04 -6.18 -3.87
CA ARG A 95 -16.43 -6.63 -3.97
C ARG A 95 -17.35 -5.75 -3.13
N TYR A 96 -16.78 -5.13 -2.10
CA TYR A 96 -17.55 -4.26 -1.22
C TYR A 96 -18.32 -3.22 -2.02
N GLY A 97 -19.48 -2.82 -1.49
CA GLY A 97 -20.30 -1.82 -2.17
C GLY A 97 -20.02 -0.42 -1.69
N TYR A 98 -20.32 -0.17 -0.41
CA TYR A 98 -20.10 1.16 0.17
C TYR A 98 -18.73 1.24 0.82
N MET A 1 28.99 -3.77 -19.96
CA MET A 1 28.79 -2.47 -19.34
C MET A 1 27.37 -2.34 -18.80
N GLY A 2 27.22 -2.54 -17.49
CA GLY A 2 25.90 -2.44 -16.89
C GLY A 2 25.74 -3.38 -15.71
N LYS A 3 25.43 -2.83 -14.54
CA LYS A 3 25.24 -3.62 -13.33
C LYS A 3 23.90 -3.32 -12.68
N LEU A 4 22.89 -4.13 -13.01
CA LEU A 4 21.56 -3.94 -12.45
C LEU A 4 21.49 -4.45 -11.01
N LYS A 5 20.90 -3.64 -10.13
CA LYS A 5 20.77 -4.02 -8.73
C LYS A 5 19.37 -3.71 -8.22
N TRP A 6 18.40 -3.70 -9.12
CA TRP A 6 17.01 -3.43 -8.76
C TRP A 6 16.30 -4.70 -8.32
N PHE A 7 16.00 -4.78 -7.02
CA PHE A 7 15.31 -5.95 -6.48
C PHE A 7 13.80 -5.78 -6.56
N SER A 8 13.17 -6.54 -7.45
CA SER A 8 11.72 -6.47 -7.62
C SER A 8 11.23 -7.60 -8.51
N GLY A 9 10.11 -8.20 -8.13
CA GLY A 9 9.54 -9.29 -8.91
C GLY A 9 9.22 -10.51 -8.05
N GLY A 10 7.94 -10.72 -7.80
CA GLY A 10 7.52 -11.85 -6.98
C GLY A 10 6.15 -12.36 -7.35
N LYS A 11 6.00 -13.68 -7.46
CA LYS A 11 4.73 -14.28 -7.81
C LYS A 11 3.75 -14.21 -6.64
N GLU A 12 4.30 -14.13 -5.42
CA GLU A 12 3.47 -14.05 -4.23
C GLU A 12 2.68 -12.74 -4.18
N ARG A 13 1.38 -12.84 -3.94
CA ARG A 13 0.52 -11.67 -3.87
C ARG A 13 0.81 -10.85 -2.62
N SER A 14 1.18 -11.54 -1.53
CA SER A 14 1.48 -10.88 -0.27
C SER A 14 2.77 -10.09 -0.37
N ASN A 15 3.79 -10.69 -0.99
CA ASN A 15 5.07 -10.04 -1.15
C ASN A 15 5.02 -8.97 -2.25
N GLN A 16 4.08 -9.14 -3.17
CA GLN A 16 3.93 -8.19 -4.27
C GLN A 16 3.65 -6.79 -3.74
N ALA A 17 2.46 -6.61 -3.15
CA ALA A 17 2.07 -5.32 -2.61
C ALA A 17 3.07 -4.84 -1.56
N GLU A 18 3.49 -5.75 -0.68
CA GLU A 18 4.45 -5.42 0.36
C GLU A 18 5.67 -4.70 -0.22
N ASN A 19 6.15 -5.20 -1.35
CA ASN A 19 7.31 -4.61 -2.01
C ASN A 19 7.01 -3.19 -2.49
N ILE A 20 5.81 -3.00 -3.03
CA ILE A 20 5.39 -1.69 -3.53
C ILE A 20 5.24 -0.69 -2.38
N ILE A 21 4.48 -1.09 -1.36
CA ILE A 21 4.25 -0.23 -0.20
C ILE A 21 5.57 0.31 0.36
N THR A 22 6.55 -0.58 0.50
CA THR A 22 7.86 -0.19 1.02
C THR A 22 8.48 0.91 0.17
N ASP A 23 8.14 0.92 -1.11
CA ASP A 23 8.67 1.93 -2.03
C ASP A 23 8.27 3.33 -1.58
N LEU A 24 6.98 3.59 -1.55
CA LEU A 24 6.46 4.89 -1.14
C LEU A 24 7.11 5.35 0.16
N LEU A 25 7.17 4.44 1.13
CA LEU A 25 7.77 4.75 2.42
C LEU A 25 9.19 5.26 2.26
N ASP A 26 9.98 4.56 1.45
CA ASP A 26 11.36 4.94 1.20
C ASP A 26 11.43 6.35 0.62
N ASP A 27 10.56 6.65 -0.33
CA ASP A 27 10.52 7.95 -0.97
C ASP A 27 10.24 9.05 0.05
N LEU A 28 9.26 8.81 0.92
CA LEU A 28 8.89 9.78 1.94
C LEU A 28 10.00 9.91 2.99
N LYS A 29 10.70 8.82 3.24
CA LYS A 29 11.79 8.81 4.22
C LYS A 29 12.71 10.00 4.00
N THR A 30 13.30 10.08 2.81
CA THR A 30 14.21 11.17 2.47
C THR A 30 13.47 12.30 1.75
N ASP A 31 12.54 12.92 2.45
CA ASP A 31 11.76 14.02 1.88
C ASP A 31 11.03 14.79 2.97
N LEU A 32 10.40 15.90 2.59
CA LEU A 32 9.66 16.72 3.54
C LEU A 32 8.16 16.64 3.28
N ASP A 33 7.74 15.57 2.63
CA ASP A 33 6.33 15.37 2.32
C ASP A 33 5.58 14.82 3.53
N ASN A 34 4.34 14.38 3.31
CA ASN A 34 3.53 13.83 4.38
C ASN A 34 4.30 12.78 5.18
N GLU A 35 4.80 13.19 6.35
CA GLU A 35 5.57 12.28 7.20
C GLU A 35 4.63 11.54 8.16
N SER A 36 3.34 11.80 8.05
CA SER A 36 2.35 11.16 8.91
C SER A 36 1.53 10.14 8.14
N LEU A 37 1.21 10.48 6.89
CA LEU A 37 0.43 9.60 6.03
C LEU A 37 1.11 8.23 5.89
N LYS A 38 2.43 8.25 5.72
CA LYS A 38 3.20 7.02 5.56
C LYS A 38 2.87 6.04 6.68
N LYS A 39 2.45 6.57 7.83
CA LYS A 39 2.10 5.72 8.97
C LYS A 39 1.10 4.65 8.57
N VAL A 40 0.21 4.99 7.64
CA VAL A 40 -0.80 4.06 7.17
C VAL A 40 -0.17 2.92 6.37
N LEU A 41 0.64 3.27 5.38
CA LEU A 41 1.31 2.28 4.54
C LEU A 41 2.04 1.25 5.40
N GLU A 42 2.92 1.74 6.27
CA GLU A 42 3.68 0.86 7.15
C GLU A 42 2.76 -0.03 7.98
N ASN A 43 1.77 0.59 8.62
CA ASN A 43 0.82 -0.15 9.44
C ASN A 43 0.22 -1.31 8.67
N TYR A 44 -0.62 -0.99 7.69
CA TYR A 44 -1.27 -2.02 6.88
C TYR A 44 -0.24 -2.98 6.31
N LEU A 45 0.91 -2.45 5.90
CA LEU A 45 1.97 -3.27 5.35
C LEU A 45 2.39 -4.37 6.31
N GLU A 46 2.51 -4.01 7.59
CA GLU A 46 2.90 -4.98 8.61
C GLU A 46 1.89 -6.13 8.69
N GLU A 47 0.62 -5.81 8.46
CA GLU A 47 -0.43 -6.82 8.50
C GLU A 47 -0.12 -7.97 7.55
N LEU A 48 0.46 -7.64 6.40
CA LEU A 48 0.81 -8.64 5.40
C LEU A 48 1.74 -9.69 5.98
N LYS A 49 2.65 -9.25 6.85
CA LYS A 49 3.60 -10.16 7.49
C LYS A 49 2.90 -11.07 8.48
N GLN A 50 1.80 -10.59 9.03
CA GLN A 50 1.03 -11.37 10.00
C GLN A 50 0.19 -12.45 9.30
N LYS A 51 -0.25 -13.44 10.07
CA LYS A 51 -1.06 -14.52 9.52
C LYS A 51 -2.53 -14.35 9.91
N SER A 52 -2.86 -13.19 10.47
CA SER A 52 -4.22 -12.90 10.89
C SER A 52 -5.05 -12.37 9.72
N ALA A 53 -4.80 -11.13 9.34
CA ALA A 53 -5.53 -10.50 8.24
C ALA A 53 -5.06 -11.05 6.90
N SER A 54 -6.00 -11.29 5.99
CA SER A 54 -5.69 -11.82 4.68
C SER A 54 -5.09 -10.73 3.78
N VAL A 55 -4.31 -11.16 2.79
CA VAL A 55 -3.68 -10.23 1.87
C VAL A 55 -4.69 -9.26 1.28
N PRO A 56 -5.72 -9.80 0.63
CA PRO A 56 -6.79 -8.99 0.02
C PRO A 56 -7.67 -8.30 1.05
N LEU A 57 -7.56 -8.75 2.30
CA LEU A 57 -8.35 -8.17 3.38
C LEU A 57 -7.70 -6.90 3.92
N ILE A 58 -6.37 -6.86 3.87
CA ILE A 58 -5.63 -5.69 4.35
C ILE A 58 -5.59 -4.60 3.29
N LEU A 59 -5.32 -4.99 2.05
CA LEU A 59 -5.25 -4.05 0.95
C LEU A 59 -6.56 -3.30 0.79
N SER A 60 -7.67 -4.01 0.94
CA SER A 60 -8.99 -3.41 0.82
C SER A 60 -9.16 -2.26 1.81
N ARG A 61 -9.00 -2.56 3.09
CA ARG A 61 -9.14 -1.55 4.14
C ARG A 61 -8.06 -0.46 3.99
N MET A 62 -6.85 -0.88 3.62
CA MET A 62 -5.75 0.05 3.45
C MET A 62 -6.15 1.18 2.50
N ASN A 63 -6.49 0.82 1.26
CA ASN A 63 -6.88 1.80 0.26
C ASN A 63 -7.99 2.70 0.78
N LEU A 64 -9.03 2.09 1.35
CA LEU A 64 -10.16 2.83 1.89
C LEU A 64 -9.72 3.73 3.05
N ASP A 65 -8.56 3.41 3.63
CA ASP A 65 -8.03 4.17 4.74
C ASP A 65 -7.17 5.34 4.24
N ILE A 66 -6.31 5.05 3.27
CA ILE A 66 -5.44 6.08 2.70
C ILE A 66 -6.25 7.20 2.04
N SER A 67 -7.17 6.82 1.17
CA SER A 67 -8.01 7.78 0.48
C SER A 67 -8.73 8.70 1.47
N LYS A 68 -9.13 8.12 2.60
CA LYS A 68 -9.83 8.88 3.64
C LYS A 68 -8.90 9.91 4.27
N ALA A 69 -7.67 9.51 4.55
CA ALA A 69 -6.68 10.39 5.15
C ALA A 69 -6.45 11.62 4.28
N ILE A 70 -6.81 11.53 3.01
CA ILE A 70 -6.65 12.64 2.08
C ILE A 70 -7.64 13.76 2.39
N ARG A 71 -8.92 13.50 2.17
CA ARG A 71 -9.97 14.49 2.42
C ARG A 71 -9.97 14.91 3.90
N ASN A 72 -10.01 13.92 4.78
CA ASN A 72 -10.02 14.18 6.22
C ASN A 72 -8.88 15.13 6.60
N ASP A 73 -7.66 14.59 6.66
CA ASP A 73 -6.48 15.38 7.01
C ASP A 73 -6.40 16.64 6.14
N GLY A 74 -6.32 16.44 4.83
CA GLY A 74 -6.23 17.57 3.92
C GLY A 74 -5.02 17.48 3.01
N VAL A 75 -4.36 16.32 3.02
CA VAL A 75 -3.17 16.11 2.19
C VAL A 75 -3.55 15.62 0.80
N THR A 76 -2.54 15.30 -0.01
CA THR A 76 -2.77 14.82 -1.37
C THR A 76 -1.67 13.86 -1.79
N LEU A 77 -2.07 12.75 -2.43
CA LEU A 77 -1.10 11.76 -2.90
C LEU A 77 -0.38 12.25 -4.14
N SER A 78 0.90 11.90 -4.26
CA SER A 78 1.71 12.30 -5.40
C SER A 78 1.35 11.49 -6.64
N ASP A 79 1.86 11.92 -7.79
CA ASP A 79 1.59 11.22 -9.04
C ASP A 79 1.90 9.73 -8.91
N TYR A 80 3.16 9.42 -8.64
CA TYR A 80 3.58 8.03 -8.49
C TYR A 80 2.76 7.31 -7.43
N GLN A 81 2.39 8.04 -6.39
CA GLN A 81 1.59 7.48 -5.30
C GLN A 81 0.25 6.97 -5.81
N SER A 82 -0.63 7.89 -6.20
CA SER A 82 -1.94 7.53 -6.71
C SER A 82 -1.83 6.47 -7.80
N LYS A 83 -0.77 6.58 -8.61
CA LYS A 83 -0.54 5.63 -9.69
C LYS A 83 -0.27 4.23 -9.15
N LYS A 84 0.70 4.13 -8.25
CA LYS A 84 1.06 2.86 -7.66
C LYS A 84 -0.13 2.23 -6.94
N LEU A 85 -1.12 3.05 -6.61
CA LEU A 85 -2.32 2.58 -5.93
C LEU A 85 -3.07 1.56 -6.80
N LYS A 86 -2.98 1.73 -8.11
CA LYS A 86 -3.64 0.82 -9.04
C LYS A 86 -2.94 -0.54 -9.07
N GLU A 87 -1.80 -0.63 -8.40
CA GLU A 87 -1.04 -1.88 -8.36
C GLU A 87 -1.79 -2.93 -7.54
N LEU A 88 -1.74 -2.79 -6.22
CA LEU A 88 -2.40 -3.72 -5.32
C LEU A 88 -3.91 -3.64 -5.47
N THR A 89 -4.38 -2.70 -6.29
CA THR A 89 -5.80 -2.52 -6.53
C THR A 89 -6.41 -3.77 -7.17
N SER A 90 -5.59 -4.52 -7.87
CA SER A 90 -6.05 -5.74 -8.54
C SER A 90 -6.23 -6.88 -7.53
N ILE A 91 -5.23 -7.06 -6.67
CA ILE A 91 -5.28 -8.10 -5.66
C ILE A 91 -6.41 -7.87 -4.67
N SER A 92 -6.68 -6.59 -4.40
CA SER A 92 -7.74 -6.23 -3.46
C SER A 92 -9.12 -6.35 -4.11
N ASN A 93 -9.97 -7.20 -3.54
CA ASN A 93 -11.31 -7.41 -4.07
C ASN A 93 -12.26 -6.31 -3.61
N ILE A 94 -12.20 -5.17 -4.28
CA ILE A 94 -13.06 -4.04 -3.94
C ILE A 94 -14.47 -4.23 -4.48
N ARG A 95 -15.20 -5.18 -3.92
CA ARG A 95 -16.56 -5.48 -4.35
C ARG A 95 -17.54 -4.48 -3.73
N TYR A 96 -17.64 -4.51 -2.41
CA TYR A 96 -18.55 -3.62 -1.68
C TYR A 96 -18.30 -2.16 -2.08
N GLY A 97 -17.06 -1.86 -2.45
CA GLY A 97 -16.71 -0.51 -2.84
C GLY A 97 -16.69 -0.32 -4.35
N TYR A 98 -17.71 -0.84 -5.02
CA TYR A 98 -17.80 -0.74 -6.47
C TYR A 98 -17.89 0.72 -6.91
N MET A 1 7.66 -25.38 -7.57
CA MET A 1 6.34 -26.00 -7.63
C MET A 1 5.80 -26.28 -6.23
N GLY A 2 6.09 -25.38 -5.30
CA GLY A 2 5.63 -25.56 -3.94
C GLY A 2 5.22 -24.25 -3.29
N LYS A 3 5.36 -24.17 -1.97
CA LYS A 3 5.01 -22.97 -1.23
C LYS A 3 5.93 -22.77 -0.03
N LEU A 4 6.73 -21.70 -0.07
CA LEU A 4 7.66 -21.41 1.01
C LEU A 4 7.19 -20.21 1.82
N LYS A 5 7.69 -20.09 3.04
CA LYS A 5 7.32 -18.99 3.92
C LYS A 5 8.48 -18.03 4.12
N TRP A 6 8.73 -17.19 3.12
CA TRP A 6 9.82 -16.22 3.18
C TRP A 6 9.55 -15.04 2.25
N PHE A 7 9.93 -13.85 2.71
CA PHE A 7 9.72 -12.63 1.93
C PHE A 7 10.83 -12.45 0.90
N SER A 8 10.73 -13.19 -0.20
CA SER A 8 11.72 -13.12 -1.27
C SER A 8 11.30 -13.98 -2.46
N GLY A 9 11.54 -13.45 -3.67
CA GLY A 9 11.17 -14.18 -4.86
C GLY A 9 10.59 -13.29 -5.93
N GLY A 10 9.40 -12.77 -5.68
CA GLY A 10 8.74 -11.90 -6.64
C GLY A 10 7.58 -12.57 -7.33
N LYS A 11 7.55 -13.89 -7.31
CA LYS A 11 6.48 -14.65 -7.94
C LYS A 11 5.20 -14.56 -7.11
N GLU A 12 5.35 -14.39 -5.80
CA GLU A 12 4.19 -14.28 -4.91
C GLU A 12 3.45 -12.96 -5.13
N ARG A 13 2.17 -13.06 -5.41
CA ARG A 13 1.35 -11.88 -5.64
C ARG A 13 1.05 -11.16 -4.33
N SER A 14 0.96 -11.93 -3.25
CA SER A 14 0.68 -11.36 -1.93
C SER A 14 1.84 -10.49 -1.45
N ASN A 15 3.06 -11.00 -1.62
CA ASN A 15 4.26 -10.29 -1.20
C ASN A 15 4.53 -9.10 -2.12
N GLN A 16 3.97 -9.15 -3.33
CA GLN A 16 4.15 -8.09 -4.30
C GLN A 16 3.63 -6.76 -3.76
N ALA A 17 2.41 -6.78 -3.23
CA ALA A 17 1.81 -5.58 -2.67
C ALA A 17 2.66 -4.98 -1.56
N GLU A 18 3.07 -5.84 -0.61
CA GLU A 18 3.89 -5.40 0.51
C GLU A 18 5.15 -4.69 0.00
N ASN A 19 5.79 -5.28 -0.99
CA ASN A 19 7.01 -4.72 -1.56
C ASN A 19 6.76 -3.30 -2.08
N ILE A 20 5.64 -3.11 -2.77
CA ILE A 20 5.29 -1.81 -3.32
C ILE A 20 5.16 -0.77 -2.21
N ILE A 21 4.45 -1.13 -1.15
CA ILE A 21 4.25 -0.23 -0.02
C ILE A 21 5.58 0.35 0.46
N THR A 22 6.58 -0.52 0.59
CA THR A 22 7.90 -0.10 1.03
C THR A 22 8.45 1.01 0.15
N ASP A 23 8.06 1.00 -1.12
CA ASP A 23 8.53 2.01 -2.06
C ASP A 23 8.10 3.41 -1.63
N LEU A 24 6.79 3.65 -1.59
CA LEU A 24 6.25 4.94 -1.19
C LEU A 24 6.88 5.41 0.12
N LEU A 25 7.20 4.44 0.99
CA LEU A 25 7.81 4.76 2.28
C LEU A 25 9.14 5.47 2.09
N ASP A 26 10.07 4.80 1.44
CA ASP A 26 11.40 5.36 1.19
C ASP A 26 11.30 6.61 0.31
N ASP A 27 10.49 6.52 -0.74
CA ASP A 27 10.30 7.64 -1.65
C ASP A 27 9.74 8.85 -0.92
N LEU A 28 8.93 8.60 0.10
CA LEU A 28 8.32 9.68 0.87
C LEU A 28 9.37 10.41 1.70
N LYS A 29 10.50 9.74 1.95
CA LYS A 29 11.58 10.33 2.72
C LYS A 29 11.91 11.73 2.22
N THR A 30 12.25 11.83 0.95
CA THR A 30 12.58 13.11 0.34
C THR A 30 11.34 13.85 -0.11
N ASP A 31 10.25 13.11 -0.32
CA ASP A 31 8.99 13.70 -0.76
C ASP A 31 8.43 14.62 0.32
N LEU A 32 7.19 15.05 0.14
CA LEU A 32 6.52 15.93 1.09
C LEU A 32 6.58 15.36 2.50
N ASP A 33 6.13 16.14 3.47
CA ASP A 33 6.13 15.70 4.87
C ASP A 33 4.94 14.80 5.15
N ASN A 34 5.22 13.54 5.46
CA ASN A 34 4.17 12.57 5.75
C ASN A 34 4.61 11.60 6.84
N GLU A 35 5.22 12.13 7.90
CA GLU A 35 5.70 11.31 9.01
C GLU A 35 4.53 10.61 9.70
N SER A 36 3.34 11.17 9.57
CA SER A 36 2.15 10.61 10.18
C SER A 36 1.45 9.65 9.22
N LEU A 37 1.38 10.05 7.95
CA LEU A 37 0.73 9.22 6.93
C LEU A 37 1.37 7.84 6.86
N LYS A 38 2.69 7.80 6.99
CA LYS A 38 3.42 6.54 6.93
C LYS A 38 2.84 5.53 7.92
N LYS A 39 2.17 6.03 8.96
CA LYS A 39 1.56 5.19 9.97
C LYS A 39 0.67 4.13 9.32
N VAL A 40 -0.07 4.53 8.29
CA VAL A 40 -0.96 3.63 7.57
C VAL A 40 -0.17 2.59 6.79
N LEU A 41 0.65 3.07 5.86
CA LEU A 41 1.46 2.17 5.04
C LEU A 41 2.25 1.19 5.89
N GLU A 42 2.96 1.72 6.89
CA GLU A 42 3.75 0.89 7.79
C GLU A 42 2.87 -0.12 8.52
N ASN A 43 1.86 0.38 9.23
CA ASN A 43 0.95 -0.48 9.97
C ASN A 43 0.41 -1.60 9.08
N TYR A 44 -0.28 -1.21 8.01
CA TYR A 44 -0.84 -2.17 7.08
C TYR A 44 0.23 -3.11 6.53
N LEU A 45 1.40 -2.56 6.25
CA LEU A 45 2.51 -3.34 5.73
C LEU A 45 2.88 -4.47 6.69
N GLU A 46 2.93 -4.16 7.97
CA GLU A 46 3.27 -5.14 9.00
C GLU A 46 2.15 -6.18 9.13
N GLU A 47 0.91 -5.74 8.95
CA GLU A 47 -0.24 -6.64 9.05
C GLU A 47 -0.08 -7.84 8.12
N LEU A 48 0.39 -7.59 6.90
CA LEU A 48 0.59 -8.65 5.93
C LEU A 48 1.46 -9.76 6.50
N LYS A 49 2.32 -9.40 7.44
CA LYS A 49 3.21 -10.36 8.08
C LYS A 49 2.47 -11.20 9.11
N GLN A 50 1.50 -10.56 9.79
CA GLN A 50 0.71 -11.24 10.81
C GLN A 50 -0.37 -12.10 10.18
N LYS A 51 -1.03 -12.90 11.00
CA LYS A 51 -2.09 -13.79 10.53
C LYS A 51 -3.46 -13.31 11.01
N SER A 52 -3.49 -12.10 11.56
CA SER A 52 -4.74 -11.54 12.06
C SER A 52 -5.51 -10.84 10.95
N ALA A 53 -5.00 -10.95 9.72
CA ALA A 53 -5.65 -10.34 8.56
C ALA A 53 -5.11 -10.94 7.26
N SER A 54 -6.01 -11.22 6.34
CA SER A 54 -5.63 -11.80 5.05
C SER A 54 -5.03 -10.74 4.14
N VAL A 55 -4.17 -11.17 3.22
CA VAL A 55 -3.52 -10.27 2.29
C VAL A 55 -4.54 -9.36 1.60
N PRO A 56 -5.51 -9.98 0.92
CA PRO A 56 -6.56 -9.25 0.20
C PRO A 56 -7.53 -8.55 1.15
N LEU A 57 -7.52 -8.98 2.41
CA LEU A 57 -8.40 -8.39 3.41
C LEU A 57 -7.85 -7.06 3.91
N ILE A 58 -6.53 -6.95 3.98
CA ILE A 58 -5.88 -5.73 4.43
C ILE A 58 -5.77 -4.71 3.30
N LEU A 59 -5.26 -5.15 2.16
CA LEU A 59 -5.10 -4.28 1.00
C LEU A 59 -6.41 -3.57 0.67
N SER A 60 -7.52 -4.28 0.85
CA SER A 60 -8.85 -3.71 0.58
C SER A 60 -9.11 -2.49 1.46
N ARG A 61 -8.85 -2.63 2.76
CA ARG A 61 -9.06 -1.55 3.71
C ARG A 61 -8.02 -0.44 3.50
N MET A 62 -6.83 -0.82 3.05
CA MET A 62 -5.76 0.13 2.81
C MET A 62 -6.26 1.31 1.98
N ASN A 63 -6.80 1.01 0.79
CA ASN A 63 -7.31 2.05 -0.09
C ASN A 63 -8.33 2.91 0.61
N LEU A 64 -9.26 2.27 1.32
CA LEU A 64 -10.30 3.00 2.05
C LEU A 64 -9.72 3.69 3.28
N ASP A 65 -8.47 3.35 3.60
CA ASP A 65 -7.80 3.95 4.76
C ASP A 65 -6.96 5.14 4.35
N ILE A 66 -6.00 4.91 3.45
CA ILE A 66 -5.13 5.97 2.98
C ILE A 66 -5.93 7.13 2.40
N SER A 67 -6.95 6.80 1.60
CA SER A 67 -7.80 7.81 0.98
C SER A 67 -8.37 8.75 2.03
N LYS A 68 -8.72 8.21 3.20
CA LYS A 68 -9.27 9.00 4.29
C LYS A 68 -8.25 10.00 4.81
N ALA A 69 -7.02 9.56 4.99
CA ALA A 69 -5.96 10.42 5.47
C ALA A 69 -5.77 11.63 4.56
N ILE A 70 -6.24 11.51 3.32
CA ILE A 70 -6.12 12.59 2.35
C ILE A 70 -7.07 13.73 2.69
N ARG A 71 -8.38 13.48 2.56
CA ARG A 71 -9.39 14.47 2.85
C ARG A 71 -9.29 14.95 4.30
N ASN A 72 -9.18 14.00 5.22
CA ASN A 72 -9.07 14.32 6.63
C ASN A 72 -7.92 15.29 6.90
N ASP A 73 -6.70 14.77 6.84
CA ASP A 73 -5.51 15.58 7.06
C ASP A 73 -5.51 16.80 6.15
N GLY A 74 -5.61 16.56 4.84
CA GLY A 74 -5.61 17.65 3.88
C GLY A 74 -4.48 17.54 2.87
N VAL A 75 -3.83 16.38 2.84
CA VAL A 75 -2.74 16.15 1.91
C VAL A 75 -3.25 15.62 0.58
N THR A 76 -2.32 15.22 -0.29
CA THR A 76 -2.67 14.70 -1.60
C THR A 76 -1.63 13.68 -2.09
N LEU A 77 -2.09 12.70 -2.86
CA LEU A 77 -1.20 11.67 -3.39
C LEU A 77 -0.35 12.23 -4.53
N SER A 78 0.93 11.87 -4.53
CA SER A 78 1.85 12.33 -5.57
C SER A 78 1.62 11.56 -6.87
N ASP A 79 2.30 11.99 -7.93
CA ASP A 79 2.18 11.35 -9.23
C ASP A 79 2.41 9.85 -9.11
N TYR A 80 3.63 9.46 -8.79
CA TYR A 80 3.97 8.05 -8.65
C TYR A 80 3.07 7.37 -7.64
N GLN A 81 2.68 8.10 -6.60
CA GLN A 81 1.81 7.57 -5.56
C GLN A 81 0.50 7.05 -6.16
N SER A 82 -0.30 7.97 -6.68
CA SER A 82 -1.59 7.60 -7.27
C SER A 82 -1.41 6.49 -8.30
N LYS A 83 -0.27 6.51 -9.00
CA LYS A 83 0.02 5.50 -10.01
C LYS A 83 0.21 4.13 -9.37
N LYS A 84 1.09 4.05 -8.39
CA LYS A 84 1.36 2.80 -7.69
C LYS A 84 0.08 2.24 -7.07
N LEU A 85 -0.90 3.10 -6.86
CA LEU A 85 -2.17 2.69 -6.28
C LEU A 85 -2.85 1.63 -7.14
N LYS A 86 -2.61 1.69 -8.44
CA LYS A 86 -3.19 0.73 -9.38
C LYS A 86 -2.58 -0.66 -9.18
N GLU A 87 -1.52 -0.73 -8.38
CA GLU A 87 -0.85 -2.00 -8.11
C GLU A 87 -1.74 -2.91 -7.29
N LEU A 88 -1.79 -2.68 -5.98
CA LEU A 88 -2.61 -3.50 -5.09
C LEU A 88 -4.10 -3.35 -5.41
N THR A 89 -4.41 -2.38 -6.27
CA THR A 89 -5.79 -2.12 -6.68
C THR A 89 -6.28 -3.19 -7.64
N SER A 90 -5.50 -3.46 -8.68
CA SER A 90 -5.86 -4.46 -9.67
C SER A 90 -5.64 -5.87 -9.14
N ILE A 91 -4.65 -6.02 -8.26
CA ILE A 91 -4.34 -7.31 -7.67
C ILE A 91 -5.40 -7.73 -6.66
N SER A 92 -5.82 -6.78 -5.82
CA SER A 92 -6.83 -7.05 -4.81
C SER A 92 -8.21 -7.24 -5.46
N ASN A 93 -9.18 -7.69 -4.66
CA ASN A 93 -10.53 -7.90 -5.14
C ASN A 93 -11.33 -6.61 -5.11
N ILE A 94 -10.79 -5.56 -5.72
CA ILE A 94 -11.47 -4.27 -5.75
C ILE A 94 -12.51 -4.22 -6.86
N ARG A 95 -12.24 -4.93 -7.95
CA ARG A 95 -13.15 -4.97 -9.10
C ARG A 95 -14.51 -5.50 -8.68
N TYR A 96 -14.53 -6.31 -7.62
CA TYR A 96 -15.77 -6.89 -7.12
C TYR A 96 -16.24 -6.17 -5.87
N GLY A 97 -17.34 -6.66 -5.28
CA GLY A 97 -17.86 -6.07 -4.07
C GLY A 97 -18.78 -4.90 -4.36
N TYR A 98 -19.31 -4.85 -5.58
CA TYR A 98 -20.21 -3.77 -5.99
C TYR A 98 -21.65 -4.25 -6.03
N MET A 1 18.45 -4.67 0.89
CA MET A 1 18.91 -3.31 0.57
C MET A 1 19.57 -2.66 1.79
N GLY A 2 18.92 -2.80 2.94
CA GLY A 2 19.46 -2.22 4.16
C GLY A 2 18.70 -2.66 5.40
N LYS A 3 18.27 -1.69 6.21
CA LYS A 3 17.53 -1.97 7.42
C LYS A 3 16.05 -2.24 7.11
N LEU A 4 15.70 -3.51 6.99
CA LEU A 4 14.32 -3.89 6.69
C LEU A 4 13.80 -3.15 5.47
N LYS A 5 14.62 -3.11 4.42
CA LYS A 5 14.25 -2.45 3.17
C LYS A 5 14.10 -3.45 2.04
N TRP A 6 12.86 -3.67 1.60
CA TRP A 6 12.59 -4.60 0.52
C TRP A 6 12.87 -3.97 -0.84
N PHE A 7 13.66 -4.65 -1.65
CA PHE A 7 14.00 -4.15 -2.98
C PHE A 7 12.90 -4.47 -3.99
N SER A 8 12.97 -3.83 -5.15
CA SER A 8 11.97 -4.05 -6.20
C SER A 8 12.04 -5.48 -6.73
N GLY A 9 11.05 -6.29 -6.34
CA GLY A 9 11.02 -7.67 -6.79
C GLY A 9 9.61 -8.15 -7.08
N GLY A 10 9.19 -9.21 -6.40
CA GLY A 10 7.86 -9.75 -6.60
C GLY A 10 7.88 -11.24 -6.85
N LYS A 11 8.21 -12.01 -5.81
CA LYS A 11 8.26 -13.46 -5.92
C LYS A 11 6.87 -14.07 -5.81
N GLU A 12 5.87 -13.21 -5.61
CA GLU A 12 4.49 -13.67 -5.49
C GLU A 12 3.51 -12.51 -5.71
N ARG A 13 2.27 -12.85 -6.01
CA ARG A 13 1.24 -11.85 -6.25
C ARG A 13 0.84 -11.15 -4.96
N SER A 14 0.69 -11.94 -3.89
CA SER A 14 0.31 -11.39 -2.59
C SER A 14 1.46 -10.59 -1.98
N ASN A 15 2.67 -11.14 -2.06
CA ASN A 15 3.84 -10.46 -1.51
C ASN A 15 4.19 -9.22 -2.33
N GLN A 16 3.64 -9.15 -3.53
CA GLN A 16 3.89 -8.01 -4.42
C GLN A 16 3.45 -6.70 -3.76
N ALA A 17 2.22 -6.67 -3.27
CA ALA A 17 1.68 -5.49 -2.62
C ALA A 17 2.59 -5.02 -1.50
N GLU A 18 3.02 -5.95 -0.66
CA GLU A 18 3.90 -5.62 0.46
C GLU A 18 5.11 -4.84 -0.03
N ASN A 19 5.70 -5.28 -1.13
CA ASN A 19 6.88 -4.63 -1.70
C ASN A 19 6.53 -3.23 -2.19
N ILE A 20 5.34 -3.08 -2.77
CA ILE A 20 4.89 -1.79 -3.28
C ILE A 20 4.85 -0.75 -2.16
N ILE A 21 4.13 -1.08 -1.09
CA ILE A 21 4.00 -0.16 0.04
C ILE A 21 5.37 0.33 0.51
N THR A 22 6.33 -0.58 0.57
CA THR A 22 7.69 -0.24 1.00
C THR A 22 8.26 0.88 0.14
N ASP A 23 7.82 0.95 -1.12
CA ASP A 23 8.29 1.96 -2.04
C ASP A 23 7.98 3.37 -1.51
N LEU A 24 6.70 3.70 -1.47
CA LEU A 24 6.26 5.00 -1.00
C LEU A 24 6.93 5.35 0.34
N LEU A 25 6.89 4.41 1.28
CA LEU A 25 7.50 4.61 2.59
C LEU A 25 8.97 4.99 2.45
N ASP A 26 9.68 4.26 1.60
CA ASP A 26 11.10 4.51 1.38
C ASP A 26 11.32 5.91 0.80
N ASP A 27 10.59 6.23 -0.26
CA ASP A 27 10.69 7.53 -0.90
C ASP A 27 10.33 8.65 0.06
N LEU A 28 9.41 8.36 0.98
CA LEU A 28 8.98 9.34 1.97
C LEU A 28 10.09 9.63 2.98
N LYS A 29 11.05 8.73 3.08
CA LYS A 29 12.17 8.89 3.99
C LYS A 29 12.78 10.28 3.86
N THR A 30 13.31 10.57 2.67
CA THR A 30 13.93 11.87 2.42
C THR A 30 12.89 12.91 2.05
N ASP A 31 11.78 12.45 1.47
CA ASP A 31 10.70 13.35 1.05
C ASP A 31 9.95 13.88 2.27
N LEU A 32 9.20 14.94 2.07
CA LEU A 32 8.43 15.56 3.15
C LEU A 32 6.95 15.68 2.76
N ASP A 33 6.43 14.66 2.09
CA ASP A 33 5.03 14.65 1.67
C ASP A 33 4.12 14.26 2.82
N ASN A 34 4.21 12.99 3.23
CA ASN A 34 3.38 12.48 4.32
C ASN A 34 4.19 12.38 5.61
N GLU A 35 3.58 12.76 6.72
CA GLU A 35 4.24 12.71 8.02
C GLU A 35 3.59 11.67 8.93
N SER A 36 2.36 11.96 9.36
CA SER A 36 1.63 11.07 10.24
C SER A 36 0.88 10.01 9.43
N LEU A 37 0.57 10.34 8.18
CA LEU A 37 -0.15 9.42 7.30
C LEU A 37 0.63 8.12 7.14
N LYS A 38 1.96 8.22 7.16
CA LYS A 38 2.82 7.04 7.01
C LYS A 38 2.40 5.95 7.99
N LYS A 39 1.79 6.34 9.10
CA LYS A 39 1.34 5.38 10.11
C LYS A 39 0.47 4.30 9.48
N VAL A 40 -0.32 4.68 8.49
CA VAL A 40 -1.20 3.73 7.80
C VAL A 40 -0.39 2.74 6.98
N LEU A 41 0.30 3.24 5.96
CA LEU A 41 1.11 2.39 5.10
C LEU A 41 2.06 1.53 5.92
N GLU A 42 2.75 2.15 6.88
CA GLU A 42 3.68 1.45 7.74
C GLU A 42 2.99 0.31 8.48
N ASN A 43 1.92 0.64 9.19
CA ASN A 43 1.17 -0.36 9.96
C ASN A 43 0.71 -1.49 9.05
N TYR A 44 -0.14 -1.16 8.08
CA TYR A 44 -0.66 -2.15 7.14
C TYR A 44 0.47 -2.97 6.53
N LEU A 45 1.53 -2.28 6.13
CA LEU A 45 2.69 -2.94 5.52
C LEU A 45 3.15 -4.13 6.36
N GLU A 46 3.43 -3.86 7.64
CA GLU A 46 3.87 -4.90 8.55
C GLU A 46 2.76 -5.93 8.79
N GLU A 47 1.52 -5.46 8.80
CA GLU A 47 0.39 -6.34 9.02
C GLU A 47 0.35 -7.46 7.99
N LEU A 48 0.84 -7.16 6.78
CA LEU A 48 0.86 -8.15 5.71
C LEU A 48 1.69 -9.36 6.11
N LYS A 49 2.73 -9.13 6.92
CA LYS A 49 3.60 -10.20 7.37
C LYS A 49 2.95 -10.99 8.51
N GLN A 50 2.12 -10.30 9.28
CA GLN A 50 1.43 -10.93 10.41
C GLN A 50 0.25 -11.76 9.93
N LYS A 51 -0.15 -12.74 10.73
CA LYS A 51 -1.27 -13.61 10.40
C LYS A 51 -2.58 -13.05 10.97
N SER A 52 -2.54 -11.80 11.39
CA SER A 52 -3.72 -11.15 11.97
C SER A 52 -4.60 -10.57 10.87
N ALA A 53 -4.14 -10.68 9.62
CA ALA A 53 -4.88 -10.17 8.48
C ALA A 53 -4.36 -10.75 7.17
N SER A 54 -5.27 -11.12 6.28
CA SER A 54 -4.89 -11.69 5.00
C SER A 54 -4.40 -10.61 4.04
N VAL A 55 -3.62 -11.02 3.05
CA VAL A 55 -3.08 -10.08 2.06
C VAL A 55 -4.19 -9.20 1.48
N PRO A 56 -5.20 -9.86 0.88
CA PRO A 56 -6.33 -9.16 0.28
C PRO A 56 -7.24 -8.49 1.31
N LEU A 57 -7.09 -8.90 2.57
CA LEU A 57 -7.89 -8.34 3.65
C LEU A 57 -7.29 -7.02 4.14
N ILE A 58 -6.00 -6.85 3.93
CA ILE A 58 -5.31 -5.63 4.35
C ILE A 58 -5.30 -4.59 3.22
N LEU A 59 -4.96 -5.05 2.02
CA LEU A 59 -4.91 -4.16 0.86
C LEU A 59 -6.25 -3.49 0.63
N SER A 60 -7.33 -4.22 0.92
CA SER A 60 -8.68 -3.70 0.74
C SER A 60 -8.93 -2.53 1.68
N ARG A 61 -8.66 -2.74 2.96
CA ARG A 61 -8.87 -1.70 3.97
C ARG A 61 -7.87 -0.56 3.79
N MET A 62 -6.67 -0.90 3.34
CA MET A 62 -5.63 0.10 3.13
C MET A 62 -6.12 1.23 2.24
N ASN A 63 -6.57 0.88 1.04
CA ASN A 63 -7.08 1.87 0.10
C ASN A 63 -8.18 2.71 0.74
N LEU A 64 -9.05 2.06 1.49
CA LEU A 64 -10.16 2.75 2.15
C LEU A 64 -9.65 3.61 3.30
N ASP A 65 -8.43 3.31 3.76
CA ASP A 65 -7.82 4.05 4.85
C ASP A 65 -7.05 5.26 4.33
N ILE A 66 -6.16 5.02 3.37
CA ILE A 66 -5.37 6.09 2.78
C ILE A 66 -6.25 7.09 2.03
N SER A 67 -7.07 6.58 1.13
CA SER A 67 -7.96 7.41 0.35
C SER A 67 -8.73 8.39 1.24
N LYS A 68 -9.30 7.86 2.32
CA LYS A 68 -10.06 8.67 3.26
C LYS A 68 -9.14 9.64 4.00
N ALA A 69 -7.92 9.20 4.26
CA ALA A 69 -6.95 10.04 4.97
C ALA A 69 -6.51 11.22 4.11
N ILE A 70 -6.87 11.18 2.83
CA ILE A 70 -6.53 12.26 1.91
C ILE A 70 -7.17 13.58 2.32
N ARG A 71 -8.48 13.67 2.11
CA ARG A 71 -9.22 14.88 2.46
C ARG A 71 -9.09 15.18 3.95
N ASN A 72 -9.08 14.13 4.76
CA ASN A 72 -8.95 14.28 6.20
C ASN A 72 -7.77 15.17 6.57
N ASP A 73 -6.56 14.70 6.22
CA ASP A 73 -5.35 15.47 6.51
C ASP A 73 -4.98 16.37 5.34
N GLY A 74 -5.95 16.58 4.44
CA GLY A 74 -5.71 17.44 3.29
C GLY A 74 -4.43 17.07 2.56
N VAL A 75 -4.07 15.80 2.59
CA VAL A 75 -2.86 15.33 1.93
C VAL A 75 -3.07 15.17 0.43
N THR A 76 -1.98 15.15 -0.32
CA THR A 76 -2.05 15.01 -1.77
C THR A 76 -1.03 14.00 -2.28
N LEU A 77 -1.51 12.91 -2.87
CA LEU A 77 -0.63 11.87 -3.40
C LEU A 77 0.02 12.32 -4.69
N SER A 78 1.32 12.05 -4.82
CA SER A 78 2.06 12.43 -6.03
C SER A 78 1.72 11.51 -7.19
N ASP A 79 2.33 11.77 -8.34
CA ASP A 79 2.09 10.96 -9.53
C ASP A 79 2.31 9.49 -9.25
N TYR A 80 3.54 9.13 -8.90
CA TYR A 80 3.89 7.75 -8.60
C TYR A 80 2.98 7.19 -7.50
N GLN A 81 2.66 8.03 -6.53
CA GLN A 81 1.80 7.61 -5.42
C GLN A 81 0.45 7.12 -5.93
N SER A 82 -0.35 8.03 -6.45
CA SER A 82 -1.67 7.70 -6.97
C SER A 82 -1.58 6.53 -7.95
N LYS A 83 -0.49 6.48 -8.71
CA LYS A 83 -0.29 5.41 -9.68
C LYS A 83 -0.11 4.07 -8.98
N LYS A 84 0.75 4.05 -7.96
CA LYS A 84 1.01 2.82 -7.20
C LYS A 84 -0.23 2.38 -6.45
N LEU A 85 -1.17 3.29 -6.27
CA LEU A 85 -2.41 2.98 -5.57
C LEU A 85 -3.27 2.01 -6.36
N LYS A 86 -3.25 2.15 -7.68
CA LYS A 86 -4.02 1.28 -8.56
C LYS A 86 -3.41 -0.12 -8.61
N GLU A 87 -2.23 -0.25 -8.02
CA GLU A 87 -1.54 -1.54 -7.99
C GLU A 87 -2.38 -2.60 -7.31
N LEU A 88 -2.41 -2.57 -5.99
CA LEU A 88 -3.18 -3.53 -5.20
C LEU A 88 -4.67 -3.36 -5.46
N THR A 89 -5.03 -2.31 -6.18
CA THR A 89 -6.43 -2.04 -6.50
C THR A 89 -7.00 -3.11 -7.42
N SER A 90 -6.31 -3.36 -8.52
CA SER A 90 -6.75 -4.36 -9.49
C SER A 90 -6.48 -5.77 -8.97
N ILE A 91 -5.42 -5.91 -8.18
CA ILE A 91 -5.05 -7.21 -7.63
C ILE A 91 -6.04 -7.64 -6.54
N SER A 92 -6.28 -6.75 -5.59
CA SER A 92 -7.20 -7.04 -4.49
C SER A 92 -8.64 -7.05 -4.99
N ASN A 93 -9.41 -8.05 -4.55
CA ASN A 93 -10.80 -8.18 -4.95
C ASN A 93 -11.70 -7.30 -4.09
N ILE A 94 -11.91 -6.07 -4.54
CA ILE A 94 -12.76 -5.12 -3.82
C ILE A 94 -14.24 -5.43 -4.03
N ARG A 95 -14.70 -6.52 -3.42
CA ARG A 95 -16.09 -6.92 -3.54
C ARG A 95 -16.97 -6.15 -2.55
N TYR A 96 -16.76 -6.40 -1.26
CA TYR A 96 -17.53 -5.74 -0.22
C TYR A 96 -16.83 -4.49 0.26
N GLY A 97 -15.49 -4.47 0.15
CA GLY A 97 -14.73 -3.32 0.57
C GLY A 97 -14.54 -3.27 2.07
N TYR A 98 -15.64 -3.10 2.81
CA TYR A 98 -15.58 -3.03 4.26
C TYR A 98 -16.40 -4.16 4.89
N MET A 1 25.48 6.63 -8.99
CA MET A 1 25.72 8.06 -8.84
C MET A 1 25.50 8.78 -10.16
N GLY A 2 24.30 8.64 -10.72
CA GLY A 2 23.99 9.29 -11.99
C GLY A 2 22.51 9.21 -12.31
N LYS A 3 22.21 8.61 -13.47
CA LYS A 3 20.82 8.47 -13.91
C LYS A 3 20.10 7.40 -13.11
N LEU A 4 18.82 7.62 -12.84
CA LEU A 4 18.02 6.67 -12.07
C LEU A 4 16.65 6.48 -12.71
N LYS A 5 16.07 5.30 -12.53
CA LYS A 5 14.76 4.99 -13.09
C LYS A 5 13.88 4.32 -12.05
N TRP A 6 12.58 4.61 -12.10
CA TRP A 6 11.63 4.02 -11.16
C TRP A 6 11.14 2.66 -11.65
N PHE A 7 11.93 1.63 -11.41
CA PHE A 7 11.57 0.27 -11.83
C PHE A 7 10.77 -0.44 -10.74
N SER A 8 10.14 -1.54 -11.12
CA SER A 8 9.32 -2.32 -10.18
C SER A 8 8.89 -3.64 -10.81
N GLY A 9 8.44 -4.57 -9.96
CA GLY A 9 8.00 -5.86 -10.45
C GLY A 9 8.20 -6.97 -9.42
N GLY A 10 7.34 -7.97 -9.46
CA GLY A 10 7.44 -9.07 -8.53
C GLY A 10 6.69 -10.31 -9.00
N LYS A 11 7.13 -11.47 -8.53
CA LYS A 11 6.49 -12.73 -8.91
C LYS A 11 5.22 -12.96 -8.11
N GLU A 12 5.35 -13.05 -6.80
CA GLU A 12 4.22 -13.26 -5.92
C GLU A 12 3.27 -12.06 -5.95
N ARG A 13 1.96 -12.34 -5.98
CA ARG A 13 0.96 -11.29 -6.01
C ARG A 13 0.77 -10.67 -4.62
N SER A 14 0.67 -11.54 -3.62
CA SER A 14 0.48 -11.09 -2.23
C SER A 14 1.69 -10.31 -1.75
N ASN A 15 2.88 -10.87 -1.96
CA ASN A 15 4.12 -10.24 -1.55
C ASN A 15 4.40 -8.99 -2.37
N GLN A 16 3.71 -8.86 -3.50
CA GLN A 16 3.87 -7.72 -4.38
C GLN A 16 3.55 -6.42 -3.65
N ALA A 17 2.36 -6.35 -3.09
CA ALA A 17 1.92 -5.16 -2.35
C ALA A 17 2.97 -4.73 -1.33
N GLU A 18 3.50 -5.72 -0.59
CA GLU A 18 4.51 -5.44 0.42
C GLU A 18 5.69 -4.68 -0.17
N ASN A 19 6.20 -5.17 -1.28
CA ASN A 19 7.34 -4.55 -1.96
C ASN A 19 6.95 -3.17 -2.49
N ILE A 20 5.72 -3.05 -2.99
CA ILE A 20 5.23 -1.79 -3.54
C ILE A 20 5.25 -0.70 -2.48
N ILE A 21 4.60 -0.95 -1.36
CA ILE A 21 4.54 0.02 -0.28
C ILE A 21 5.93 0.51 0.10
N THR A 22 6.90 -0.41 0.10
CA THR A 22 8.27 -0.07 0.43
C THR A 22 8.80 1.05 -0.47
N ASP A 23 8.28 1.10 -1.69
CA ASP A 23 8.70 2.12 -2.65
C ASP A 23 8.39 3.53 -2.12
N LEU A 24 7.11 3.86 -2.09
CA LEU A 24 6.67 5.17 -1.62
C LEU A 24 7.33 5.51 -0.28
N LEU A 25 7.45 4.51 0.58
CA LEU A 25 8.06 4.69 1.89
C LEU A 25 9.46 5.28 1.76
N ASP A 26 10.30 4.61 0.98
CA ASP A 26 11.67 5.07 0.76
C ASP A 26 11.69 6.45 0.11
N ASP A 27 10.78 6.66 -0.84
CA ASP A 27 10.69 7.93 -1.55
C ASP A 27 10.35 9.07 -0.58
N LEU A 28 9.30 8.89 0.19
CA LEU A 28 8.87 9.90 1.15
C LEU A 28 9.72 9.84 2.41
N LYS A 29 10.66 8.90 2.45
CA LYS A 29 11.55 8.74 3.59
C LYS A 29 12.17 10.08 3.99
N THR A 30 11.97 10.48 5.24
CA THR A 30 12.51 11.73 5.75
C THR A 30 12.24 12.87 4.77
N ASP A 31 11.15 12.74 4.01
CA ASP A 31 10.78 13.78 3.04
C ASP A 31 10.18 14.98 3.74
N LEU A 32 9.75 14.79 4.98
CA LEU A 32 9.15 15.87 5.76
C LEU A 32 7.82 16.31 5.14
N ASP A 33 7.31 15.52 4.21
CA ASP A 33 6.05 15.83 3.55
C ASP A 33 4.88 15.17 4.28
N ASN A 34 4.82 13.85 4.23
CA ASN A 34 3.75 13.11 4.89
C ASN A 34 4.32 11.99 5.74
N GLU A 35 5.37 12.29 6.49
CA GLU A 35 6.01 11.30 7.35
C GLU A 35 4.99 10.65 8.28
N SER A 36 3.92 11.39 8.59
CA SER A 36 2.87 10.88 9.48
C SER A 36 1.87 10.05 8.70
N LEU A 37 1.65 10.42 7.43
CA LEU A 37 0.71 9.71 6.58
C LEU A 37 1.18 8.28 6.30
N LYS A 38 2.48 8.15 6.02
CA LYS A 38 3.06 6.84 5.74
C LYS A 38 2.75 5.85 6.86
N LYS A 39 2.46 6.38 8.05
CA LYS A 39 2.12 5.54 9.19
C LYS A 39 1.05 4.52 8.84
N VAL A 40 0.10 4.95 8.00
CA VAL A 40 -0.99 4.08 7.58
C VAL A 40 -0.48 2.95 6.68
N LEU A 41 0.36 3.30 5.72
CA LEU A 41 0.92 2.32 4.80
C LEU A 41 1.76 1.29 5.55
N GLU A 42 2.66 1.77 6.39
CA GLU A 42 3.53 0.88 7.17
C GLU A 42 2.70 -0.05 8.05
N ASN A 43 1.77 0.53 8.80
CA ASN A 43 0.91 -0.25 9.69
C ASN A 43 0.27 -1.42 8.94
N TYR A 44 -0.55 -1.11 7.95
CA TYR A 44 -1.21 -2.14 7.16
C TYR A 44 -0.20 -3.05 6.48
N LEU A 45 0.92 -2.46 6.05
CA LEU A 45 1.97 -3.22 5.38
C LEU A 45 2.47 -4.35 6.27
N GLU A 46 2.60 -4.07 7.56
CA GLU A 46 3.07 -5.07 8.51
C GLU A 46 2.07 -6.22 8.63
N GLU A 47 0.79 -5.92 8.45
CA GLU A 47 -0.27 -6.92 8.53
C GLU A 47 0.02 -8.08 7.59
N LEU A 48 0.59 -7.77 6.43
CA LEU A 48 0.92 -8.80 5.44
C LEU A 48 1.80 -9.89 6.05
N LYS A 49 2.70 -9.49 6.93
CA LYS A 49 3.59 -10.43 7.59
C LYS A 49 2.87 -11.18 8.71
N GLN A 50 2.00 -10.48 9.41
CA GLN A 50 1.24 -11.08 10.50
C GLN A 50 0.09 -11.93 9.97
N LYS A 51 -0.27 -12.96 10.72
CA LYS A 51 -1.36 -13.85 10.33
C LYS A 51 -2.69 -13.37 10.90
N SER A 52 -2.70 -12.15 11.43
CA SER A 52 -3.91 -11.58 12.02
C SER A 52 -4.78 -10.93 10.95
N ALA A 53 -4.32 -11.00 9.70
CA ALA A 53 -5.06 -10.42 8.58
C ALA A 53 -4.55 -10.95 7.25
N SER A 54 -5.47 -11.30 6.36
CA SER A 54 -5.10 -11.82 5.05
C SER A 54 -4.63 -10.70 4.13
N VAL A 55 -3.85 -11.07 3.12
CA VAL A 55 -3.33 -10.10 2.16
C VAL A 55 -4.45 -9.22 1.61
N PRO A 56 -5.46 -9.86 1.01
CA PRO A 56 -6.61 -9.15 0.42
C PRO A 56 -7.51 -8.53 1.49
N LEU A 57 -7.34 -8.98 2.73
CA LEU A 57 -8.14 -8.47 3.84
C LEU A 57 -7.55 -7.16 4.37
N ILE A 58 -6.27 -6.95 4.12
CA ILE A 58 -5.60 -5.73 4.57
C ILE A 58 -5.65 -4.65 3.51
N LEU A 59 -5.39 -5.03 2.26
CA LEU A 59 -5.41 -4.10 1.14
C LEU A 59 -6.76 -3.39 1.05
N SER A 60 -7.82 -4.10 1.44
CA SER A 60 -9.16 -3.54 1.40
C SER A 60 -9.31 -2.38 2.38
N ARG A 61 -9.06 -2.66 3.66
CA ARG A 61 -9.16 -1.64 4.70
C ARG A 61 -8.12 -0.54 4.47
N MET A 62 -6.92 -0.94 4.06
CA MET A 62 -5.84 0.01 3.81
C MET A 62 -6.31 1.13 2.88
N ASN A 63 -6.69 0.76 1.67
CA ASN A 63 -7.15 1.73 0.67
C ASN A 63 -8.27 2.59 1.24
N LEU A 64 -9.25 1.94 1.87
CA LEU A 64 -10.38 2.65 2.46
C LEU A 64 -9.92 3.57 3.58
N ASP A 65 -8.71 3.36 4.06
CA ASP A 65 -8.15 4.17 5.13
C ASP A 65 -7.33 5.34 4.55
N ILE A 66 -6.45 5.02 3.61
CA ILE A 66 -5.62 6.04 2.99
C ILE A 66 -6.46 7.12 2.33
N SER A 67 -7.46 6.69 1.57
CA SER A 67 -8.35 7.62 0.88
C SER A 67 -8.91 8.66 1.85
N LYS A 68 -9.19 8.22 3.08
CA LYS A 68 -9.73 9.11 4.10
C LYS A 68 -8.71 10.18 4.50
N ALA A 69 -7.46 9.75 4.68
CA ALA A 69 -6.39 10.67 5.05
C ALA A 69 -6.25 11.80 4.03
N ILE A 70 -6.75 11.56 2.82
CA ILE A 70 -6.68 12.54 1.75
C ILE A 70 -7.63 13.71 2.02
N ARG A 71 -8.93 13.43 1.95
CA ARG A 71 -9.94 14.45 2.19
C ARG A 71 -9.79 15.05 3.58
N ASN A 72 -9.77 14.19 4.59
CA ASN A 72 -9.63 14.65 5.97
C ASN A 72 -8.46 15.61 6.12
N ASP A 73 -7.25 15.06 6.13
CA ASP A 73 -6.04 15.86 6.26
C ASP A 73 -6.03 16.99 5.23
N GLY A 74 -6.03 16.60 3.95
CA GLY A 74 -6.01 17.60 2.89
C GLY A 74 -4.77 17.49 2.02
N VAL A 75 -4.16 16.31 1.99
CA VAL A 75 -2.96 16.07 1.21
C VAL A 75 -3.32 15.65 -0.21
N THR A 76 -2.29 15.36 -1.02
CA THR A 76 -2.50 14.93 -2.40
C THR A 76 -1.39 13.99 -2.86
N LEU A 77 -1.78 12.82 -3.35
CA LEU A 77 -0.82 11.83 -3.82
C LEU A 77 -0.23 12.24 -5.17
N SER A 78 1.07 12.01 -5.34
CA SER A 78 1.74 12.36 -6.58
C SER A 78 1.39 11.37 -7.68
N ASP A 79 1.86 11.66 -8.89
CA ASP A 79 1.59 10.79 -10.05
C ASP A 79 1.94 9.34 -9.73
N TYR A 80 3.22 9.08 -9.53
CA TYR A 80 3.69 7.73 -9.22
C TYR A 80 2.92 7.14 -8.04
N GLN A 81 2.61 7.99 -7.06
CA GLN A 81 1.87 7.55 -5.88
C GLN A 81 0.52 6.99 -6.26
N SER A 82 -0.38 7.86 -6.73
CA SER A 82 -1.71 7.45 -7.13
C SER A 82 -1.66 6.26 -8.08
N LYS A 83 -0.62 6.22 -8.90
CA LYS A 83 -0.45 5.13 -9.87
C LYS A 83 -0.19 3.81 -9.15
N LYS A 84 0.80 3.81 -8.25
CA LYS A 84 1.14 2.62 -7.49
C LYS A 84 -0.05 2.12 -6.68
N LEU A 85 -1.02 3.01 -6.44
CA LEU A 85 -2.21 2.67 -5.68
C LEU A 85 -3.05 1.64 -6.42
N LYS A 86 -3.06 1.74 -7.75
CA LYS A 86 -3.82 0.81 -8.58
C LYS A 86 -3.19 -0.58 -8.57
N GLU A 87 -1.99 -0.67 -8.00
CA GLU A 87 -1.29 -1.95 -7.93
C GLU A 87 -2.11 -2.99 -7.19
N LEU A 88 -2.10 -2.91 -5.86
CA LEU A 88 -2.85 -3.85 -5.03
C LEU A 88 -4.36 -3.72 -5.28
N THR A 89 -4.74 -2.68 -6.03
CA THR A 89 -6.14 -2.45 -6.34
C THR A 89 -6.71 -3.56 -7.22
N SER A 90 -5.99 -3.87 -8.30
CA SER A 90 -6.42 -4.91 -9.23
C SER A 90 -6.20 -6.29 -8.63
N ILE A 91 -5.19 -6.40 -7.77
CA ILE A 91 -4.87 -7.67 -7.14
C ILE A 91 -5.94 -8.07 -6.12
N SER A 92 -6.52 -7.07 -5.46
CA SER A 92 -7.57 -7.31 -4.47
C SER A 92 -8.86 -7.76 -5.14
N ASN A 93 -9.80 -8.24 -4.33
CA ASN A 93 -11.08 -8.70 -4.84
C ASN A 93 -12.05 -7.54 -5.03
N ILE A 94 -12.34 -6.84 -3.93
CA ILE A 94 -13.24 -5.70 -3.97
C ILE A 94 -14.58 -6.07 -4.61
N ARG A 95 -15.33 -6.94 -3.93
CA ARG A 95 -16.62 -7.39 -4.44
C ARG A 95 -17.73 -6.43 -4.00
N TYR A 96 -17.54 -5.80 -2.84
CA TYR A 96 -18.53 -4.87 -2.32
C TYR A 96 -18.25 -3.45 -2.81
N GLY A 97 -16.98 -3.17 -3.11
CA GLY A 97 -16.61 -1.85 -3.58
C GLY A 97 -17.38 -1.44 -4.82
N TYR A 98 -17.68 -2.41 -5.68
CA TYR A 98 -18.41 -2.15 -6.91
C TYR A 98 -19.70 -2.96 -6.96
N MET A 1 18.65 2.82 -1.98
CA MET A 1 20.08 2.99 -1.70
C MET A 1 20.92 2.21 -2.71
N GLY A 2 21.25 2.86 -3.84
CA GLY A 2 22.04 2.21 -4.86
C GLY A 2 21.33 1.04 -5.49
N LYS A 3 20.00 1.01 -5.37
CA LYS A 3 19.20 -0.06 -5.93
C LYS A 3 17.85 0.46 -6.42
N LEU A 4 17.60 0.35 -7.72
CA LEU A 4 16.35 0.82 -8.31
C LEU A 4 15.15 0.22 -7.56
N LYS A 5 14.12 1.04 -7.36
CA LYS A 5 12.91 0.60 -6.68
C LYS A 5 11.74 0.51 -7.64
N TRP A 6 12.00 0.81 -8.92
CA TRP A 6 10.96 0.76 -9.94
C TRP A 6 10.74 -0.67 -10.42
N PHE A 7 10.35 -1.55 -9.50
CA PHE A 7 10.10 -2.94 -9.83
C PHE A 7 8.65 -3.16 -10.22
N SER A 8 8.35 -2.98 -11.49
CA SER A 8 6.98 -3.15 -12.00
C SER A 8 6.57 -4.61 -11.94
N GLY A 9 5.96 -5.00 -10.83
CA GLY A 9 5.51 -6.38 -10.67
C GLY A 9 6.26 -7.11 -9.57
N GLY A 10 6.01 -8.40 -9.44
CA GLY A 10 6.67 -9.19 -8.42
C GLY A 10 6.58 -10.68 -8.68
N LYS A 11 7.32 -11.46 -7.90
CA LYS A 11 7.32 -12.92 -8.06
C LYS A 11 6.11 -13.53 -7.37
N GLU A 12 5.29 -12.69 -6.75
CA GLU A 12 4.10 -13.15 -6.06
C GLU A 12 3.13 -12.01 -5.82
N ARG A 13 1.83 -12.32 -5.86
CA ARG A 13 0.79 -11.32 -5.66
C ARG A 13 0.76 -10.86 -4.20
N SER A 14 1.06 -11.78 -3.29
CA SER A 14 1.07 -11.47 -1.87
C SER A 14 2.25 -10.57 -1.50
N ASN A 15 3.43 -10.94 -1.98
CA ASN A 15 4.65 -10.18 -1.72
C ASN A 15 4.65 -8.86 -2.51
N GLN A 16 3.81 -8.80 -3.53
CA GLN A 16 3.71 -7.61 -4.37
C GLN A 16 3.33 -6.39 -3.53
N ALA A 17 2.20 -6.48 -2.86
CA ALA A 17 1.72 -5.37 -2.02
C ALA A 17 2.82 -4.89 -1.07
N GLU A 18 3.45 -5.83 -0.39
CA GLU A 18 4.52 -5.50 0.55
C GLU A 18 5.61 -4.68 -0.13
N ASN A 19 5.99 -5.10 -1.33
CA ASN A 19 7.02 -4.41 -2.09
C ASN A 19 6.56 -3.01 -2.50
N ILE A 20 5.32 -2.93 -2.97
CA ILE A 20 4.74 -1.65 -3.39
C ILE A 20 4.73 -0.65 -2.25
N ILE A 21 4.06 -1.01 -1.16
CA ILE A 21 3.98 -0.13 0.01
C ILE A 21 5.36 0.36 0.43
N THR A 22 6.33 -0.55 0.44
CA THR A 22 7.69 -0.22 0.83
C THR A 22 8.28 0.83 -0.10
N ASP A 23 7.84 0.82 -1.36
CA ASP A 23 8.33 1.79 -2.34
C ASP A 23 8.08 3.21 -1.88
N LEU A 24 6.81 3.60 -1.81
CA LEU A 24 6.44 4.94 -1.38
C LEU A 24 7.16 5.32 -0.08
N LEU A 25 7.31 4.34 0.81
CA LEU A 25 7.97 4.57 2.08
C LEU A 25 9.37 5.12 1.87
N ASP A 26 10.11 4.52 0.94
CA ASP A 26 11.47 4.96 0.63
C ASP A 26 11.48 6.39 0.11
N ASP A 27 10.60 6.67 -0.86
CA ASP A 27 10.50 7.99 -1.45
C ASP A 27 10.14 9.03 -0.40
N LEU A 28 9.36 8.61 0.60
CA LEU A 28 8.94 9.50 1.67
C LEU A 28 10.12 9.87 2.56
N LYS A 29 11.15 9.04 2.55
CA LYS A 29 12.34 9.28 3.36
C LYS A 29 12.83 10.71 3.20
N THR A 30 13.32 11.28 4.29
CA THR A 30 13.82 12.65 4.26
C THR A 30 12.85 13.59 3.55
N ASP A 31 11.63 13.67 4.08
CA ASP A 31 10.61 14.54 3.50
C ASP A 31 9.45 14.73 4.46
N LEU A 32 8.92 15.95 4.50
CA LEU A 32 7.81 16.26 5.39
C LEU A 32 6.49 16.31 4.61
N ASP A 33 6.40 15.50 3.56
CA ASP A 33 5.20 15.44 2.73
C ASP A 33 4.13 14.57 3.39
N ASN A 34 4.58 13.59 4.18
CA ASN A 34 3.67 12.67 4.86
C ASN A 34 4.37 11.94 5.99
N GLU A 35 4.28 12.49 7.20
CA GLU A 35 4.91 11.89 8.36
C GLU A 35 3.96 10.91 9.05
N SER A 36 2.96 11.46 9.74
CA SER A 36 1.98 10.64 10.45
C SER A 36 1.31 9.64 9.50
N LEU A 37 1.18 10.04 8.24
CA LEU A 37 0.57 9.19 7.23
C LEU A 37 1.27 7.84 7.14
N LYS A 38 2.59 7.87 7.33
CA LYS A 38 3.39 6.64 7.27
C LYS A 38 2.80 5.57 8.17
N LYS A 39 2.12 5.99 9.23
CA LYS A 39 1.51 5.06 10.17
C LYS A 39 0.53 4.13 9.46
N VAL A 40 -0.14 4.66 8.43
CA VAL A 40 -1.09 3.88 7.66
C VAL A 40 -0.40 2.79 6.85
N LEU A 41 0.52 3.20 5.98
CA LEU A 41 1.26 2.26 5.15
C LEU A 41 2.05 1.28 6.00
N GLU A 42 2.80 1.81 6.96
CA GLU A 42 3.60 0.97 7.86
C GLU A 42 2.73 -0.07 8.56
N ASN A 43 1.74 0.40 9.31
CA ASN A 43 0.84 -0.49 10.04
C ASN A 43 0.31 -1.59 9.12
N TYR A 44 -0.48 -1.19 8.12
CA TYR A 44 -1.05 -2.14 7.18
C TYR A 44 0.02 -3.07 6.61
N LEU A 45 1.16 -2.48 6.26
CA LEU A 45 2.27 -3.26 5.70
C LEU A 45 2.69 -4.36 6.67
N GLU A 46 2.64 -4.07 7.96
CA GLU A 46 3.01 -5.04 8.99
C GLU A 46 2.03 -6.21 9.02
N GLU A 47 0.79 -5.94 8.59
CA GLU A 47 -0.25 -6.96 8.57
C GLU A 47 0.21 -8.20 7.79
N LEU A 48 0.79 -7.95 6.61
CA LEU A 48 1.27 -9.04 5.76
C LEU A 48 2.27 -9.92 6.51
N LYS A 49 2.91 -9.34 7.53
CA LYS A 49 3.88 -10.07 8.33
C LYS A 49 3.28 -10.50 9.66
N GLN A 50 2.10 -9.98 9.97
CA GLN A 50 1.42 -10.31 11.21
C GLN A 50 0.77 -11.69 11.13
N LYS A 51 0.86 -12.31 9.95
CA LYS A 51 0.28 -13.63 9.73
C LYS A 51 -1.07 -13.76 10.45
N SER A 52 -1.94 -12.78 10.25
CA SER A 52 -3.25 -12.79 10.87
C SER A 52 -4.27 -12.04 10.01
N ALA A 53 -3.96 -11.92 8.73
CA ALA A 53 -4.84 -11.24 7.79
C ALA A 53 -4.47 -11.56 6.34
N SER A 54 -5.47 -11.85 5.53
CA SER A 54 -5.25 -12.17 4.12
C SER A 54 -4.76 -10.96 3.36
N VAL A 55 -3.98 -11.20 2.31
CA VAL A 55 -3.43 -10.12 1.48
C VAL A 55 -4.53 -9.16 1.05
N PRO A 56 -5.56 -9.70 0.37
CA PRO A 56 -6.69 -8.91 -0.12
C PRO A 56 -7.58 -8.42 1.01
N LEU A 57 -7.36 -8.95 2.21
CA LEU A 57 -8.15 -8.56 3.37
C LEU A 57 -7.61 -7.28 4.00
N ILE A 58 -6.29 -7.12 3.94
CA ILE A 58 -5.65 -5.93 4.49
C ILE A 58 -5.64 -4.78 3.48
N LEU A 59 -5.31 -5.12 2.24
CA LEU A 59 -5.27 -4.11 1.17
C LEU A 59 -6.62 -3.42 1.01
N SER A 60 -7.69 -4.16 1.28
CA SER A 60 -9.04 -3.62 1.16
C SER A 60 -9.20 -2.40 2.05
N ARG A 61 -8.97 -2.58 3.35
CA ARG A 61 -9.09 -1.49 4.31
C ARG A 61 -8.06 -0.40 4.05
N MET A 62 -6.89 -0.82 3.57
CA MET A 62 -5.81 0.12 3.28
C MET A 62 -6.30 1.24 2.37
N ASN A 63 -6.82 0.87 1.21
CA ASN A 63 -7.33 1.84 0.25
C ASN A 63 -8.34 2.79 0.91
N LEU A 64 -9.28 2.21 1.65
CA LEU A 64 -10.29 3.00 2.34
C LEU A 64 -9.66 3.91 3.38
N ASP A 65 -8.44 3.59 3.79
CA ASP A 65 -7.73 4.38 4.79
C ASP A 65 -6.92 5.49 4.12
N ILE A 66 -6.02 5.10 3.22
CA ILE A 66 -5.19 6.06 2.51
C ILE A 66 -6.04 7.09 1.78
N SER A 67 -7.04 6.61 1.05
CA SER A 67 -7.93 7.49 0.29
C SER A 67 -8.54 8.55 1.20
N LYS A 68 -8.78 8.19 2.46
CA LYS A 68 -9.36 9.11 3.43
C LYS A 68 -8.34 10.18 3.83
N ALA A 69 -7.10 9.75 4.08
CA ALA A 69 -6.04 10.66 4.48
C ALA A 69 -5.85 11.76 3.43
N ILE A 70 -6.30 11.51 2.21
CA ILE A 70 -6.19 12.48 1.13
C ILE A 70 -7.00 13.73 1.43
N ARG A 71 -8.32 13.60 1.39
CA ARG A 71 -9.21 14.73 1.66
C ARG A 71 -9.02 15.25 3.09
N ASN A 72 -8.99 14.33 4.04
CA ASN A 72 -8.83 14.69 5.44
C ASN A 72 -7.56 15.52 5.64
N ASP A 73 -6.41 14.85 5.65
CA ASP A 73 -5.13 15.51 5.83
C ASP A 73 -4.93 16.60 4.77
N GLY A 74 -5.60 16.43 3.63
CA GLY A 74 -5.50 17.40 2.56
C GLY A 74 -4.22 17.23 1.76
N VAL A 75 -3.66 16.02 1.80
CA VAL A 75 -2.42 15.73 1.07
C VAL A 75 -2.71 15.27 -0.35
N THR A 76 -1.91 15.74 -1.30
CA THR A 76 -2.09 15.38 -2.70
C THR A 76 -1.08 14.31 -3.12
N LEU A 77 -1.60 13.19 -3.60
CA LEU A 77 -0.75 12.09 -4.04
C LEU A 77 -0.10 12.39 -5.39
N SER A 78 1.19 12.09 -5.51
CA SER A 78 1.92 12.34 -6.74
C SER A 78 1.53 11.32 -7.82
N ASP A 79 2.09 11.51 -9.01
CA ASP A 79 1.80 10.61 -10.13
C ASP A 79 2.02 9.16 -9.73
N TYR A 80 3.26 8.82 -9.42
CA TYR A 80 3.62 7.45 -9.02
C TYR A 80 2.76 6.99 -7.86
N GLN A 81 2.50 7.89 -6.92
CA GLN A 81 1.69 7.57 -5.75
C GLN A 81 0.32 7.04 -6.17
N SER A 82 -0.52 7.93 -6.69
CA SER A 82 -1.86 7.55 -7.13
C SER A 82 -1.81 6.32 -8.03
N LYS A 83 -0.73 6.21 -8.81
CA LYS A 83 -0.56 5.09 -9.73
C LYS A 83 -0.37 3.78 -8.95
N LYS A 84 0.47 3.82 -7.93
CA LYS A 84 0.74 2.65 -7.11
C LYS A 84 -0.51 2.24 -6.32
N LEU A 85 -1.45 3.17 -6.18
CA LEU A 85 -2.69 2.92 -5.45
C LEU A 85 -3.55 1.90 -6.20
N LYS A 86 -3.56 2.00 -7.52
CA LYS A 86 -4.34 1.10 -8.36
C LYS A 86 -3.73 -0.31 -8.35
N GLU A 87 -2.55 -0.42 -7.77
CA GLU A 87 -1.86 -1.71 -7.71
C GLU A 87 -2.70 -2.74 -6.96
N LEU A 88 -2.70 -2.66 -5.64
CA LEU A 88 -3.45 -3.58 -4.81
C LEU A 88 -4.96 -3.42 -5.05
N THR A 89 -5.32 -2.38 -5.79
CA THR A 89 -6.72 -2.12 -6.10
C THR A 89 -7.32 -3.23 -6.96
N SER A 90 -6.61 -3.61 -8.01
CA SER A 90 -7.07 -4.65 -8.91
C SER A 90 -6.88 -6.03 -8.29
N ILE A 91 -5.88 -6.14 -7.42
CA ILE A 91 -5.59 -7.41 -6.74
C ILE A 91 -6.66 -7.73 -5.71
N SER A 92 -7.11 -6.71 -4.99
CA SER A 92 -8.14 -6.89 -3.97
C SER A 92 -9.50 -7.18 -4.61
N ASN A 93 -10.16 -8.22 -4.10
CA ASN A 93 -11.48 -8.61 -4.61
C ASN A 93 -12.58 -7.79 -3.95
N ILE A 94 -12.25 -7.15 -2.83
CA ILE A 94 -13.21 -6.34 -2.10
C ILE A 94 -13.42 -4.99 -2.77
N ARG A 95 -12.41 -4.56 -3.54
CA ARG A 95 -12.49 -3.27 -4.24
C ARG A 95 -13.75 -3.20 -5.10
N TYR A 96 -14.20 -4.35 -5.57
CA TYR A 96 -15.40 -4.41 -6.41
C TYR A 96 -16.65 -4.62 -5.56
N GLY A 97 -16.66 -5.71 -4.80
CA GLY A 97 -17.80 -6.02 -3.95
C GLY A 97 -18.19 -4.85 -3.06
N TYR A 98 -17.20 -4.01 -2.72
CA TYR A 98 -17.45 -2.86 -1.87
C TYR A 98 -17.08 -1.57 -2.58
N MET A 1 -13.80 -13.68 -7.69
CA MET A 1 -14.06 -15.12 -7.64
C MET A 1 -14.60 -15.53 -6.28
N GLY A 2 -14.06 -14.95 -5.22
CA GLY A 2 -14.51 -15.27 -3.88
C GLY A 2 -13.66 -14.61 -2.82
N LYS A 3 -14.02 -14.84 -1.55
CA LYS A 3 -13.28 -14.26 -0.44
C LYS A 3 -12.31 -15.29 0.15
N LEU A 4 -11.09 -15.30 -0.36
CA LEU A 4 -10.06 -16.22 0.12
C LEU A 4 -9.56 -15.80 1.50
N LYS A 5 -9.54 -16.76 2.42
CA LYS A 5 -9.07 -16.48 3.78
C LYS A 5 -7.89 -17.37 4.14
N TRP A 6 -7.47 -18.20 3.18
CA TRP A 6 -6.34 -19.11 3.38
C TRP A 6 -5.02 -18.36 3.25
N PHE A 7 -3.94 -19.00 3.69
CA PHE A 7 -2.61 -18.40 3.63
C PHE A 7 -1.94 -18.73 2.29
N SER A 8 -2.32 -19.85 1.70
CA SER A 8 -1.75 -20.27 0.43
C SER A 8 -2.13 -19.30 -0.68
N GLY A 9 -1.13 -18.63 -1.25
CA GLY A 9 -1.37 -17.68 -2.31
C GLY A 9 -0.97 -18.21 -3.67
N GLY A 10 0.29 -18.04 -4.03
CA GLY A 10 0.77 -18.51 -5.31
C GLY A 10 2.20 -18.08 -5.59
N LYS A 11 2.39 -17.32 -6.66
CA LYS A 11 3.72 -16.84 -7.04
C LYS A 11 4.10 -15.60 -6.25
N GLU A 12 4.01 -15.70 -4.92
CA GLU A 12 4.34 -14.58 -4.04
C GLU A 12 3.67 -13.30 -4.52
N ARG A 13 2.48 -13.44 -5.08
CA ARG A 13 1.73 -12.30 -5.58
C ARG A 13 1.23 -11.42 -4.43
N SER A 14 1.03 -12.04 -3.27
CA SER A 14 0.55 -11.33 -2.10
C SER A 14 1.65 -10.46 -1.50
N ASN A 15 2.88 -10.96 -1.56
CA ASN A 15 4.03 -10.23 -1.03
C ASN A 15 4.32 -8.99 -1.87
N GLN A 16 3.78 -8.95 -3.08
CA GLN A 16 3.98 -7.82 -3.97
C GLN A 16 3.47 -6.54 -3.35
N ALA A 17 2.23 -6.56 -2.87
CA ALA A 17 1.62 -5.39 -2.24
C ALA A 17 2.53 -4.82 -1.16
N GLU A 18 2.99 -5.68 -0.26
CA GLU A 18 3.86 -5.26 0.82
C GLU A 18 5.09 -4.53 0.29
N ASN A 19 5.76 -5.14 -0.69
CA ASN A 19 6.94 -4.55 -1.30
C ASN A 19 6.64 -3.19 -1.89
N ILE A 20 5.47 -3.08 -2.53
CA ILE A 20 5.05 -1.83 -3.15
C ILE A 20 4.96 -0.71 -2.10
N ILE A 21 4.25 -0.98 -1.03
CA ILE A 21 4.08 0.00 0.05
C ILE A 21 5.42 0.56 0.49
N THR A 22 6.41 -0.32 0.63
CA THR A 22 7.75 0.09 1.05
C THR A 22 8.33 1.12 0.09
N ASP A 23 7.91 1.06 -1.17
CA ASP A 23 8.39 2.00 -2.18
C ASP A 23 8.03 3.44 -1.80
N LEU A 24 6.74 3.74 -1.84
CA LEU A 24 6.26 5.08 -1.50
C LEU A 24 6.88 5.57 -0.19
N LEU A 25 7.06 4.64 0.74
CA LEU A 25 7.65 4.98 2.04
C LEU A 25 8.99 5.66 1.88
N ASP A 26 9.87 5.04 1.10
CA ASP A 26 11.20 5.60 0.85
C ASP A 26 11.10 6.95 0.14
N ASP A 27 10.26 7.01 -0.89
CA ASP A 27 10.07 8.24 -1.65
C ASP A 27 9.56 9.36 -0.77
N LEU A 28 8.80 9.00 0.26
CA LEU A 28 8.24 9.97 1.20
C LEU A 28 9.35 10.61 2.03
N LYS A 29 10.45 9.89 2.19
CA LYS A 29 11.58 10.39 2.98
C LYS A 29 11.95 11.80 2.54
N THR A 30 11.74 12.11 1.27
CA THR A 30 12.05 13.43 0.73
C THR A 30 10.92 14.42 0.99
N ASP A 31 9.68 13.91 0.94
CA ASP A 31 8.51 14.74 1.17
C ASP A 31 8.49 15.28 2.60
N LEU A 32 8.27 16.58 2.73
CA LEU A 32 8.22 17.23 4.04
C LEU A 32 6.79 17.29 4.58
N ASP A 33 6.05 16.20 4.38
CA ASP A 33 4.67 16.14 4.84
C ASP A 33 4.24 14.69 5.07
N ASN A 34 2.99 14.51 5.47
CA ASN A 34 2.46 13.17 5.71
C ASN A 34 3.48 12.31 6.47
N GLU A 35 4.18 12.93 7.40
CA GLU A 35 5.19 12.21 8.19
C GLU A 35 4.53 11.21 9.14
N SER A 36 3.31 11.53 9.57
CA SER A 36 2.58 10.65 10.49
C SER A 36 1.70 9.68 9.71
N LEU A 37 1.35 10.05 8.49
CA LEU A 37 0.51 9.20 7.64
C LEU A 37 1.16 7.83 7.43
N LYS A 38 2.48 7.81 7.40
CA LYS A 38 3.23 6.57 7.21
C LYS A 38 2.74 5.49 8.18
N LYS A 39 2.23 5.93 9.33
CA LYS A 39 1.73 4.99 10.33
C LYS A 39 0.73 4.02 9.73
N VAL A 40 -0.08 4.51 8.80
CA VAL A 40 -1.08 3.67 8.15
C VAL A 40 -0.43 2.63 7.24
N LEU A 41 0.40 3.10 6.32
CA LEU A 41 1.10 2.21 5.39
C LEU A 41 1.91 1.18 6.15
N GLU A 42 2.76 1.65 7.07
CA GLU A 42 3.60 0.76 7.87
C GLU A 42 2.76 -0.28 8.59
N ASN A 43 1.74 0.18 9.31
CA ASN A 43 0.86 -0.71 10.06
C ASN A 43 0.32 -1.82 9.15
N TYR A 44 -0.53 -1.44 8.20
CA TYR A 44 -1.12 -2.40 7.28
C TYR A 44 -0.03 -3.25 6.62
N LEU A 45 1.09 -2.61 6.27
CA LEU A 45 2.19 -3.32 5.64
C LEU A 45 2.66 -4.49 6.50
N GLU A 46 2.67 -4.28 7.82
CA GLU A 46 3.10 -5.31 8.75
C GLU A 46 2.13 -6.47 8.76
N GLU A 47 0.86 -6.18 8.51
CA GLU A 47 -0.18 -7.20 8.50
C GLU A 47 0.17 -8.32 7.53
N LEU A 48 0.69 -7.94 6.35
CA LEU A 48 1.07 -8.91 5.34
C LEU A 48 2.11 -9.89 5.88
N LYS A 49 2.85 -9.46 6.91
CA LYS A 49 3.88 -10.29 7.52
C LYS A 49 3.25 -11.40 8.36
N GLN A 50 2.23 -11.04 9.14
CA GLN A 50 1.55 -12.02 9.99
C GLN A 50 0.58 -12.86 9.17
N LYS A 51 0.08 -13.93 9.79
CA LYS A 51 -0.86 -14.82 9.12
C LYS A 51 -2.27 -14.66 9.70
N SER A 52 -2.49 -13.56 10.40
CA SER A 52 -3.79 -13.28 11.01
C SER A 52 -4.72 -12.61 10.01
N ALA A 53 -4.42 -11.38 9.65
CA ALA A 53 -5.23 -10.63 8.70
C ALA A 53 -5.02 -11.15 7.28
N SER A 54 -6.12 -11.27 6.54
CA SER A 54 -6.07 -11.76 5.17
C SER A 54 -5.44 -10.73 4.25
N VAL A 55 -4.72 -11.21 3.24
CA VAL A 55 -4.05 -10.33 2.29
C VAL A 55 -5.03 -9.30 1.70
N PRO A 56 -6.12 -9.81 1.10
CA PRO A 56 -7.15 -8.96 0.49
C PRO A 56 -7.97 -8.21 1.54
N LEU A 57 -7.88 -8.66 2.79
CA LEU A 57 -8.61 -8.03 3.89
C LEU A 57 -7.90 -6.77 4.36
N ILE A 58 -6.59 -6.71 4.14
CA ILE A 58 -5.79 -5.55 4.55
C ILE A 58 -5.77 -4.50 3.45
N LEU A 59 -5.43 -4.92 2.24
CA LEU A 59 -5.37 -4.00 1.10
C LEU A 59 -6.73 -3.33 0.87
N SER A 60 -7.80 -4.03 1.25
CA SER A 60 -9.15 -3.51 1.08
C SER A 60 -9.37 -2.29 1.97
N ARG A 61 -9.25 -2.49 3.28
CA ARG A 61 -9.45 -1.42 4.25
C ARG A 61 -8.36 -0.36 4.10
N MET A 62 -7.15 -0.80 3.74
CA MET A 62 -6.03 0.11 3.56
C MET A 62 -6.40 1.26 2.63
N ASN A 63 -6.81 0.92 1.41
CA ASN A 63 -7.19 1.93 0.43
C ASN A 63 -8.25 2.87 1.00
N LEU A 64 -9.15 2.32 1.81
CA LEU A 64 -10.21 3.12 2.43
C LEU A 64 -9.64 4.05 3.49
N ASP A 65 -8.51 3.66 4.07
CA ASP A 65 -7.87 4.46 5.10
C ASP A 65 -6.96 5.53 4.49
N ILE A 66 -6.06 5.09 3.63
CA ILE A 66 -5.13 6.00 2.96
C ILE A 66 -5.87 7.09 2.21
N SER A 67 -6.83 6.68 1.38
CA SER A 67 -7.62 7.61 0.59
C SER A 67 -8.28 8.66 1.48
N LYS A 68 -8.65 8.25 2.69
CA LYS A 68 -9.28 9.15 3.65
C LYS A 68 -8.27 10.14 4.21
N ALA A 69 -7.09 9.66 4.53
CA ALA A 69 -6.03 10.52 5.07
C ALA A 69 -5.71 11.66 4.12
N ILE A 70 -6.06 11.48 2.85
CA ILE A 70 -5.81 12.50 1.83
C ILE A 70 -6.61 13.77 2.12
N ARG A 71 -7.92 13.70 1.94
CA ARG A 71 -8.80 14.83 2.18
C ARG A 71 -8.73 15.28 3.64
N ASN A 72 -8.83 14.31 4.55
CA ASN A 72 -8.76 14.61 5.97
C ASN A 72 -7.51 15.39 6.33
N ASP A 73 -6.37 14.70 6.37
CA ASP A 73 -5.10 15.33 6.69
C ASP A 73 -4.84 16.52 5.76
N GLY A 74 -4.89 16.27 4.46
CA GLY A 74 -4.64 17.33 3.49
C GLY A 74 -3.36 17.12 2.71
N VAL A 75 -2.97 15.86 2.54
CA VAL A 75 -1.76 15.53 1.81
C VAL A 75 -1.99 15.60 0.30
N THR A 76 -0.98 15.17 -0.46
CA THR A 76 -1.08 15.19 -1.92
C THR A 76 -0.25 14.06 -2.53
N LEU A 77 -0.87 13.27 -3.39
CA LEU A 77 -0.19 12.16 -4.04
C LEU A 77 0.67 12.66 -5.20
N SER A 78 1.04 11.75 -6.10
CA SER A 78 1.86 12.09 -7.25
C SER A 78 1.72 11.04 -8.35
N ASP A 79 2.47 11.22 -9.44
CA ASP A 79 2.42 10.31 -10.56
C ASP A 79 2.65 8.86 -10.09
N TYR A 80 3.89 8.56 -9.71
CA TYR A 80 4.23 7.22 -9.24
C TYR A 80 3.30 6.78 -8.11
N GLN A 81 2.94 7.73 -7.25
CA GLN A 81 2.06 7.44 -6.13
C GLN A 81 0.71 6.92 -6.62
N SER A 82 -0.10 7.83 -7.15
CA SER A 82 -1.42 7.47 -7.65
C SER A 82 -1.35 6.25 -8.57
N LYS A 83 -0.24 6.14 -9.30
CA LYS A 83 -0.03 5.02 -10.21
C LYS A 83 0.11 3.72 -9.46
N LYS A 84 1.03 3.69 -8.49
CA LYS A 84 1.26 2.50 -7.68
C LYS A 84 -0.02 2.06 -6.98
N LEU A 85 -0.94 2.99 -6.81
CA LEU A 85 -2.21 2.69 -6.15
C LEU A 85 -2.99 1.63 -6.93
N LYS A 86 -2.79 1.60 -8.24
CA LYS A 86 -3.47 0.62 -9.10
C LYS A 86 -2.91 -0.77 -8.88
N GLU A 87 -1.84 -0.87 -8.10
CA GLU A 87 -1.21 -2.14 -7.81
C GLU A 87 -2.13 -3.03 -6.97
N LEU A 88 -2.16 -2.76 -5.68
CA LEU A 88 -3.00 -3.52 -4.75
C LEU A 88 -4.48 -3.37 -5.10
N THR A 89 -4.77 -2.43 -6.00
CA THR A 89 -6.14 -2.18 -6.42
C THR A 89 -6.64 -3.28 -7.36
N SER A 90 -5.82 -3.64 -8.33
CA SER A 90 -6.18 -4.67 -9.30
C SER A 90 -6.07 -6.06 -8.66
N ILE A 91 -5.06 -6.24 -7.81
CA ILE A 91 -4.86 -7.51 -7.14
C ILE A 91 -5.99 -7.83 -6.17
N SER A 92 -6.59 -6.78 -5.62
CA SER A 92 -7.69 -6.93 -4.68
C SER A 92 -8.95 -7.40 -5.39
N ASN A 93 -9.01 -7.16 -6.69
CA ASN A 93 -10.17 -7.55 -7.50
C ASN A 93 -11.45 -6.96 -6.92
N ILE A 94 -11.40 -5.69 -6.54
CA ILE A 94 -12.57 -5.02 -5.97
C ILE A 94 -13.46 -4.44 -7.07
N ARG A 95 -12.83 -3.95 -8.14
CA ARG A 95 -13.58 -3.37 -9.25
C ARG A 95 -14.43 -4.43 -9.94
N TYR A 96 -14.04 -5.70 -9.78
CA TYR A 96 -14.77 -6.81 -10.39
C TYR A 96 -15.53 -7.60 -9.33
N GLY A 97 -16.27 -8.61 -9.78
CA GLY A 97 -17.03 -9.44 -8.87
C GLY A 97 -18.17 -10.16 -9.55
N TYR A 98 -17.93 -10.63 -10.76
CA TYR A 98 -18.95 -11.34 -11.53
C TYR A 98 -18.85 -12.85 -11.29
N MET A 1 10.55 -24.82 -0.19
CA MET A 1 11.98 -24.70 -0.39
C MET A 1 12.43 -23.24 -0.28
N GLY A 2 13.68 -23.04 0.13
CA GLY A 2 14.20 -21.69 0.28
C GLY A 2 14.52 -21.05 -1.05
N LYS A 3 13.66 -20.14 -1.48
CA LYS A 3 13.85 -19.43 -2.75
C LYS A 3 14.52 -18.08 -2.54
N LEU A 4 15.17 -17.57 -3.58
CA LEU A 4 15.84 -16.28 -3.49
C LEU A 4 15.19 -15.26 -4.42
N LYS A 5 14.66 -14.19 -3.84
CA LYS A 5 14.00 -13.14 -4.62
C LYS A 5 15.04 -12.31 -5.38
N TRP A 6 15.30 -12.70 -6.62
CA TRP A 6 16.26 -11.99 -7.46
C TRP A 6 15.91 -12.15 -8.93
N PHE A 7 16.50 -11.30 -9.77
CA PHE A 7 16.25 -11.34 -11.21
C PHE A 7 14.76 -11.28 -11.50
N SER A 8 14.03 -10.53 -10.70
CA SER A 8 12.58 -10.39 -10.87
C SER A 8 12.01 -9.42 -9.85
N GLY A 9 10.71 -9.14 -9.97
CA GLY A 9 10.06 -8.22 -9.06
C GLY A 9 9.38 -8.93 -7.91
N GLY A 10 8.14 -9.38 -8.14
CA GLY A 10 7.41 -10.08 -7.10
C GLY A 10 7.22 -11.55 -7.42
N LYS A 11 7.63 -12.40 -6.48
CA LYS A 11 7.51 -13.85 -6.66
C LYS A 11 6.08 -14.31 -6.36
N GLU A 12 5.25 -13.40 -5.85
CA GLU A 12 3.87 -13.72 -5.53
C GLU A 12 3.02 -12.46 -5.48
N ARG A 13 1.71 -12.63 -5.47
CA ARG A 13 0.78 -11.51 -5.42
C ARG A 13 0.72 -10.90 -4.02
N SER A 14 0.87 -11.76 -3.01
CA SER A 14 0.83 -11.32 -1.62
C SER A 14 2.02 -10.40 -1.31
N ASN A 15 3.21 -10.84 -1.70
CA ASN A 15 4.42 -10.07 -1.48
C ASN A 15 4.47 -8.85 -2.39
N GLN A 16 3.63 -8.84 -3.41
CA GLN A 16 3.57 -7.74 -4.35
C GLN A 16 3.25 -6.43 -3.64
N ALA A 17 2.06 -6.36 -3.06
CA ALA A 17 1.63 -5.16 -2.34
C ALA A 17 2.67 -4.72 -1.34
N GLU A 18 3.13 -5.65 -0.51
CA GLU A 18 4.14 -5.36 0.51
C GLU A 18 5.35 -4.67 -0.11
N ASN A 19 5.79 -5.17 -1.26
CA ASN A 19 6.93 -4.61 -1.96
C ASN A 19 6.64 -3.19 -2.44
N ILE A 20 5.43 -3.01 -2.98
CA ILE A 20 5.02 -1.71 -3.49
C ILE A 20 5.03 -0.65 -2.39
N ILE A 21 4.38 -0.96 -1.26
CA ILE A 21 4.32 -0.04 -0.14
C ILE A 21 5.71 0.44 0.25
N THR A 22 6.67 -0.49 0.24
CA THR A 22 8.05 -0.16 0.59
C THR A 22 8.59 0.97 -0.28
N ASP A 23 8.07 1.06 -1.50
CA ASP A 23 8.51 2.10 -2.43
C ASP A 23 8.21 3.49 -1.87
N LEU A 24 6.93 3.84 -1.83
CA LEU A 24 6.51 5.15 -1.32
C LEU A 24 7.16 5.43 0.03
N LEU A 25 7.16 4.44 0.90
CA LEU A 25 7.75 4.58 2.24
C LEU A 25 9.21 5.01 2.13
N ASP A 26 9.97 4.32 1.30
CA ASP A 26 11.38 4.63 1.11
C ASP A 26 11.56 6.03 0.54
N ASP A 27 10.81 6.33 -0.53
CA ASP A 27 10.89 7.64 -1.17
C ASP A 27 10.48 8.74 -0.20
N LEU A 28 9.61 8.40 0.74
CA LEU A 28 9.14 9.36 1.73
C LEU A 28 10.20 9.60 2.82
N LYS A 29 11.14 8.66 2.92
CA LYS A 29 12.20 8.76 3.91
C LYS A 29 12.84 10.14 3.89
N THR A 30 13.38 10.53 2.74
CA THR A 30 14.01 11.83 2.59
C THR A 30 12.98 12.92 2.29
N ASP A 31 11.81 12.50 1.82
CA ASP A 31 10.74 13.44 1.51
C ASP A 31 10.13 14.03 2.78
N LEU A 32 9.24 15.00 2.61
CA LEU A 32 8.59 15.65 3.74
C LEU A 32 7.09 15.83 3.47
N ASP A 33 6.54 14.98 2.62
CA ASP A 33 5.13 15.06 2.28
C ASP A 33 4.28 14.38 3.35
N ASN A 34 4.29 13.05 3.37
CA ASN A 34 3.52 12.29 4.35
C ASN A 34 4.34 12.06 5.62
N GLU A 35 4.01 12.79 6.67
CA GLU A 35 4.71 12.66 7.94
C GLU A 35 3.91 11.80 8.92
N SER A 36 2.59 11.81 8.76
CA SER A 36 1.72 11.03 9.64
C SER A 36 0.95 9.98 8.83
N LEU A 37 0.68 10.31 7.56
CA LEU A 37 -0.06 9.39 6.70
C LEU A 37 0.64 8.04 6.60
N LYS A 38 1.97 8.08 6.63
CA LYS A 38 2.76 6.86 6.55
C LYS A 38 2.29 5.83 7.58
N LYS A 39 1.70 6.31 8.66
CA LYS A 39 1.19 5.45 9.72
C LYS A 39 0.27 4.37 9.14
N VAL A 40 -0.49 4.75 8.12
CA VAL A 40 -1.43 3.82 7.49
C VAL A 40 -0.68 2.73 6.73
N LEU A 41 -0.01 3.13 5.65
CA LEU A 41 0.75 2.19 4.84
C LEU A 41 1.70 1.36 5.69
N GLU A 42 2.44 2.04 6.57
CA GLU A 42 3.38 1.36 7.46
C GLU A 42 2.67 0.30 8.30
N ASN A 43 1.72 0.74 9.11
CA ASN A 43 0.96 -0.16 9.97
C ASN A 43 0.42 -1.35 9.18
N TYR A 44 -0.44 -1.05 8.21
CA TYR A 44 -1.04 -2.08 7.38
C TYR A 44 0.03 -2.99 6.79
N LEU A 45 1.10 -2.40 6.29
CA LEU A 45 2.21 -3.16 5.70
C LEU A 45 2.74 -4.19 6.69
N GLU A 46 2.72 -3.84 7.97
CA GLU A 46 3.20 -4.74 9.01
C GLU A 46 2.19 -5.85 9.28
N GLU A 47 0.94 -5.60 8.94
CA GLU A 47 -0.13 -6.57 9.15
C GLU A 47 0.07 -7.80 8.27
N LEU A 48 0.13 -7.58 6.96
CA LEU A 48 0.31 -8.67 6.01
C LEU A 48 1.47 -9.56 6.43
N LYS A 49 2.48 -8.96 7.05
CA LYS A 49 3.65 -9.70 7.52
C LYS A 49 3.24 -10.90 8.36
N GLN A 50 2.32 -10.68 9.29
CA GLN A 50 1.84 -11.75 10.16
C GLN A 50 0.88 -12.67 9.42
N LYS A 51 0.59 -13.82 10.01
CA LYS A 51 -0.31 -14.78 9.40
C LYS A 51 -1.73 -14.59 9.92
N SER A 52 -2.00 -13.45 10.52
CA SER A 52 -3.31 -13.14 11.06
C SER A 52 -4.22 -12.57 9.98
N ALA A 53 -3.98 -11.31 9.62
CA ALA A 53 -4.79 -10.65 8.59
C ALA A 53 -4.43 -11.17 7.21
N SER A 54 -5.46 -11.39 6.39
CA SER A 54 -5.25 -11.89 5.03
C SER A 54 -4.75 -10.78 4.12
N VAL A 55 -4.11 -11.17 3.02
CA VAL A 55 -3.58 -10.21 2.06
C VAL A 55 -4.67 -9.25 1.59
N PRO A 56 -5.75 -9.82 1.02
CA PRO A 56 -6.89 -9.02 0.52
C PRO A 56 -7.69 -8.38 1.66
N LEU A 57 -7.38 -8.76 2.88
CA LEU A 57 -8.07 -8.23 4.05
C LEU A 57 -7.47 -6.87 4.46
N ILE A 58 -6.16 -6.76 4.34
CA ILE A 58 -5.46 -5.53 4.69
C ILE A 58 -5.55 -4.50 3.56
N LEU A 59 -5.18 -4.93 2.35
CA LEU A 59 -5.22 -4.06 1.19
C LEU A 59 -6.63 -3.52 0.95
N SER A 60 -7.62 -4.28 1.40
CA SER A 60 -9.02 -3.88 1.23
C SER A 60 -9.33 -2.63 2.05
N ARG A 61 -9.24 -2.77 3.38
CA ARG A 61 -9.50 -1.65 4.27
C ARG A 61 -8.47 -0.55 4.09
N MET A 62 -7.24 -0.94 3.77
CA MET A 62 -6.16 0.01 3.57
C MET A 62 -6.57 1.11 2.60
N ASN A 63 -6.96 0.70 1.39
CA ASN A 63 -7.38 1.64 0.36
C ASN A 63 -8.47 2.57 0.88
N LEU A 64 -9.39 2.01 1.66
CA LEU A 64 -10.48 2.79 2.23
C LEU A 64 -9.98 3.73 3.33
N ASP A 65 -8.83 3.38 3.90
CA ASP A 65 -8.23 4.19 4.95
C ASP A 65 -7.39 5.32 4.38
N ILE A 66 -6.59 4.99 3.37
CA ILE A 66 -5.73 5.98 2.72
C ILE A 66 -6.55 7.03 1.99
N SER A 67 -7.41 6.57 1.08
CA SER A 67 -8.25 7.47 0.31
C SER A 67 -8.96 8.46 1.21
N LYS A 68 -9.61 7.95 2.25
CA LYS A 68 -10.34 8.78 3.20
C LYS A 68 -9.38 9.70 3.97
N ALA A 69 -8.17 9.20 4.20
CA ALA A 69 -7.15 9.97 4.92
C ALA A 69 -6.67 11.15 4.08
N ILE A 70 -6.98 11.13 2.79
CA ILE A 70 -6.59 12.19 1.89
C ILE A 70 -7.21 13.52 2.29
N ARG A 71 -8.51 13.65 2.06
CA ARG A 71 -9.24 14.87 2.41
C ARG A 71 -9.09 15.19 3.88
N ASN A 72 -9.05 14.15 4.71
CA ASN A 72 -8.92 14.32 6.16
C ASN A 72 -7.69 15.16 6.48
N ASP A 73 -6.52 14.67 6.09
CA ASP A 73 -5.26 15.37 6.34
C ASP A 73 -4.95 16.34 5.21
N GLY A 74 -5.92 16.55 4.32
CA GLY A 74 -5.72 17.46 3.21
C GLY A 74 -4.44 17.17 2.45
N VAL A 75 -4.02 15.92 2.45
CA VAL A 75 -2.79 15.52 1.77
C VAL A 75 -3.05 15.29 0.28
N THR A 76 -1.99 15.32 -0.51
CA THR A 76 -2.08 15.11 -1.94
C THR A 76 -1.02 14.14 -2.45
N LEU A 77 -1.47 13.05 -3.05
CA LEU A 77 -0.55 12.05 -3.58
C LEU A 77 0.12 12.53 -4.86
N SER A 78 1.42 12.25 -4.99
CA SER A 78 2.17 12.67 -6.17
C SER A 78 1.83 11.78 -7.36
N ASP A 79 2.43 12.09 -8.50
CA ASP A 79 2.20 11.34 -9.73
C ASP A 79 2.44 9.85 -9.49
N TYR A 80 3.68 9.50 -9.17
CA TYR A 80 4.04 8.11 -8.93
C TYR A 80 3.16 7.50 -7.83
N GLN A 81 2.88 8.29 -6.81
CA GLN A 81 2.05 7.84 -5.69
C GLN A 81 0.72 7.29 -6.20
N SER A 82 -0.14 8.19 -6.68
CA SER A 82 -1.45 7.79 -7.19
C SER A 82 -1.32 6.64 -8.17
N LYS A 83 -0.22 6.61 -8.92
CA LYS A 83 0.02 5.57 -9.90
C LYS A 83 0.22 4.21 -9.22
N LYS A 84 1.06 4.20 -8.19
CA LYS A 84 1.34 2.98 -7.44
C LYS A 84 0.07 2.47 -6.74
N LEU A 85 -0.90 3.36 -6.55
CA LEU A 85 -2.14 3.01 -5.90
C LEU A 85 -2.95 2.03 -6.76
N LYS A 86 -2.88 2.20 -8.06
CA LYS A 86 -3.59 1.33 -8.99
C LYS A 86 -2.94 -0.04 -9.06
N GLU A 87 -1.79 -0.19 -8.41
CA GLU A 87 -1.07 -1.45 -8.40
C GLU A 87 -1.84 -2.50 -7.59
N LEU A 88 -1.78 -2.39 -6.27
CA LEU A 88 -2.47 -3.33 -5.39
C LEU A 88 -3.98 -3.19 -5.53
N THR A 89 -4.42 -2.21 -6.31
CA THR A 89 -5.84 -1.98 -6.53
C THR A 89 -6.50 -3.17 -7.22
N SER A 90 -5.68 -3.95 -7.94
CA SER A 90 -6.19 -5.12 -8.65
C SER A 90 -6.41 -6.29 -7.70
N ILE A 91 -5.39 -6.57 -6.89
CA ILE A 91 -5.48 -7.66 -5.92
C ILE A 91 -6.55 -7.38 -4.87
N SER A 92 -6.65 -6.13 -4.45
CA SER A 92 -7.63 -5.73 -3.45
C SER A 92 -9.04 -5.75 -4.03
N ASN A 93 -10.03 -5.69 -3.15
CA ASN A 93 -11.43 -5.71 -3.57
C ASN A 93 -11.86 -4.34 -4.08
N ILE A 94 -11.20 -3.30 -3.59
CA ILE A 94 -11.51 -1.93 -4.00
C ILE A 94 -10.87 -1.60 -5.34
N ARG A 95 -11.35 -2.25 -6.40
CA ARG A 95 -10.83 -2.03 -7.74
C ARG A 95 -11.19 -0.63 -8.24
N TYR A 96 -12.42 -0.21 -7.97
CA TYR A 96 -12.89 1.11 -8.38
C TYR A 96 -12.28 2.21 -7.51
N GLY A 97 -12.49 3.45 -7.91
CA GLY A 97 -11.96 4.57 -7.16
C GLY A 97 -11.51 5.72 -8.06
N TYR A 98 -12.28 5.97 -9.10
CA TYR A 98 -11.95 7.04 -10.04
C TYR A 98 -12.72 8.32 -9.70
N MET A 1 24.46 -18.98 6.61
CA MET A 1 23.76 -19.98 7.39
C MET A 1 23.46 -19.48 8.80
N GLY A 2 22.81 -20.31 9.61
CA GLY A 2 22.48 -19.93 10.97
C GLY A 2 21.03 -19.53 11.11
N LYS A 3 20.80 -18.33 11.63
CA LYS A 3 19.44 -17.83 11.83
C LYS A 3 19.00 -16.98 10.64
N LEU A 4 18.58 -17.63 9.57
CA LEU A 4 18.12 -16.94 8.37
C LEU A 4 16.60 -16.88 8.32
N LYS A 5 16.07 -15.66 8.34
CA LYS A 5 14.62 -15.46 8.29
C LYS A 5 14.21 -14.71 7.02
N TRP A 6 15.20 -14.40 6.18
CA TRP A 6 14.94 -13.69 4.93
C TRP A 6 14.56 -14.66 3.82
N PHE A 7 13.87 -14.14 2.81
CA PHE A 7 13.45 -14.96 1.68
C PHE A 7 13.39 -14.15 0.40
N SER A 8 13.66 -14.79 -0.73
CA SER A 8 13.64 -14.12 -2.02
C SER A 8 12.26 -13.57 -2.32
N GLY A 9 12.14 -12.24 -2.26
CA GLY A 9 10.86 -11.61 -2.53
C GLY A 9 10.55 -11.53 -4.01
N GLY A 10 9.41 -12.10 -4.40
CA GLY A 10 9.02 -12.09 -5.79
C GLY A 10 8.13 -13.26 -6.16
N LYS A 11 7.68 -13.29 -7.41
CA LYS A 11 6.81 -14.37 -7.89
C LYS A 11 5.70 -14.65 -6.88
N GLU A 12 5.11 -13.58 -6.36
CA GLU A 12 4.03 -13.72 -5.38
C GLU A 12 3.18 -12.45 -5.33
N ARG A 13 1.86 -12.62 -5.43
CA ARG A 13 0.94 -11.50 -5.40
C ARG A 13 0.87 -10.89 -4.01
N SER A 14 0.89 -11.74 -2.98
CA SER A 14 0.83 -11.28 -1.61
C SER A 14 2.07 -10.47 -1.24
N ASN A 15 3.24 -10.98 -1.65
CA ASN A 15 4.50 -10.30 -1.37
C ASN A 15 4.67 -9.07 -2.25
N GLN A 16 3.99 -9.08 -3.40
CA GLN A 16 4.06 -7.96 -4.33
C GLN A 16 3.62 -6.67 -3.68
N ALA A 17 2.43 -6.68 -3.08
CA ALA A 17 1.88 -5.51 -2.41
C ALA A 17 2.86 -4.94 -1.40
N GLU A 18 3.40 -5.82 -0.55
CA GLU A 18 4.35 -5.41 0.47
C GLU A 18 5.52 -4.64 -0.16
N ASN A 19 5.99 -5.12 -1.30
CA ASN A 19 7.10 -4.48 -2.00
C ASN A 19 6.69 -3.11 -2.51
N ILE A 20 5.47 -3.00 -3.00
CA ILE A 20 4.97 -1.73 -3.52
C ILE A 20 4.94 -0.66 -2.43
N ILE A 21 4.30 -0.97 -1.31
CA ILE A 21 4.21 -0.03 -0.20
C ILE A 21 5.58 0.50 0.18
N THR A 22 6.57 -0.39 0.19
CA THR A 22 7.94 0.00 0.54
C THR A 22 8.45 1.12 -0.37
N ASP A 23 7.94 1.15 -1.60
CA ASP A 23 8.34 2.17 -2.56
C ASP A 23 7.99 3.57 -2.05
N LEU A 24 6.70 3.88 -2.03
CA LEU A 24 6.23 5.18 -1.57
C LEU A 24 6.86 5.54 -0.23
N LEU A 25 6.97 4.54 0.65
CA LEU A 25 7.56 4.76 1.97
C LEU A 25 8.95 5.36 1.85
N ASP A 26 9.76 4.82 0.96
CA ASP A 26 11.12 5.30 0.75
C ASP A 26 11.10 6.75 0.26
N ASP A 27 10.26 7.03 -0.73
CA ASP A 27 10.15 8.37 -1.28
C ASP A 27 9.71 9.37 -0.20
N LEU A 28 8.67 9.02 0.53
CA LEU A 28 8.15 9.87 1.58
C LEU A 28 9.13 9.97 2.75
N LYS A 29 9.99 8.97 2.86
CA LYS A 29 10.99 8.94 3.93
C LYS A 29 11.73 10.27 4.02
N THR A 30 12.20 10.77 2.88
CA THR A 30 12.92 12.03 2.83
C THR A 30 11.97 13.19 2.54
N ASP A 31 11.03 13.43 3.45
CA ASP A 31 10.06 14.51 3.28
C ASP A 31 9.33 14.78 4.60
N LEU A 32 8.59 15.88 4.63
CA LEU A 32 7.83 16.25 5.83
C LEU A 32 6.40 16.65 5.47
N ASP A 33 5.93 16.17 4.33
CA ASP A 33 4.58 16.48 3.87
C ASP A 33 3.59 15.45 4.41
N ASN A 34 3.98 14.19 4.39
CA ASN A 34 3.13 13.11 4.87
C ASN A 34 3.90 12.17 5.80
N GLU A 35 4.42 12.73 6.88
CA GLU A 35 5.18 11.95 7.85
C GLU A 35 4.27 11.01 8.63
N SER A 36 3.31 11.58 9.35
CA SER A 36 2.37 10.80 10.14
C SER A 36 1.56 9.86 9.25
N LEU A 37 1.36 10.27 8.00
CA LEU A 37 0.59 9.47 7.06
C LEU A 37 1.21 8.08 6.90
N LYS A 38 2.54 8.03 6.92
CA LYS A 38 3.27 6.76 6.77
C LYS A 38 2.73 5.73 7.76
N LYS A 39 2.20 6.20 8.88
CA LYS A 39 1.65 5.32 9.90
C LYS A 39 0.67 4.33 9.30
N VAL A 40 -0.08 4.78 8.30
CA VAL A 40 -1.07 3.92 7.64
C VAL A 40 -0.38 2.83 6.82
N LEU A 41 0.33 3.24 5.78
CA LEU A 41 1.04 2.30 4.92
C LEU A 41 1.90 1.34 5.74
N GLU A 42 2.68 1.91 6.66
CA GLU A 42 3.55 1.11 7.51
C GLU A 42 2.73 0.09 8.31
N ASN A 43 1.77 0.58 9.07
CA ASN A 43 0.93 -0.30 9.88
C ASN A 43 0.33 -1.42 9.04
N TYR A 44 -0.51 -1.04 8.08
CA TYR A 44 -1.15 -2.02 7.20
C TYR A 44 -0.11 -2.96 6.59
N LEU A 45 1.01 -2.40 6.17
CA LEU A 45 2.08 -3.19 5.57
C LEU A 45 2.54 -4.30 6.51
N GLU A 46 2.73 -3.94 7.78
CA GLU A 46 3.17 -4.91 8.78
C GLU A 46 2.16 -6.05 8.91
N GLU A 47 0.89 -5.73 8.72
CA GLU A 47 -0.18 -6.73 8.82
C GLU A 47 0.06 -7.87 7.84
N LEU A 48 0.58 -7.54 6.66
CA LEU A 48 0.86 -8.55 5.64
C LEU A 48 1.78 -9.63 6.18
N LYS A 49 2.66 -9.25 7.11
CA LYS A 49 3.61 -10.19 7.70
C LYS A 49 2.91 -11.06 8.74
N GLN A 50 1.84 -10.54 9.33
CA GLN A 50 1.08 -11.27 10.34
C GLN A 50 0.20 -12.33 9.70
N LYS A 51 -0.13 -13.37 10.47
CA LYS A 51 -0.96 -14.46 9.98
C LYS A 51 -2.41 -14.27 10.41
N SER A 52 -2.72 -13.08 10.92
CA SER A 52 -4.07 -12.77 11.37
C SER A 52 -4.93 -12.29 10.21
N ALA A 53 -4.71 -11.05 9.78
CA ALA A 53 -5.46 -10.48 8.68
C ALA A 53 -5.02 -11.07 7.34
N SER A 54 -5.98 -11.27 6.45
CA SER A 54 -5.70 -11.84 5.13
C SER A 54 -5.05 -10.80 4.22
N VAL A 55 -4.34 -11.28 3.19
CA VAL A 55 -3.67 -10.39 2.26
C VAL A 55 -4.63 -9.35 1.70
N PRO A 56 -5.73 -9.82 1.09
CA PRO A 56 -6.75 -8.94 0.51
C PRO A 56 -7.54 -8.19 1.57
N LEU A 57 -7.54 -8.72 2.79
CA LEU A 57 -8.26 -8.10 3.90
C LEU A 57 -7.52 -6.87 4.41
N ILE A 58 -6.23 -6.81 4.14
CA ILE A 58 -5.40 -5.68 4.56
C ILE A 58 -5.21 -4.68 3.43
N LEU A 59 -5.04 -5.19 2.21
CA LEU A 59 -4.85 -4.35 1.04
C LEU A 59 -6.04 -3.42 0.85
N SER A 60 -7.22 -4.01 0.67
CA SER A 60 -8.44 -3.25 0.47
C SER A 60 -8.68 -2.27 1.62
N ARG A 61 -8.39 -2.74 2.83
CA ARG A 61 -8.57 -1.92 4.03
C ARG A 61 -7.63 -0.72 4.01
N MET A 62 -6.35 -0.98 3.77
CA MET A 62 -5.35 0.07 3.72
C MET A 62 -5.78 1.19 2.77
N ASN A 63 -6.14 0.81 1.54
CA ASN A 63 -6.57 1.78 0.54
C ASN A 63 -7.69 2.67 1.08
N LEU A 64 -8.62 2.06 1.81
CA LEU A 64 -9.74 2.79 2.38
C LEU A 64 -9.25 3.81 3.41
N ASP A 65 -8.08 3.56 3.96
CA ASP A 65 -7.49 4.46 4.96
C ASP A 65 -6.62 5.51 4.30
N ILE A 66 -5.85 5.10 3.30
CA ILE A 66 -4.97 6.01 2.59
C ILE A 66 -5.77 7.10 1.87
N SER A 67 -6.68 6.68 1.00
CA SER A 67 -7.51 7.61 0.25
C SER A 67 -8.20 8.60 1.18
N LYS A 68 -8.55 8.13 2.38
CA LYS A 68 -9.23 8.97 3.36
C LYS A 68 -8.25 9.98 3.96
N ALA A 69 -7.04 9.52 4.27
CA ALA A 69 -6.02 10.39 4.85
C ALA A 69 -5.74 11.58 3.94
N ILE A 70 -6.08 11.44 2.66
CA ILE A 70 -5.87 12.51 1.69
C ILE A 70 -6.72 13.73 2.02
N ARG A 71 -8.03 13.60 1.82
CA ARG A 71 -8.95 14.69 2.09
C ARG A 71 -8.90 15.09 3.57
N ASN A 72 -8.95 14.10 4.45
CA ASN A 72 -8.91 14.35 5.89
C ASN A 72 -7.69 15.18 6.26
N ASP A 73 -6.53 14.54 6.28
CA ASP A 73 -5.28 15.22 6.62
C ASP A 73 -5.08 16.45 5.74
N GLY A 74 -5.11 16.25 4.43
CA GLY A 74 -4.94 17.35 3.50
C GLY A 74 -3.66 17.23 2.69
N VAL A 75 -3.17 16.00 2.54
CA VAL A 75 -1.95 15.76 1.78
C VAL A 75 -2.23 15.77 0.28
N THR A 76 -1.22 15.40 -0.50
CA THR A 76 -1.34 15.36 -1.95
C THR A 76 -0.52 14.23 -2.56
N LEU A 77 -1.15 13.42 -3.39
CA LEU A 77 -0.48 12.30 -4.04
C LEU A 77 0.32 12.78 -5.24
N SER A 78 0.63 11.84 -6.14
CA SER A 78 1.40 12.17 -7.34
C SER A 78 1.20 11.09 -8.42
N ASP A 79 1.87 11.26 -9.54
CA ASP A 79 1.78 10.31 -10.65
C ASP A 79 2.04 8.89 -10.15
N TYR A 80 3.31 8.59 -9.88
CA TYR A 80 3.69 7.26 -9.41
C TYR A 80 2.84 6.85 -8.22
N GLN A 81 2.51 7.81 -7.36
CA GLN A 81 1.70 7.54 -6.18
C GLN A 81 0.33 6.98 -6.57
N SER A 82 -0.52 7.84 -7.11
CA SER A 82 -1.86 7.44 -7.52
C SER A 82 -1.81 6.19 -8.39
N LYS A 83 -0.76 6.07 -9.20
CA LYS A 83 -0.58 4.93 -10.08
C LYS A 83 -0.36 3.66 -9.28
N LYS A 84 0.63 3.69 -8.39
CA LYS A 84 0.95 2.54 -7.55
C LYS A 84 -0.27 2.12 -6.72
N LEU A 85 -1.21 3.04 -6.54
CA LEU A 85 -2.41 2.76 -5.77
C LEU A 85 -3.29 1.73 -6.48
N LYS A 86 -3.31 1.80 -7.81
CA LYS A 86 -4.09 0.87 -8.61
C LYS A 86 -3.49 -0.53 -8.59
N GLU A 87 -2.29 -0.64 -8.02
CA GLU A 87 -1.60 -1.91 -7.93
C GLU A 87 -2.43 -2.93 -7.15
N LEU A 88 -2.40 -2.81 -5.83
CA LEU A 88 -3.16 -3.72 -4.97
C LEU A 88 -4.66 -3.57 -5.20
N THR A 89 -5.04 -2.55 -5.97
CA THR A 89 -6.44 -2.30 -6.26
C THR A 89 -7.04 -3.42 -7.10
N SER A 90 -6.41 -3.70 -8.24
CA SER A 90 -6.89 -4.74 -9.14
C SER A 90 -6.53 -6.12 -8.59
N ILE A 91 -5.48 -6.18 -7.77
CA ILE A 91 -5.04 -7.43 -7.19
C ILE A 91 -6.04 -7.94 -6.14
N SER A 92 -6.79 -7.01 -5.55
CA SER A 92 -7.78 -7.35 -4.54
C SER A 92 -8.97 -8.08 -5.17
N ASN A 93 -9.31 -9.23 -4.61
CA ASN A 93 -10.43 -10.03 -5.12
C ASN A 93 -11.75 -9.53 -4.54
N ILE A 94 -12.23 -8.41 -5.07
CA ILE A 94 -13.49 -7.83 -4.62
C ILE A 94 -14.68 -8.46 -5.34
N ARG A 95 -14.84 -9.77 -5.16
CA ARG A 95 -15.94 -10.49 -5.80
C ARG A 95 -17.04 -10.81 -4.78
N TYR A 96 -16.63 -11.04 -3.54
CA TYR A 96 -17.58 -11.36 -2.48
C TYR A 96 -18.49 -10.17 -2.18
N GLY A 97 -19.57 -10.42 -1.44
CA GLY A 97 -20.49 -9.36 -1.10
C GLY A 97 -20.17 -8.73 0.24
N TYR A 98 -18.90 -8.53 0.51
CA TYR A 98 -18.45 -7.93 1.77
C TYR A 98 -18.11 -6.46 1.57
N MET A 1 17.55 -19.51 -14.96
CA MET A 1 16.72 -18.58 -14.18
C MET A 1 16.80 -18.89 -12.69
N GLY A 2 17.04 -17.86 -11.89
CA GLY A 2 17.14 -18.04 -10.45
C GLY A 2 16.46 -16.93 -9.69
N LYS A 3 15.20 -17.15 -9.32
CA LYS A 3 14.44 -16.15 -8.56
C LYS A 3 14.42 -14.81 -9.30
N LEU A 4 14.24 -14.87 -10.62
CA LEU A 4 14.20 -13.67 -11.43
C LEU A 4 12.86 -12.95 -11.29
N LYS A 5 12.84 -11.67 -11.64
CA LYS A 5 11.62 -10.88 -11.56
C LYS A 5 11.15 -10.45 -12.95
N TRP A 6 9.90 -10.78 -13.28
CA TRP A 6 9.33 -10.43 -14.57
C TRP A 6 8.89 -8.97 -14.60
N PHE A 7 8.26 -8.57 -15.69
CA PHE A 7 7.80 -7.19 -15.84
C PHE A 7 6.46 -7.00 -15.15
N SER A 8 5.48 -7.84 -15.49
CA SER A 8 4.16 -7.75 -14.91
C SER A 8 4.18 -8.12 -13.43
N GLY A 9 4.97 -9.14 -13.09
CA GLY A 9 5.08 -9.58 -11.72
C GLY A 9 4.86 -11.07 -11.56
N GLY A 10 5.71 -11.71 -10.76
CA GLY A 10 5.59 -13.14 -10.55
C GLY A 10 4.24 -13.53 -9.95
N LYS A 11 4.11 -14.80 -9.59
CA LYS A 11 2.87 -15.29 -9.01
C LYS A 11 2.70 -14.80 -7.58
N GLU A 12 3.79 -14.31 -7.00
CA GLU A 12 3.76 -13.80 -5.64
C GLU A 12 3.01 -12.47 -5.56
N ARG A 13 1.69 -12.55 -5.52
CA ARG A 13 0.85 -11.35 -5.45
C ARG A 13 0.83 -10.79 -4.04
N SER A 14 0.85 -11.68 -3.05
CA SER A 14 0.82 -11.28 -1.65
C SER A 14 2.09 -10.49 -1.29
N ASN A 15 3.23 -11.03 -1.68
CA ASN A 15 4.51 -10.38 -1.40
C ASN A 15 4.70 -9.13 -2.25
N GLN A 16 3.97 -9.08 -3.36
CA GLN A 16 4.05 -7.94 -4.27
C GLN A 16 3.67 -6.65 -3.56
N ALA A 17 2.46 -6.60 -3.02
CA ALA A 17 1.98 -5.43 -2.31
C ALA A 17 2.97 -4.98 -1.25
N GLU A 18 3.49 -5.95 -0.49
CA GLU A 18 4.46 -5.66 0.57
C GLU A 18 5.61 -4.82 0.03
N ASN A 19 6.18 -5.26 -1.09
CA ASN A 19 7.30 -4.55 -1.71
C ASN A 19 6.86 -3.18 -2.21
N ILE A 20 5.66 -3.11 -2.77
CA ILE A 20 5.13 -1.86 -3.28
C ILE A 20 5.04 -0.80 -2.18
N ILE A 21 4.33 -1.14 -1.12
CA ILE A 21 4.16 -0.23 0.01
C ILE A 21 5.51 0.32 0.48
N THR A 22 6.49 -0.57 0.57
CA THR A 22 7.83 -0.17 1.00
C THR A 22 8.42 0.89 0.08
N ASP A 23 8.01 0.87 -1.18
CA ASP A 23 8.50 1.84 -2.15
C ASP A 23 8.15 3.26 -1.73
N LEU A 24 6.86 3.58 -1.76
CA LEU A 24 6.39 4.90 -1.38
C LEU A 24 7.01 5.33 -0.05
N LEU A 25 7.21 4.37 0.85
CA LEU A 25 7.79 4.66 2.16
C LEU A 25 9.14 5.35 2.02
N ASP A 26 10.03 4.74 1.24
CA ASP A 26 11.36 5.31 1.01
C ASP A 26 11.26 6.67 0.33
N ASP A 27 10.38 6.78 -0.65
CA ASP A 27 10.19 8.02 -1.38
C ASP A 27 9.75 9.15 -0.44
N LEU A 28 8.75 8.85 0.40
CA LEU A 28 8.23 9.82 1.35
C LEU A 28 9.26 10.12 2.44
N LYS A 29 10.15 9.16 2.67
CA LYS A 29 11.19 9.32 3.68
C LYS A 29 11.88 10.68 3.56
N THR A 30 12.30 11.01 2.35
CA THR A 30 12.98 12.28 2.09
C THR A 30 11.99 13.35 1.65
N ASP A 31 11.05 13.68 2.53
CA ASP A 31 10.05 14.70 2.23
C ASP A 31 9.33 15.14 3.51
N LEU A 32 8.72 16.32 3.46
CA LEU A 32 8.01 16.86 4.61
C LEU A 32 6.51 16.66 4.45
N ASP A 33 6.10 16.14 3.30
CA ASP A 33 4.68 15.89 3.03
C ASP A 33 4.23 14.58 3.67
N ASN A 34 2.92 14.41 3.76
CA ASN A 34 2.34 13.20 4.36
C ASN A 34 2.84 13.03 5.79
N GLU A 35 2.30 13.85 6.70
CA GLU A 35 2.69 13.78 8.11
C GLU A 35 1.88 12.72 8.84
N SER A 36 2.57 11.73 9.40
CA SER A 36 1.92 10.64 10.12
C SER A 36 1.17 9.73 9.17
N LEU A 37 1.26 10.02 7.88
CA LEU A 37 0.59 9.22 6.86
C LEU A 37 1.24 7.85 6.72
N LYS A 38 2.57 7.82 6.71
CA LYS A 38 3.31 6.58 6.60
C LYS A 38 2.83 5.56 7.64
N LYS A 39 2.36 6.06 8.77
CA LYS A 39 1.87 5.19 9.84
C LYS A 39 0.84 4.20 9.31
N VAL A 40 0.02 4.64 8.35
CA VAL A 40 -0.99 3.79 7.76
C VAL A 40 -0.37 2.70 6.90
N LEU A 41 0.52 3.11 5.99
CA LEU A 41 1.18 2.17 5.10
C LEU A 41 2.02 1.16 5.90
N GLU A 42 2.88 1.68 6.77
CA GLU A 42 3.74 0.83 7.59
C GLU A 42 2.91 -0.15 8.41
N ASN A 43 1.97 0.39 9.19
CA ASN A 43 1.11 -0.44 10.01
C ASN A 43 0.46 -1.55 9.20
N TYR A 44 -0.41 -1.17 8.26
CA TYR A 44 -1.10 -2.13 7.41
C TYR A 44 -0.10 -3.09 6.77
N LEU A 45 1.02 -2.55 6.32
CA LEU A 45 2.05 -3.37 5.68
C LEU A 45 2.51 -4.50 6.59
N GLU A 46 2.66 -4.18 7.88
CA GLU A 46 3.08 -5.17 8.87
C GLU A 46 2.09 -6.33 8.93
N GLU A 47 0.82 -6.03 8.68
CA GLU A 47 -0.22 -7.05 8.71
C GLU A 47 0.07 -8.16 7.71
N LEU A 48 0.64 -7.78 6.57
CA LEU A 48 0.97 -8.75 5.53
C LEU A 48 1.93 -9.81 6.05
N LYS A 49 2.78 -9.42 6.99
CA LYS A 49 3.74 -10.35 7.58
C LYS A 49 3.06 -11.30 8.56
N GLN A 50 1.98 -10.84 9.17
CA GLN A 50 1.23 -11.65 10.13
C GLN A 50 0.34 -12.66 9.41
N LYS A 51 0.05 -13.76 10.09
CA LYS A 51 -0.79 -14.81 9.52
C LYS A 51 -2.24 -14.64 9.96
N SER A 52 -2.55 -13.50 10.56
CA SER A 52 -3.90 -13.22 11.03
C SER A 52 -4.76 -12.64 9.91
N ALA A 53 -4.52 -11.37 9.59
CA ALA A 53 -5.26 -10.71 8.53
C ALA A 53 -4.82 -11.19 7.14
N SER A 54 -5.80 -11.40 6.27
CA SER A 54 -5.51 -11.87 4.91
C SER A 54 -4.93 -10.74 4.06
N VAL A 55 -4.23 -11.12 2.99
CA VAL A 55 -3.63 -10.13 2.09
C VAL A 55 -4.66 -9.12 1.62
N PRO A 56 -5.75 -9.61 1.00
CA PRO A 56 -6.83 -8.77 0.49
C PRO A 56 -7.64 -8.14 1.61
N LEU A 57 -7.45 -8.63 2.82
CA LEU A 57 -8.16 -8.11 3.98
C LEU A 57 -7.54 -6.82 4.49
N ILE A 58 -6.24 -6.66 4.22
CA ILE A 58 -5.52 -5.46 4.65
C ILE A 58 -5.50 -4.42 3.55
N LEU A 59 -5.32 -4.86 2.31
CA LEU A 59 -5.28 -3.96 1.17
C LEU A 59 -6.58 -3.15 1.06
N SER A 60 -7.69 -3.80 1.40
CA SER A 60 -8.99 -3.14 1.34
C SER A 60 -9.07 -2.00 2.36
N ARG A 61 -8.71 -2.29 3.60
CA ARG A 61 -8.73 -1.29 4.66
C ARG A 61 -7.68 -0.21 4.42
N MET A 62 -6.53 -0.62 3.90
CA MET A 62 -5.44 0.32 3.62
C MET A 62 -5.94 1.48 2.76
N ASN A 63 -6.42 1.16 1.57
CA ASN A 63 -6.93 2.18 0.65
C ASN A 63 -7.99 3.05 1.34
N LEU A 64 -8.87 2.39 2.09
CA LEU A 64 -9.94 3.10 2.80
C LEU A 64 -9.37 4.05 3.83
N ASP A 65 -8.12 3.83 4.22
CA ASP A 65 -7.45 4.67 5.21
C ASP A 65 -6.62 5.75 4.52
N ILE A 66 -5.90 5.35 3.47
CA ILE A 66 -5.05 6.28 2.74
C ILE A 66 -5.89 7.32 2.01
N SER A 67 -6.75 6.87 1.11
CA SER A 67 -7.62 7.76 0.36
C SER A 67 -8.33 8.75 1.28
N LYS A 68 -8.96 8.22 2.32
CA LYS A 68 -9.69 9.04 3.28
C LYS A 68 -8.73 9.97 4.02
N ALA A 69 -7.50 9.51 4.23
CA ALA A 69 -6.49 10.31 4.91
C ALA A 69 -6.10 11.53 4.09
N ILE A 70 -6.35 11.47 2.78
CA ILE A 70 -6.02 12.56 1.89
C ILE A 70 -6.81 13.82 2.25
N ARG A 71 -8.12 13.77 2.01
CA ARG A 71 -8.98 14.91 2.31
C ARG A 71 -8.90 15.29 3.78
N ASN A 72 -9.10 14.30 4.65
CA ASN A 72 -9.05 14.52 6.10
C ASN A 72 -7.77 15.25 6.48
N ASP A 73 -6.67 14.50 6.53
CA ASP A 73 -5.37 15.07 6.89
C ASP A 73 -5.06 16.30 6.04
N GLY A 74 -5.00 16.11 4.73
CA GLY A 74 -4.72 17.22 3.84
C GLY A 74 -3.43 17.02 3.06
N VAL A 75 -3.10 15.77 2.78
CA VAL A 75 -1.88 15.43 2.04
C VAL A 75 -2.13 15.48 0.54
N THR A 76 -1.13 15.08 -0.23
CA THR A 76 -1.22 15.07 -1.68
C THR A 76 -0.38 13.96 -2.29
N LEU A 77 -0.99 13.18 -3.18
CA LEU A 77 -0.30 12.08 -3.83
C LEU A 77 0.58 12.58 -4.97
N SER A 78 0.94 11.68 -5.88
CA SER A 78 1.78 12.04 -7.02
C SER A 78 1.63 11.02 -8.14
N ASP A 79 2.37 11.23 -9.23
CA ASP A 79 2.33 10.33 -10.38
C ASP A 79 2.53 8.88 -9.94
N TYR A 80 3.77 8.55 -9.60
CA TYR A 80 4.10 7.19 -9.18
C TYR A 80 3.19 6.74 -8.04
N GLN A 81 2.85 7.67 -7.15
CA GLN A 81 1.98 7.37 -6.02
C GLN A 81 0.63 6.85 -6.50
N SER A 82 -0.19 7.75 -7.03
CA SER A 82 -1.52 7.38 -7.52
C SER A 82 -1.43 6.17 -8.44
N LYS A 83 -0.35 6.09 -9.20
CA LYS A 83 -0.15 4.98 -10.13
C LYS A 83 0.02 3.67 -9.38
N LYS A 84 0.89 3.67 -8.38
CA LYS A 84 1.14 2.47 -7.58
C LYS A 84 -0.12 2.04 -6.84
N LEU A 85 -1.05 2.97 -6.68
CA LEU A 85 -2.31 2.69 -5.99
C LEU A 85 -3.17 1.73 -6.80
N LYS A 86 -3.14 1.89 -8.12
CA LYS A 86 -3.93 1.04 -9.02
C LYS A 86 -3.34 -0.37 -9.08
N GLU A 87 -2.17 -0.54 -8.48
CA GLU A 87 -1.51 -1.84 -8.46
C GLU A 87 -2.32 -2.85 -7.65
N LEU A 88 -2.20 -2.76 -6.32
CA LEU A 88 -2.92 -3.66 -5.44
C LEU A 88 -4.42 -3.48 -5.57
N THR A 89 -4.83 -2.45 -6.30
CA THR A 89 -6.24 -2.17 -6.51
C THR A 89 -6.91 -3.27 -7.33
N SER A 90 -6.26 -3.69 -8.40
CA SER A 90 -6.79 -4.74 -9.26
C SER A 90 -6.61 -6.12 -8.61
N ILE A 91 -5.60 -6.23 -7.75
CA ILE A 91 -5.32 -7.49 -7.07
C ILE A 91 -6.41 -7.81 -6.06
N SER A 92 -7.00 -6.77 -5.46
CA SER A 92 -8.05 -6.94 -4.47
C SER A 92 -9.34 -7.42 -5.13
N ASN A 93 -9.57 -8.73 -5.08
CA ASN A 93 -10.76 -9.33 -5.66
C ASN A 93 -11.98 -9.09 -4.78
N ILE A 94 -12.53 -7.88 -4.85
CA ILE A 94 -13.70 -7.52 -4.07
C ILE A 94 -14.99 -7.96 -4.75
N ARG A 95 -15.12 -9.27 -4.98
CA ARG A 95 -16.30 -9.82 -5.63
C ARG A 95 -17.47 -9.88 -4.65
N TYR A 96 -17.29 -10.61 -3.56
CA TYR A 96 -18.33 -10.75 -2.55
C TYR A 96 -18.76 -9.39 -2.02
N GLY A 97 -19.71 -9.40 -1.08
CA GLY A 97 -20.20 -8.17 -0.50
C GLY A 97 -19.07 -7.29 0.01
N TYR A 98 -17.96 -7.90 0.40
CA TYR A 98 -16.82 -7.18 0.93
C TYR A 98 -15.60 -7.37 0.04
#